data_6GTG
#
_entry.id   6GTG
#
_cell.length_a   1.0
_cell.length_b   1.0
_cell.length_c   1.0
_cell.angle_alpha   90.000
_cell.angle_beta   90.000
_cell.angle_gamma   90.000
#
_symmetry.space_group_name_H-M   'P 1'
#
loop_
_entity.id
_entity.type
_entity.pdbx_description
1 polymer 'CRISPR-associated endonuclease Cas12a'
2 polymer 'RNA (40-MER)'
3 polymer 'DNA (32-MER)'
4 polymer "DNA (5'-D(P*CP*GP*AP*GP*CP*TP*CP*GP*TP*TP*AP*GP*AP*GP*AP*AP*GP*T)-3')"
5 non-polymer 'MAGNESIUM ION'
6 water water
#
loop_
_entity_poly.entity_id
_entity_poly.type
_entity_poly.pdbx_seq_one_letter_code
_entity_poly.pdbx_strand_id
1 'polypeptide(L)'
;MSIYQEFVNKYSLSKTLRFELIPQGKTLENIKARGLILDDEKRAKDYKKAKQIIDKYHQFFIEEILSSVCISEDLLQNYS
DVYFKLKKSDDDNLQKDFKSAKDTIKKQISEYIKDSEKFKNLFNQNLIDAKKGQESDLILWLKQSKDNGIELFKANSDIT
DIDEALEIIKSFKGWTTYFKGFHENRKNVYSSNDIPTSIIYRIVDDNLPKFLENKAKYESLKDKAPEAINYEQIKKDLAE
ELTFDIDYKTSEVNQRVFSLDEVFEIANFNNYLNQSGITKFNTIIGGKFVNGENTKRKGINEYINLYSQQINDKTLKKYK
MSVLFKQILSDTESKSFVIDKLEDDSDVVTTMQSFYEQIAAFKTVEEKSIKETLSLLFDDLKAQKLDLSKIYFKNDKSLT
DLSQQVFDDYSVIGTAVLEYITQQIAPKNLDNPSKKEQELIAKKTEKAKYLSLETIKLALEEFNKHRDIDKQCRFEEILA
NFAAIPMIFDEIAQNKDNLAQISIKYQNQGKKDLLQASAEDDVKAIKDLLDQTNNLLHKLKIFHISQSEDKANILDKDEH
FYLVFEECYFELANIVPLYNKIRNYITQKPYSDEKFKLNFENSTLANGWDKNKEPDNTAILFIKDDKYYLGVMNKKNNKI
FDDKAIKENKGEGYKKIVYKLLPGANKMLPKVFFSAKSIKFYNPSEDILRIRNHSTHTKNGSPQKGYEKFEFNIEDCRKF
IDFYKQSISKHPEWKDFGFRFSDTQRYNSIDEFYREVENQGYKLTFENISESYIDSVVNQGKLYLFQIYNKDFSAYSKGR
PNLHTLYWKALFDERNLQDVVYKLNGEAELFYRKQSIPKKITHPAKEAIANKNKDNPKKESVFEYDLIKDKRFTEDKFFF
HCPITINFKSSGANKFNDEINLLLKEKANDVHILSIDRGERHLAYYTLVDGKGNIIKQDTFNIIGNDRMKTNYHDKLAAI
EKDRDSARKDWKKINNIKEMKEGYLSQVVHEIAKLVIEYNAIVVFQDLNFGFKRGRFKVEKQVYQKLEKMLIEKLNYLVF
KDNEFDKTGGVLRAYQLTAPFETFKKMGKQTGIIYYVPAGFTSKICPVTGFVNQLYPKYESVSKSQEFFSKFDKICYNLD
KGYFEFSFDYKNFGDKAAKGKWTIASFGSRLINFRNSDKNHNWDTREVYPTKELEKLLKDYSIEYGHGECIKAAICGESD
KKFFAKLTSVLNTILQMRNSKTGTELDYLISPVADVNGNFFDSRQAPKNMPQDADANGAYHIGLKGLMLLGRIKNNQEGK
KLNLVIKNEEYFEFVQNRNNGSEFELENLYFQGELRRQASALEHHHHHH
;
A
2 'polyribonucleotide' AAUUUCUACUGUUGUAGAUGAGAAGUCAUUUAAUAAGGCCACU B
3 'polydeoxyribonucleotide'
;(DA)(DT)(DT)(DG)(DC)(DT)(DT)(DG)(DC)(DT)(DC)(DG)(DA)(DT)(DG)(DC)(DA)(DT)(DG)(DC)
(DA)(DG)(DT)(DG)(DG)(DC)(DC)(DT)(DT)(DA)(DT)(DT)(DA)(DA)(DA)(DT)(DG)(DA)(DC)(DT)
(DT)(DC)(DT)(DC)(DT)(DA)(DA)(DC)(DG)(DA)(DG)(DC)(DT)(DC)(DG)
;
C
4 'polydeoxyribonucleotide'
;(DC)(DG)(DA)(DG)(DC)(DT)(DC)(DG)(DT)(DT)(DA)(DG)(DA)(DG)(DA)(DA)(DG)(DT)(DC)(DA)
(DT)(DT)(DT)(DA)(DA)(DT)(DA)(DA)(DG)(DG)(DC)(DC)(DA)(DC)(DT)(DG)(DC)(DA)(DT)(DG)
(DC)(DA)(DT)(DC)(DG)(DA)(DG)(DC)(DA)(DA)(DG)(DC)(DA)(DA)(DT)
;
D
#
# COMPACT_ATOMS: atom_id res chain seq x y z
N ILE A 3 34.19 -11.55 10.17
CA ILE A 3 33.14 -11.21 9.22
C ILE A 3 31.90 -12.08 9.46
N TYR A 4 31.01 -12.15 8.49
CA TYR A 4 29.74 -12.85 8.67
C TYR A 4 29.86 -14.30 8.21
N GLN A 5 30.90 -15.01 8.61
CA GLN A 5 31.22 -16.29 7.98
C GLN A 5 30.86 -17.51 8.80
N GLU A 6 30.67 -17.36 10.11
CA GLU A 6 30.11 -18.41 10.94
C GLU A 6 28.59 -18.28 11.04
N PHE A 7 27.96 -17.65 10.08
CA PHE A 7 26.58 -17.24 10.26
C PHE A 7 25.74 -17.81 9.12
N VAL A 8 25.90 -19.11 8.86
CA VAL A 8 25.15 -19.84 7.85
C VAL A 8 24.37 -20.94 8.55
N ASN A 9 23.30 -21.40 7.88
CA ASN A 9 22.33 -22.36 8.40
C ASN A 9 21.76 -21.92 9.74
N LYS A 10 21.04 -20.80 9.72
CA LYS A 10 20.48 -20.25 10.95
C LYS A 10 19.00 -20.54 11.10
N TYR A 11 18.22 -20.46 10.03
CA TYR A 11 16.81 -20.76 10.13
C TYR A 11 16.29 -21.29 8.81
N SER A 12 15.22 -22.06 8.87
CA SER A 12 14.66 -22.59 7.65
C SER A 12 13.88 -21.51 6.93
N LEU A 13 13.65 -21.74 5.64
CA LEU A 13 12.96 -20.82 4.77
C LEU A 13 12.08 -21.64 3.86
N SER A 14 11.59 -21.02 2.80
CA SER A 14 10.88 -21.73 1.76
C SER A 14 10.89 -20.86 0.52
N LYS A 15 11.05 -21.47 -0.64
CA LYS A 15 10.86 -20.74 -1.88
C LYS A 15 9.84 -21.48 -2.72
N THR A 16 9.70 -21.07 -3.97
CA THR A 16 8.88 -21.79 -4.93
C THR A 16 9.59 -21.63 -6.27
N LEU A 17 10.37 -22.63 -6.65
CA LEU A 17 11.11 -22.57 -7.90
C LEU A 17 10.15 -22.81 -9.05
N ARG A 18 10.13 -21.90 -10.02
CA ARG A 18 9.33 -22.09 -11.22
C ARG A 18 10.19 -22.61 -12.35
N PHE A 19 9.55 -23.34 -13.27
CA PHE A 19 10.21 -23.92 -14.42
C PHE A 19 9.18 -24.03 -15.53
N GLU A 20 9.65 -24.34 -16.72
CA GLU A 20 8.76 -24.71 -17.80
C GLU A 20 8.74 -26.23 -17.89
N LEU A 21 7.64 -26.78 -18.38
CA LEU A 21 7.55 -28.20 -18.65
C LEU A 21 7.38 -28.40 -20.14
N ILE A 22 8.37 -29.03 -20.77
CA ILE A 22 8.34 -29.32 -22.20
C ILE A 22 7.77 -30.71 -22.38
N PRO A 23 6.65 -30.86 -23.07
CA PRO A 23 6.06 -32.20 -23.23
C PRO A 23 6.84 -33.09 -24.18
N GLN A 24 7.53 -34.07 -23.63
CA GLN A 24 8.41 -34.94 -24.38
C GLN A 24 7.70 -36.18 -24.89
N GLY A 25 8.27 -36.76 -25.95
CA GLY A 25 7.65 -37.91 -26.55
C GLY A 25 6.37 -37.49 -27.26
N LYS A 26 5.29 -38.16 -26.93
CA LYS A 26 3.97 -37.80 -27.44
C LYS A 26 3.00 -37.55 -26.31
N THR A 27 3.49 -36.97 -25.21
CA THR A 27 2.61 -36.62 -24.10
C THR A 27 1.68 -35.48 -24.48
N LEU A 28 2.18 -34.51 -25.25
CA LEU A 28 1.30 -33.47 -25.78
C LEU A 28 0.32 -34.06 -26.77
N GLU A 29 0.68 -35.14 -27.44
CA GLU A 29 -0.29 -35.86 -28.25
C GLU A 29 -1.30 -36.60 -27.38
N ASN A 30 -0.91 -37.03 -26.17
CA ASN A 30 -1.82 -37.77 -25.31
C ASN A 30 -2.74 -36.84 -24.53
N ILE A 31 -2.21 -35.72 -24.03
CA ILE A 31 -3.01 -34.77 -23.26
C ILE A 31 -4.12 -34.20 -24.12
N LYS A 32 -3.78 -33.71 -25.30
CA LYS A 32 -4.77 -33.08 -26.17
C LYS A 32 -5.66 -34.09 -26.88
N ALA A 33 -5.38 -35.39 -26.78
CA ALA A 33 -6.28 -36.41 -27.30
C ALA A 33 -7.49 -36.57 -26.39
N ARG A 34 -7.26 -36.68 -25.09
CA ARG A 34 -8.35 -36.85 -24.15
C ARG A 34 -9.04 -35.52 -23.87
N GLY A 35 -8.26 -34.43 -23.80
CA GLY A 35 -8.81 -33.13 -23.49
C GLY A 35 -8.55 -32.74 -22.05
N LEU A 36 -7.34 -32.96 -21.56
CA LEU A 36 -7.00 -32.69 -20.18
C LEU A 36 -6.58 -31.24 -19.94
N ILE A 37 -6.82 -30.34 -20.90
CA ILE A 37 -6.61 -28.91 -20.69
C ILE A 37 -7.89 -28.17 -21.05
N LEU A 38 -8.64 -28.70 -22.00
CA LEU A 38 -9.93 -28.10 -22.34
C LEU A 38 -10.97 -28.39 -21.28
N ASP A 39 -10.80 -29.46 -20.50
CA ASP A 39 -11.55 -29.70 -19.27
C ASP A 39 -10.73 -29.36 -18.03
N ASP A 40 -9.87 -28.35 -18.14
CA ASP A 40 -9.12 -27.85 -17.00
C ASP A 40 -9.12 -26.33 -16.94
N GLU A 41 -9.50 -25.64 -18.01
CA GLU A 41 -9.95 -24.27 -17.86
C GLU A 41 -11.41 -24.21 -17.47
N LYS A 42 -12.07 -25.36 -17.39
CA LYS A 42 -13.41 -25.49 -16.86
C LYS A 42 -13.37 -26.04 -15.44
N ARG A 43 -12.19 -25.99 -14.82
CA ARG A 43 -12.05 -26.32 -13.40
C ARG A 43 -11.20 -25.30 -12.67
N ALA A 44 -11.00 -24.12 -13.27
CA ALA A 44 -10.54 -22.95 -12.56
C ALA A 44 -11.45 -21.77 -12.84
N LYS A 45 -12.28 -21.85 -13.87
CA LYS A 45 -13.37 -20.93 -14.14
C LYS A 45 -14.66 -21.39 -13.52
N ASP A 46 -14.75 -22.69 -13.20
CA ASP A 46 -15.88 -23.31 -12.55
C ASP A 46 -15.50 -23.73 -11.13
N TYR A 47 -14.33 -23.33 -10.67
CA TYR A 47 -13.88 -23.51 -9.29
C TYR A 47 -13.88 -22.23 -8.49
N LYS A 48 -13.54 -21.10 -9.10
CA LYS A 48 -13.73 -19.82 -8.45
C LYS A 48 -15.20 -19.43 -8.35
N LYS A 49 -16.08 -20.07 -9.12
CA LYS A 49 -17.50 -19.91 -8.87
C LYS A 49 -17.90 -20.60 -7.58
N ALA A 50 -17.29 -21.73 -7.25
CA ALA A 50 -17.54 -22.43 -6.00
C ALA A 50 -16.70 -21.91 -4.86
N LYS A 51 -16.10 -20.74 -5.00
CA LYS A 51 -15.56 -19.99 -3.88
C LYS A 51 -16.32 -18.69 -3.73
N GLN A 52 -17.33 -18.50 -4.57
CA GLN A 52 -18.29 -17.41 -4.48
C GLN A 52 -19.67 -17.94 -4.17
N ILE A 53 -19.79 -19.25 -3.97
CA ILE A 53 -20.97 -19.85 -3.37
C ILE A 53 -20.70 -20.27 -1.93
N ILE A 54 -19.50 -20.72 -1.61
CA ILE A 54 -19.17 -21.01 -0.22
C ILE A 54 -18.99 -19.72 0.57
N ASP A 55 -18.44 -18.66 -0.05
CA ASP A 55 -18.36 -17.35 0.59
C ASP A 55 -19.64 -16.55 0.47
N LYS A 56 -20.76 -17.21 0.22
CA LYS A 56 -22.05 -16.59 0.35
C LYS A 56 -22.93 -17.40 1.29
N TYR A 57 -22.48 -18.57 1.70
CA TYR A 57 -22.95 -19.25 2.89
C TYR A 57 -22.23 -18.76 4.13
N HIS A 58 -21.06 -18.16 3.99
CA HIS A 58 -20.44 -17.44 5.09
C HIS A 58 -20.99 -16.03 5.24
N GLN A 59 -21.91 -15.61 4.38
CA GLN A 59 -22.63 -14.35 4.56
C GLN A 59 -24.05 -14.58 5.06
N PHE A 60 -24.42 -15.81 5.31
CA PHE A 60 -25.59 -16.16 6.12
C PHE A 60 -25.13 -17.03 7.27
N PHE A 61 -23.91 -16.80 7.70
CA PHE A 61 -23.42 -17.27 8.99
C PHE A 61 -22.71 -16.16 9.74
N ILE A 62 -22.24 -15.12 9.05
CA ILE A 62 -21.62 -13.98 9.72
C ILE A 62 -22.66 -12.93 10.08
N GLU A 63 -23.89 -13.08 9.57
CA GLU A 63 -25.03 -12.30 10.02
C GLU A 63 -25.85 -13.06 11.05
N GLU A 64 -25.34 -14.19 11.52
CA GLU A 64 -25.94 -14.94 12.60
C GLU A 64 -25.01 -15.16 13.77
N ILE A 65 -23.72 -14.89 13.63
CA ILE A 65 -22.79 -14.95 14.74
C ILE A 65 -22.56 -13.57 15.35
N LEU A 66 -23.01 -12.51 14.69
CA LEU A 66 -22.80 -11.15 15.19
C LEU A 66 -24.08 -10.37 15.37
N SER A 67 -25.07 -10.55 14.50
CA SER A 67 -26.33 -9.81 14.69
C SER A 67 -27.26 -10.57 15.62
N SER A 68 -27.61 -11.81 15.26
CA SER A 68 -28.69 -12.53 15.93
C SER A 68 -28.28 -12.96 17.33
N VAL A 69 -26.97 -13.05 17.58
CA VAL A 69 -26.41 -13.36 18.90
C VAL A 69 -25.32 -12.33 19.14
N CYS A 70 -24.47 -12.58 20.15
CA CYS A 70 -23.27 -11.79 20.45
C CYS A 70 -23.63 -10.36 20.86
N ILE A 71 -24.22 -10.24 22.05
CA ILE A 71 -24.53 -8.95 22.64
C ILE A 71 -23.58 -8.80 23.83
N SER A 72 -22.42 -8.21 23.57
CA SER A 72 -21.37 -8.12 24.58
C SER A 72 -21.53 -6.82 25.35
N GLU A 73 -22.31 -6.86 26.43
CA GLU A 73 -22.63 -5.67 27.20
C GLU A 73 -21.82 -5.61 28.48
N ASP A 74 -21.34 -4.39 28.82
CA ASP A 74 -20.77 -3.96 30.10
C ASP A 74 -19.34 -4.47 30.28
N LEU A 75 -18.91 -5.37 29.40
CA LEU A 75 -17.50 -5.69 29.28
C LEU A 75 -16.78 -4.65 28.46
N LEU A 76 -17.53 -3.88 27.67
CA LEU A 76 -16.98 -2.80 26.87
C LEU A 76 -16.39 -1.71 27.73
N GLN A 77 -17.07 -1.37 28.83
CA GLN A 77 -16.58 -0.34 29.73
C GLN A 77 -15.33 -0.78 30.46
N ASN A 78 -15.19 -2.08 30.73
CA ASN A 78 -13.95 -2.58 31.30
C ASN A 78 -12.80 -2.55 30.31
N TYR A 79 -13.10 -2.58 29.01
CA TYR A 79 -12.08 -2.40 27.98
C TYR A 79 -11.74 -0.92 27.80
N SER A 80 -12.76 -0.08 27.79
CA SER A 80 -12.58 1.35 27.54
C SER A 80 -11.84 2.04 28.67
N ASP A 81 -11.94 1.52 29.90
CA ASP A 81 -11.22 2.14 31.01
C ASP A 81 -9.74 1.81 30.96
N VAL A 82 -9.38 0.60 30.51
CA VAL A 82 -7.98 0.22 30.41
C VAL A 82 -7.40 0.47 29.04
N TYR A 83 -8.18 1.01 28.11
CA TYR A 83 -7.61 1.41 26.83
C TYR A 83 -7.05 2.82 26.87
N PHE A 84 -7.89 3.78 27.28
CA PHE A 84 -7.44 5.17 27.35
C PHE A 84 -6.38 5.36 28.42
N LYS A 85 -6.45 4.59 29.50
CA LYS A 85 -5.42 4.66 30.53
C LYS A 85 -4.09 4.11 30.03
N LEU A 86 -4.15 3.16 29.09
CA LEU A 86 -2.95 2.50 28.59
C LEU A 86 -2.08 3.42 27.76
N LYS A 87 -2.68 4.40 27.10
CA LYS A 87 -1.94 5.28 26.20
C LYS A 87 -1.08 6.30 26.93
N LYS A 88 -1.26 6.47 28.24
CA LYS A 88 -0.50 7.47 28.97
C LYS A 88 0.88 6.95 29.36
N SER A 89 0.92 5.93 30.21
CA SER A 89 2.17 5.33 30.66
C SER A 89 1.85 3.96 31.24
N ASP A 90 2.73 3.00 30.99
CA ASP A 90 2.49 1.61 31.38
C ASP A 90 3.81 0.87 31.56
N ASP A 91 4.09 0.45 32.80
CA ASP A 91 5.30 -0.34 33.03
C ASP A 91 5.06 -1.82 32.74
N ASP A 92 4.25 -2.47 33.58
CA ASP A 92 3.90 -3.87 33.33
C ASP A 92 2.49 -4.23 33.79
N ASN A 93 1.71 -3.30 34.32
CA ASN A 93 0.45 -3.61 34.98
C ASN A 93 -0.76 -3.30 34.10
N LEU A 94 -0.69 -2.21 33.33
CA LEU A 94 -1.85 -1.74 32.59
C LEU A 94 -2.17 -2.61 31.38
N GLN A 95 -1.29 -3.54 31.02
CA GLN A 95 -1.58 -4.52 30.00
C GLN A 95 -2.14 -5.81 30.56
N LYS A 96 -1.96 -6.06 31.86
CA LYS A 96 -2.54 -7.24 32.50
C LYS A 96 -4.07 -7.22 32.42
N ASP A 97 -4.67 -6.09 32.80
CA ASP A 97 -6.11 -5.93 32.64
C ASP A 97 -6.48 -5.76 31.18
N PHE A 98 -5.57 -5.22 30.38
CA PHE A 98 -5.88 -4.98 28.97
C PHE A 98 -5.90 -6.26 28.17
N LYS A 99 -4.97 -7.19 28.46
CA LYS A 99 -5.04 -8.52 27.86
C LYS A 99 -6.25 -9.29 28.36
N SER A 100 -6.64 -9.06 29.62
CA SER A 100 -7.82 -9.74 30.14
C SER A 100 -9.10 -9.17 29.55
N ALA A 101 -9.19 -7.85 29.41
CA ALA A 101 -10.39 -7.24 28.86
C ALA A 101 -10.49 -7.43 27.36
N LYS A 102 -9.36 -7.65 26.68
CA LYS A 102 -9.41 -7.97 25.26
C LYS A 102 -9.97 -9.37 25.04
N ASP A 103 -9.44 -10.34 25.77
CA ASP A 103 -9.81 -11.74 25.57
C ASP A 103 -11.22 -12.04 26.05
N THR A 104 -11.71 -11.31 27.05
CA THR A 104 -13.01 -11.61 27.61
C THR A 104 -14.14 -11.16 26.69
N ILE A 105 -13.89 -10.15 25.86
CA ILE A 105 -14.86 -9.81 24.83
C ILE A 105 -14.83 -10.84 23.72
N LYS A 106 -13.63 -11.36 23.42
CA LYS A 106 -13.48 -12.30 22.31
C LYS A 106 -14.13 -13.64 22.61
N LYS A 107 -14.03 -14.10 23.85
CA LYS A 107 -14.60 -15.38 24.24
C LYS A 107 -16.12 -15.36 24.35
N GLN A 108 -16.76 -14.20 24.17
CA GLN A 108 -18.19 -14.15 24.01
C GLN A 108 -18.60 -14.05 22.55
N ILE A 109 -17.74 -13.47 21.71
CA ILE A 109 -17.94 -13.55 20.27
C ILE A 109 -17.64 -14.96 19.79
N SER A 110 -16.57 -15.56 20.30
CA SER A 110 -16.16 -16.91 19.94
C SER A 110 -16.71 -17.96 20.89
N GLU A 111 -17.88 -17.69 21.47
CA GLU A 111 -18.67 -18.70 22.16
C GLU A 111 -19.77 -19.23 21.27
N TYR A 112 -20.23 -18.43 20.31
CA TYR A 112 -21.14 -18.92 19.28
C TYR A 112 -20.38 -19.60 18.14
N ILE A 113 -19.04 -19.54 18.17
CA ILE A 113 -18.21 -20.44 17.36
C ILE A 113 -18.54 -21.90 17.69
N LYS A 114 -18.34 -22.31 18.93
CA LYS A 114 -18.48 -23.71 19.29
C LYS A 114 -19.86 -24.05 19.79
N ASP A 115 -20.83 -23.14 19.69
CA ASP A 115 -22.20 -23.42 20.09
C ASP A 115 -23.16 -23.26 18.91
N SER A 116 -22.69 -23.49 17.69
CA SER A 116 -23.56 -23.44 16.54
C SER A 116 -23.43 -24.73 15.75
N GLU A 117 -24.52 -25.09 15.07
CA GLU A 117 -24.51 -26.30 14.26
C GLU A 117 -23.72 -26.08 12.98
N LYS A 118 -23.64 -24.85 12.51
CA LYS A 118 -23.02 -24.53 11.22
C LYS A 118 -21.52 -24.31 11.30
N PHE A 119 -20.86 -24.78 12.36
CA PHE A 119 -19.41 -24.60 12.45
C PHE A 119 -18.63 -25.91 12.37
N LYS A 120 -19.23 -27.04 12.74
CA LYS A 120 -18.53 -28.30 12.51
C LYS A 120 -18.70 -28.75 11.06
N ASN A 121 -19.90 -28.63 10.51
CA ASN A 121 -20.18 -29.01 9.13
C ASN A 121 -20.05 -27.83 8.19
N LEU A 122 -18.89 -27.17 8.28
CA LEU A 122 -18.58 -26.01 7.47
C LEU A 122 -17.22 -26.11 6.81
N PHE A 123 -16.34 -26.97 7.31
CA PHE A 123 -14.93 -27.02 6.91
C PHE A 123 -14.54 -28.40 6.39
N ASN A 124 -15.51 -29.21 5.99
CA ASN A 124 -15.22 -30.59 5.63
C ASN A 124 -16.23 -31.06 4.59
N GLN A 125 -16.33 -32.38 4.43
CA GLN A 125 -17.13 -33.01 3.39
C GLN A 125 -18.61 -32.66 3.49
N ASN A 126 -19.10 -32.41 4.72
CA ASN A 126 -20.51 -32.21 4.96
C ASN A 126 -21.04 -30.90 4.39
N LEU A 127 -20.16 -30.02 3.91
CA LEU A 127 -20.60 -28.81 3.26
C LEU A 127 -21.08 -29.09 1.84
N ILE A 128 -20.19 -29.62 1.00
CA ILE A 128 -20.48 -29.73 -0.43
C ILE A 128 -21.40 -30.90 -0.71
N ASP A 129 -20.94 -32.12 -0.40
CA ASP A 129 -21.71 -33.34 -0.58
C ASP A 129 -21.36 -34.25 0.60
N ALA A 130 -22.32 -34.47 1.50
CA ALA A 130 -21.98 -34.99 2.82
C ALA A 130 -21.66 -36.48 2.81
N LYS A 131 -22.67 -37.31 2.50
CA LYS A 131 -22.57 -38.76 2.59
C LYS A 131 -23.84 -39.29 1.94
N LYS A 132 -23.84 -40.58 1.57
CA LYS A 132 -25.01 -41.21 0.97
C LYS A 132 -26.17 -41.24 1.95
N GLY A 133 -27.30 -40.69 1.54
CA GLY A 133 -28.47 -40.58 2.37
C GLY A 133 -28.69 -39.21 2.99
N GLN A 134 -27.68 -38.34 2.96
CA GLN A 134 -27.75 -37.02 3.57
C GLN A 134 -27.61 -35.96 2.50
N GLU A 135 -28.48 -34.97 2.54
CA GLU A 135 -28.31 -33.76 1.74
C GLU A 135 -27.42 -32.82 2.52
N SER A 136 -26.38 -32.31 1.86
CA SER A 136 -25.35 -31.58 2.57
C SER A 136 -25.78 -30.16 2.85
N ASP A 137 -25.21 -29.57 3.92
CA ASP A 137 -25.73 -28.35 4.52
C ASP A 137 -25.60 -27.13 3.61
N LEU A 138 -24.71 -27.15 2.63
CA LEU A 138 -24.67 -26.07 1.66
C LEU A 138 -25.61 -26.29 0.50
N ILE A 139 -25.79 -27.53 0.02
CA ILE A 139 -26.79 -27.72 -1.04
C ILE A 139 -28.18 -27.87 -0.46
N LEU A 140 -28.31 -27.96 0.85
CA LEU A 140 -29.62 -27.85 1.50
C LEU A 140 -30.00 -26.40 1.71
N TRP A 141 -29.01 -25.57 2.01
CA TRP A 141 -29.24 -24.13 2.22
C TRP A 141 -29.65 -23.44 0.93
N LEU A 142 -29.15 -23.90 -0.20
CA LEU A 142 -29.44 -23.27 -1.48
C LEU A 142 -30.72 -23.79 -2.12
N LYS A 143 -31.14 -25.02 -1.81
CA LYS A 143 -32.16 -25.68 -2.62
C LYS A 143 -33.57 -25.29 -2.24
N GLN A 144 -33.99 -25.62 -1.03
CA GLN A 144 -35.37 -25.38 -0.62
C GLN A 144 -35.55 -24.01 0.02
N SER A 145 -34.51 -23.52 0.69
CA SER A 145 -34.59 -22.24 1.37
C SER A 145 -34.54 -21.06 0.40
N LYS A 146 -34.05 -21.27 -0.81
CA LYS A 146 -33.89 -20.17 -1.76
C LYS A 146 -34.72 -20.35 -3.02
N ASP A 147 -34.58 -21.49 -3.70
CA ASP A 147 -35.28 -21.67 -4.97
C ASP A 147 -36.77 -21.91 -4.73
N ASN A 148 -37.12 -22.70 -3.72
CA ASN A 148 -38.50 -22.85 -3.32
C ASN A 148 -38.95 -21.74 -2.38
N GLY A 149 -38.01 -21.08 -1.71
CA GLY A 149 -38.31 -19.86 -0.98
C GLY A 149 -38.34 -18.66 -1.90
N ILE A 150 -38.31 -17.49 -1.29
CA ILE A 150 -38.35 -16.23 -2.03
C ILE A 150 -37.05 -15.50 -1.74
N GLU A 151 -36.05 -15.74 -2.60
CA GLU A 151 -34.79 -15.00 -2.60
C GLU A 151 -34.09 -15.24 -3.94
N LEU A 152 -33.56 -14.17 -4.52
CA LEU A 152 -32.72 -14.24 -5.72
C LEU A 152 -31.46 -13.46 -5.40
N PHE A 153 -30.45 -14.15 -4.87
CA PHE A 153 -29.28 -13.49 -4.31
C PHE A 153 -27.99 -13.85 -5.06
N LYS A 154 -28.10 -14.50 -6.21
CA LYS A 154 -27.04 -14.55 -7.20
C LYS A 154 -27.31 -13.58 -8.35
N ALA A 155 -27.93 -12.44 -8.05
CA ALA A 155 -28.20 -11.41 -9.03
C ALA A 155 -27.02 -10.49 -9.27
N ASN A 156 -25.94 -10.64 -8.50
CA ASN A 156 -24.71 -9.85 -8.68
C ASN A 156 -23.53 -10.82 -8.72
N SER A 157 -23.28 -11.44 -9.88
CA SER A 157 -22.11 -12.28 -10.15
C SER A 157 -22.06 -12.56 -11.64
N ASP A 158 -21.16 -13.47 -12.02
CA ASP A 158 -21.20 -14.15 -13.32
C ASP A 158 -22.00 -15.44 -13.27
N ILE A 159 -22.29 -15.95 -12.07
CA ILE A 159 -23.26 -17.02 -11.90
C ILE A 159 -24.64 -16.49 -12.24
N THR A 160 -25.37 -17.24 -13.08
CA THR A 160 -26.63 -16.72 -13.62
C THR A 160 -27.73 -16.69 -12.57
N ASP A 161 -28.10 -17.85 -12.05
CA ASP A 161 -29.13 -17.97 -11.03
C ASP A 161 -28.69 -19.02 -10.03
N ILE A 162 -29.63 -19.53 -9.24
CA ILE A 162 -29.31 -20.56 -8.27
C ILE A 162 -29.72 -21.95 -8.77
N ASP A 163 -30.55 -22.04 -9.82
CA ASP A 163 -30.74 -23.32 -10.49
C ASP A 163 -29.44 -23.80 -11.12
N GLU A 164 -28.63 -22.86 -11.62
CA GLU A 164 -27.33 -23.18 -12.19
C GLU A 164 -26.24 -23.27 -11.13
N ALA A 165 -26.42 -22.62 -9.98
CA ALA A 165 -25.37 -22.57 -8.97
C ALA A 165 -25.28 -23.85 -8.14
N LEU A 166 -26.27 -24.73 -8.21
CA LEU A 166 -26.11 -26.05 -7.61
C LEU A 166 -25.17 -26.91 -8.45
N GLU A 167 -25.10 -26.63 -9.76
CA GLU A 167 -24.31 -27.48 -10.65
C GLU A 167 -22.82 -27.25 -10.48
N ILE A 168 -22.40 -26.04 -10.10
CA ILE A 168 -21.00 -25.81 -9.81
C ILE A 168 -20.60 -26.54 -8.55
N ILE A 169 -21.49 -26.60 -7.56
CA ILE A 169 -21.19 -27.27 -6.30
C ILE A 169 -21.22 -28.79 -6.46
N LYS A 170 -22.23 -29.31 -7.16
CA LYS A 170 -22.38 -30.76 -7.29
C LYS A 170 -21.31 -31.39 -8.17
N SER A 171 -20.66 -30.62 -9.05
CA SER A 171 -19.65 -31.19 -9.92
C SER A 171 -18.29 -31.33 -9.25
N PHE A 172 -18.16 -30.92 -7.99
CA PHE A 172 -16.99 -31.22 -7.20
C PHE A 172 -17.19 -32.43 -6.30
N LYS A 173 -18.13 -33.31 -6.66
CA LYS A 173 -18.33 -34.56 -5.95
C LYS A 173 -17.11 -35.44 -6.13
N GLY A 174 -16.49 -35.82 -5.02
CA GLY A 174 -15.21 -36.48 -5.05
C GLY A 174 -14.03 -35.52 -5.06
N TRP A 175 -14.27 -34.24 -5.24
CA TRP A 175 -13.23 -33.21 -5.26
C TRP A 175 -13.23 -32.39 -3.97
N THR A 176 -13.55 -33.01 -2.84
CA THR A 176 -13.67 -32.26 -1.60
C THR A 176 -12.31 -31.89 -1.01
N THR A 177 -11.31 -32.76 -1.15
CA THR A 177 -9.98 -32.39 -0.66
C THR A 177 -9.25 -31.43 -1.60
N TYR A 178 -9.86 -31.05 -2.71
CA TYR A 178 -9.34 -30.01 -3.58
C TYR A 178 -9.47 -28.65 -2.93
N PHE A 179 -10.48 -28.48 -2.07
CA PHE A 179 -10.76 -27.25 -1.35
C PHE A 179 -10.00 -27.12 -0.04
N LYS A 180 -9.01 -27.96 0.24
CA LYS A 180 -8.38 -27.91 1.57
C LYS A 180 -7.45 -26.72 1.77
N GLY A 181 -7.31 -25.83 0.80
CA GLY A 181 -6.54 -24.63 1.01
C GLY A 181 -7.46 -23.43 1.01
N PHE A 182 -8.69 -23.64 0.57
CA PHE A 182 -9.75 -22.66 0.68
C PHE A 182 -10.48 -22.77 2.01
N HIS A 183 -10.67 -23.98 2.52
CA HIS A 183 -11.23 -24.14 3.85
C HIS A 183 -10.21 -23.87 4.94
N GLU A 184 -8.97 -23.54 4.61
CA GLU A 184 -8.04 -23.00 5.59
C GLU A 184 -7.98 -21.49 5.52
N ASN A 185 -8.63 -20.88 4.53
CA ASN A 185 -8.85 -19.44 4.50
C ASN A 185 -10.25 -19.07 4.96
N ARG A 186 -11.05 -20.04 5.35
CA ARG A 186 -12.31 -19.78 6.03
C ARG A 186 -12.30 -20.31 7.45
N LYS A 187 -11.24 -20.99 7.85
CA LYS A 187 -10.92 -21.18 9.25
C LYS A 187 -10.11 -20.02 9.79
N ASN A 188 -9.80 -19.06 8.94
CA ASN A 188 -9.12 -17.84 9.35
C ASN A 188 -10.07 -16.68 9.55
N VAL A 189 -11.22 -16.70 8.89
CA VAL A 189 -12.26 -15.69 9.13
C VAL A 189 -12.80 -15.80 10.55
N TYR A 190 -12.89 -17.01 11.09
CA TYR A 190 -13.52 -17.22 12.38
C TYR A 190 -12.54 -17.51 13.49
N SER A 191 -11.27 -17.16 13.31
CA SER A 191 -10.26 -17.57 14.27
C SER A 191 -10.31 -16.70 15.51
N SER A 192 -10.34 -17.34 16.68
CA SER A 192 -10.31 -16.63 17.95
C SER A 192 -8.87 -16.37 18.36
N ASN A 193 -8.10 -15.77 17.45
CA ASN A 193 -6.68 -15.55 17.61
C ASN A 193 -6.37 -14.20 16.98
N ASP A 194 -5.15 -13.71 17.19
CA ASP A 194 -4.79 -12.38 16.72
C ASP A 194 -4.33 -12.42 15.26
N ILE A 195 -5.25 -12.80 14.37
CA ILE A 195 -4.94 -12.73 12.94
C ILE A 195 -5.87 -11.71 12.29
N PRO A 196 -5.37 -10.88 11.37
CA PRO A 196 -6.19 -9.81 10.81
C PRO A 196 -7.28 -10.26 9.87
N THR A 197 -7.32 -11.53 9.51
CA THR A 197 -8.41 -12.05 8.69
C THR A 197 -9.66 -12.29 9.52
N SER A 198 -9.52 -12.31 10.84
CA SER A 198 -10.56 -12.78 11.74
C SER A 198 -11.63 -11.73 11.97
N ILE A 199 -12.87 -12.19 12.17
CA ILE A 199 -13.96 -11.29 12.57
C ILE A 199 -13.94 -10.97 14.05
N ILE A 200 -13.06 -11.61 14.82
CA ILE A 200 -12.92 -11.33 16.23
C ILE A 200 -11.72 -10.42 16.46
N TYR A 201 -10.91 -10.20 15.43
CA TYR A 201 -9.92 -9.14 15.38
C TYR A 201 -10.46 -7.88 14.75
N ARG A 202 -11.38 -8.03 13.79
CA ARG A 202 -12.02 -6.88 13.16
C ARG A 202 -12.87 -6.11 14.16
N ILE A 203 -13.47 -6.80 15.11
CA ILE A 203 -14.29 -6.14 16.10
C ILE A 203 -13.47 -5.70 17.30
N VAL A 204 -12.70 -6.59 17.90
CA VAL A 204 -12.05 -6.23 19.14
C VAL A 204 -10.81 -5.38 18.89
N ASP A 205 -10.05 -5.65 17.83
CA ASP A 205 -8.81 -4.91 17.63
C ASP A 205 -8.81 -3.98 16.42
N ASP A 206 -9.89 -3.90 15.66
CA ASP A 206 -10.02 -2.82 14.69
C ASP A 206 -11.18 -1.89 14.99
N ASN A 207 -12.42 -2.37 15.02
CA ASN A 207 -13.56 -1.47 15.11
C ASN A 207 -13.89 -1.02 16.53
N LEU A 208 -13.38 -1.66 17.56
CA LEU A 208 -13.66 -1.13 18.89
C LEU A 208 -12.73 0.01 19.30
N PRO A 209 -11.39 -0.05 19.18
CA PRO A 209 -10.60 1.15 19.54
C PRO A 209 -10.75 2.28 18.57
N LYS A 210 -11.26 2.03 17.37
CA LYS A 210 -11.69 3.06 16.45
C LYS A 210 -13.11 3.51 16.72
N PHE A 211 -13.70 3.06 17.82
CA PHE A 211 -14.95 3.58 18.34
C PHE A 211 -14.78 4.25 19.69
N LEU A 212 -13.79 3.83 20.47
CA LEU A 212 -13.49 4.49 21.72
C LEU A 212 -12.95 5.90 21.46
N GLU A 213 -12.02 6.03 20.52
CA GLU A 213 -11.53 7.35 20.15
C GLU A 213 -12.50 8.11 19.26
N ASN A 214 -13.47 7.42 18.67
CA ASN A 214 -14.54 8.02 17.90
C ASN A 214 -15.64 8.61 18.79
N LYS A 215 -15.68 8.25 20.08
CA LYS A 215 -16.52 8.96 21.04
C LYS A 215 -15.72 9.83 22.00
N ALA A 216 -14.42 9.57 22.17
CA ALA A 216 -13.59 10.48 22.93
C ALA A 216 -13.30 11.77 22.17
N LYS A 217 -13.46 11.75 20.84
CA LYS A 217 -13.44 12.95 20.03
C LYS A 217 -14.84 13.42 19.70
N TYR A 218 -15.81 13.10 20.54
CA TYR A 218 -17.15 13.63 20.40
C TYR A 218 -17.67 14.27 21.67
N GLU A 219 -17.30 13.78 22.84
CA GLU A 219 -17.55 14.53 24.06
C GLU A 219 -16.54 15.65 24.24
N SER A 220 -15.42 15.60 23.52
CA SER A 220 -14.55 16.74 23.36
C SER A 220 -14.93 17.59 22.16
N LEU A 221 -16.05 17.25 21.49
CA LEU A 221 -16.64 18.10 20.46
C LEU A 221 -17.88 18.82 20.96
N LYS A 222 -18.60 18.27 21.92
CA LYS A 222 -19.56 19.08 22.67
C LYS A 222 -18.83 20.14 23.49
N ASP A 223 -17.72 19.77 24.10
CA ASP A 223 -16.76 20.75 24.57
C ASP A 223 -16.07 21.38 23.38
N LYS A 224 -15.67 22.65 23.53
CA LYS A 224 -14.84 23.43 22.61
C LYS A 224 -15.50 23.76 21.27
N ALA A 225 -16.69 23.21 20.98
CA ALA A 225 -17.35 23.42 19.70
C ALA A 225 -18.84 23.08 19.66
N PRO A 226 -19.75 23.81 20.32
CA PRO A 226 -21.17 23.51 20.04
C PRO A 226 -21.74 24.34 18.89
N GLU A 227 -21.36 23.99 17.66
CA GLU A 227 -21.85 24.73 16.50
C GLU A 227 -23.20 24.17 16.05
N ALA A 228 -23.62 24.56 14.86
CA ALA A 228 -24.81 23.99 14.22
C ALA A 228 -24.45 22.72 13.45
N ILE A 229 -24.00 21.71 14.19
CA ILE A 229 -24.05 20.34 13.68
C ILE A 229 -25.52 19.97 13.53
N ASN A 230 -25.81 19.02 12.64
CA ASN A 230 -27.13 18.64 12.11
C ASN A 230 -28.28 18.52 13.11
N TYR A 231 -27.98 18.28 14.38
CA TYR A 231 -29.04 18.07 15.36
C TYR A 231 -29.66 19.36 15.87
N GLU A 232 -30.05 20.23 14.94
CA GLU A 232 -30.90 21.39 15.26
C GLU A 232 -32.23 21.27 14.54
N GLN A 233 -32.22 21.16 13.22
CA GLN A 233 -33.41 20.81 12.47
C GLN A 233 -33.09 19.72 11.44
N ILE A 234 -31.84 19.64 11.00
CA ILE A 234 -31.51 18.84 9.80
C ILE A 234 -31.22 17.42 10.31
N LYS A 235 -32.29 16.68 10.54
CA LYS A 235 -32.15 15.27 10.89
C LYS A 235 -33.23 14.48 10.15
N LYS A 236 -33.86 15.09 9.17
CA LYS A 236 -34.56 14.33 8.15
C LYS A 236 -33.57 13.64 7.22
N ASP A 237 -32.33 14.13 7.18
CA ASP A 237 -31.34 13.60 6.25
C ASP A 237 -30.78 12.26 6.72
N LEU A 238 -30.13 12.23 7.88
CA LEU A 238 -29.54 11.00 8.39
C LEU A 238 -30.48 10.28 9.36
N ALA A 239 -31.72 10.08 8.93
CA ALA A 239 -32.73 9.42 9.75
C ALA A 239 -32.96 7.98 9.34
N GLU A 240 -32.87 7.69 8.04
CA GLU A 240 -33.02 6.31 7.59
C GLU A 240 -31.83 5.46 8.02
N GLU A 241 -30.68 6.08 8.30
CA GLU A 241 -29.55 5.37 8.88
C GLU A 241 -29.34 5.73 10.35
N LEU A 242 -30.38 6.18 11.03
CA LEU A 242 -30.44 6.21 12.49
C LEU A 242 -31.69 5.51 13.00
N THR A 243 -32.01 4.35 12.43
CA THR A 243 -33.16 3.61 12.90
C THR A 243 -32.84 2.80 14.15
N PHE A 244 -31.95 1.79 14.02
CA PHE A 244 -31.40 1.00 15.14
C PHE A 244 -32.49 0.32 15.95
N ASP A 245 -33.10 -0.71 15.34
CA ASP A 245 -34.33 -1.34 15.83
C ASP A 245 -34.29 -1.87 17.26
N ILE A 246 -33.12 -1.97 17.90
CA ILE A 246 -33.06 -2.30 19.33
C ILE A 246 -32.05 -1.36 19.98
N ASP A 247 -32.50 -0.56 20.93
CA ASP A 247 -31.55 0.19 21.77
C ASP A 247 -30.87 -0.75 22.74
N TYR A 248 -29.61 -0.44 23.06
CA TYR A 248 -28.81 -1.28 23.96
C TYR A 248 -28.40 -0.55 25.22
N LYS A 249 -29.11 0.52 25.58
CA LYS A 249 -29.14 1.00 26.95
C LYS A 249 -30.43 0.60 27.63
N THR A 250 -31.45 0.26 26.85
CA THR A 250 -32.77 -0.14 27.33
C THR A 250 -33.13 -1.40 26.54
N SER A 251 -34.40 -1.75 26.56
CA SER A 251 -34.91 -2.86 25.77
C SER A 251 -35.25 -2.37 24.36
N GLU A 252 -35.98 -3.19 23.60
CA GLU A 252 -36.34 -2.90 22.21
C GLU A 252 -37.21 -1.65 22.05
N VAL A 253 -36.96 -0.89 20.99
CA VAL A 253 -37.79 0.22 20.55
C VAL A 253 -37.90 0.14 19.04
N ASN A 254 -39.14 0.15 18.53
CA ASN A 254 -39.49 -0.33 17.19
C ASN A 254 -38.76 0.33 16.04
N GLN A 255 -39.04 1.61 15.78
CA GLN A 255 -38.40 2.30 14.66
C GLN A 255 -38.08 3.75 15.01
N ARG A 256 -37.73 4.05 16.26
CA ARG A 256 -37.49 5.44 16.63
C ARG A 256 -36.14 5.91 16.09
N VAL A 257 -36.10 7.16 15.66
CA VAL A 257 -34.87 7.73 15.13
C VAL A 257 -33.97 8.10 16.31
N PHE A 258 -32.81 7.46 16.38
CA PHE A 258 -31.83 7.72 17.41
C PHE A 258 -31.28 9.13 17.30
N SER A 259 -30.67 9.57 18.39
CA SER A 259 -29.98 10.85 18.43
C SER A 259 -28.53 10.59 18.74
N LEU A 260 -27.71 11.62 18.54
CA LEU A 260 -26.27 11.45 18.60
C LEU A 260 -25.73 11.28 20.01
N ASP A 261 -26.57 11.34 21.03
CA ASP A 261 -26.12 11.07 22.38
C ASP A 261 -26.09 9.57 22.65
N GLU A 262 -27.15 8.86 22.25
CA GLU A 262 -27.25 7.42 22.38
C GLU A 262 -26.80 6.70 21.11
N VAL A 263 -25.88 7.31 20.37
CA VAL A 263 -25.13 6.65 19.32
C VAL A 263 -23.67 6.41 19.73
N PHE A 264 -23.08 7.33 20.47
CA PHE A 264 -21.72 7.15 20.97
C PHE A 264 -21.71 6.69 22.41
N GLU A 265 -22.82 6.13 22.89
CA GLU A 265 -22.81 5.44 24.17
C GLU A 265 -22.05 4.12 24.04
N ILE A 266 -21.26 3.81 25.07
CA ILE A 266 -20.40 2.63 25.06
C ILE A 266 -21.20 1.34 24.98
N ALA A 267 -22.41 1.35 25.53
CA ALA A 267 -23.28 0.17 25.50
C ALA A 267 -23.88 -0.08 24.12
N ASN A 268 -23.80 0.88 23.20
CA ASN A 268 -24.40 0.74 21.89
C ASN A 268 -23.37 0.37 20.82
N PHE A 269 -22.16 0.00 21.23
CA PHE A 269 -21.20 -0.61 20.30
C PHE A 269 -21.69 -1.92 19.74
N ASN A 270 -22.53 -2.64 20.50
CA ASN A 270 -23.04 -3.95 20.12
C ASN A 270 -24.06 -3.89 18.99
N ASN A 271 -24.34 -2.71 18.45
CA ASN A 271 -25.05 -2.58 17.19
C ASN A 271 -24.10 -2.27 16.05
N TYR A 272 -22.84 -1.94 16.36
CA TYR A 272 -21.81 -1.67 15.36
C TYR A 272 -20.94 -2.91 15.16
N LEU A 273 -21.61 -4.01 14.81
CA LEU A 273 -20.96 -5.30 14.63
C LEU A 273 -21.00 -5.77 13.18
N ASN A 274 -22.19 -5.93 12.62
CA ASN A 274 -22.26 -6.44 11.26
C ASN A 274 -22.12 -5.30 10.25
N GLN A 275 -22.09 -5.65 8.97
CA GLN A 275 -21.86 -4.64 7.94
C GLN A 275 -23.07 -3.76 7.71
N SER A 276 -24.27 -4.24 8.05
CA SER A 276 -25.43 -3.38 7.99
C SER A 276 -25.44 -2.31 9.08
N GLY A 277 -24.58 -2.43 10.09
CA GLY A 277 -24.42 -1.43 11.10
C GLY A 277 -23.03 -0.84 11.13
N ILE A 278 -22.33 -0.86 10.00
CA ILE A 278 -21.11 -0.09 9.83
C ILE A 278 -21.33 0.80 8.60
N THR A 279 -22.17 0.37 7.68
CA THR A 279 -22.69 1.26 6.66
C THR A 279 -23.91 2.03 7.14
N LYS A 280 -24.16 2.01 8.44
CA LYS A 280 -25.16 2.80 9.12
C LYS A 280 -24.49 3.61 10.22
N PHE A 281 -23.18 3.53 10.34
CA PHE A 281 -22.37 4.37 11.20
C PHE A 281 -21.39 5.21 10.44
N ASN A 282 -20.94 4.76 9.28
CA ASN A 282 -20.09 5.60 8.46
C ASN A 282 -20.90 6.58 7.64
N THR A 283 -22.18 6.31 7.43
CA THR A 283 -23.08 7.30 6.83
C THR A 283 -23.45 8.39 7.84
N ILE A 284 -23.34 8.10 9.13
CA ILE A 284 -23.36 9.17 10.13
C ILE A 284 -22.16 10.07 9.95
N ILE A 285 -20.95 9.50 9.97
CA ILE A 285 -19.73 10.29 9.93
C ILE A 285 -19.47 10.83 8.53
N GLY A 286 -19.66 10.02 7.51
CA GLY A 286 -19.31 10.49 6.19
C GLY A 286 -20.35 11.38 5.56
N GLY A 287 -21.51 10.83 5.25
CA GLY A 287 -22.50 11.51 4.46
C GLY A 287 -22.99 10.65 3.34
N LYS A 288 -23.91 11.20 2.55
CA LYS A 288 -24.54 10.46 1.47
C LYS A 288 -25.21 11.41 0.49
N PHE A 289 -25.33 10.95 -0.74
CA PHE A 289 -26.11 11.62 -1.78
C PHE A 289 -27.44 10.90 -1.94
N VAL A 290 -28.40 11.56 -2.60
CA VAL A 290 -29.67 10.93 -2.92
C VAL A 290 -30.07 11.23 -4.36
N ASN A 291 -31.27 10.80 -4.75
CA ASN A 291 -31.81 11.06 -6.08
C ASN A 291 -32.86 12.16 -6.03
N GLY A 292 -32.96 12.91 -7.13
CA GLY A 292 -33.63 14.18 -7.09
C GLY A 292 -32.92 15.17 -6.19
N GLU A 293 -31.59 15.06 -6.14
CA GLU A 293 -30.76 15.75 -5.15
C GLU A 293 -30.66 17.23 -5.47
N ASN A 294 -30.20 17.98 -4.48
CA ASN A 294 -29.69 19.32 -4.69
C ASN A 294 -28.24 19.46 -4.26
N THR A 295 -27.92 19.02 -3.05
CA THR A 295 -26.56 19.06 -2.50
C THR A 295 -26.34 17.75 -1.77
N LYS A 296 -25.33 17.72 -0.92
CA LYS A 296 -24.98 16.53 -0.17
C LYS A 296 -25.62 16.56 1.21
N ARG A 297 -26.00 15.38 1.71
CA ARG A 297 -26.41 15.21 3.09
C ARG A 297 -25.15 14.99 3.93
N LYS A 298 -24.77 16.01 4.70
CA LYS A 298 -23.47 16.03 5.34
C LYS A 298 -23.45 15.12 6.58
N GLY A 299 -22.28 15.04 7.21
CA GLY A 299 -22.09 14.22 8.39
C GLY A 299 -21.07 14.88 9.29
N ILE A 300 -20.80 14.23 10.43
CA ILE A 300 -20.07 14.86 11.53
C ILE A 300 -18.63 15.18 11.17
N ASN A 301 -18.04 14.48 10.22
CA ASN A 301 -16.70 14.83 9.83
C ASN A 301 -16.67 15.87 8.72
N GLU A 302 -17.84 16.21 8.15
CA GLU A 302 -18.00 17.35 7.25
C GLU A 302 -18.50 18.59 7.96
N TYR A 303 -19.38 18.45 8.96
CA TYR A 303 -19.81 19.60 9.76
C TYR A 303 -18.67 20.14 10.59
N ILE A 304 -17.72 19.31 10.95
CA ILE A 304 -16.56 19.84 11.62
C ILE A 304 -15.68 20.62 10.67
N ASN A 305 -15.73 20.34 9.36
CA ASN A 305 -14.93 21.10 8.41
C ASN A 305 -15.48 22.51 8.23
N LEU A 306 -16.79 22.63 8.12
CA LEU A 306 -17.47 23.90 7.95
C LEU A 306 -17.49 24.75 9.22
N TYR A 307 -16.92 24.28 10.31
CA TYR A 307 -16.67 25.13 11.46
C TYR A 307 -15.19 25.33 11.73
N SER A 308 -14.35 24.41 11.26
CA SER A 308 -12.93 24.48 11.60
C SER A 308 -12.24 25.57 10.81
N GLN A 309 -12.37 25.54 9.49
CA GLN A 309 -11.72 26.49 8.61
C GLN A 309 -12.56 27.73 8.34
N GLN A 310 -13.89 27.59 8.36
CA GLN A 310 -14.83 28.62 7.94
C GLN A 310 -15.00 29.70 8.99
N ILE A 311 -14.64 29.41 10.24
CA ILE A 311 -14.92 30.34 11.32
C ILE A 311 -13.63 30.95 11.84
N ASN A 312 -12.58 30.14 11.97
CA ASN A 312 -11.37 30.63 12.61
C ASN A 312 -10.15 29.92 12.04
N ASP A 313 -8.97 30.35 12.49
CA ASP A 313 -7.76 29.54 12.34
C ASP A 313 -7.79 28.45 13.40
N LYS A 314 -7.37 27.26 13.01
CA LYS A 314 -7.93 26.06 13.59
C LYS A 314 -6.90 25.10 14.16
N THR A 315 -7.38 24.34 15.14
CA THR A 315 -6.80 23.07 15.55
C THR A 315 -7.91 22.03 15.71
N LEU A 316 -9.13 22.38 15.32
CA LEU A 316 -10.30 21.49 15.34
C LEU A 316 -10.35 20.54 14.16
N LYS A 317 -9.32 20.51 13.30
CA LYS A 317 -9.26 19.46 12.30
C LYS A 317 -8.99 18.11 12.97
N LYS A 318 -8.24 18.12 14.07
CA LYS A 318 -7.79 16.89 14.73
C LYS A 318 -8.85 16.25 15.61
N TYR A 319 -10.11 16.61 15.45
CA TYR A 319 -11.23 15.84 15.96
C TYR A 319 -11.91 15.17 14.78
N LYS A 320 -11.09 14.77 13.82
CA LYS A 320 -11.51 14.07 12.61
C LYS A 320 -11.78 12.62 12.97
N MET A 321 -13.03 12.20 12.91
CA MET A 321 -13.43 10.91 13.42
C MET A 321 -13.38 9.86 12.30
N SER A 322 -12.71 8.75 12.59
CA SER A 322 -12.49 7.70 11.61
C SER A 322 -13.78 6.98 11.27
N VAL A 323 -13.89 6.56 10.03
CA VAL A 323 -14.94 5.64 9.64
C VAL A 323 -14.51 4.23 10.00
N LEU A 324 -15.47 3.36 10.29
CA LEU A 324 -15.12 2.04 10.79
C LEU A 324 -14.89 1.06 9.64
N PHE A 325 -13.86 0.23 9.81
CA PHE A 325 -13.49 -0.79 8.83
C PHE A 325 -14.63 -1.76 8.60
N LYS A 326 -14.70 -2.29 7.38
CA LYS A 326 -15.80 -3.16 7.02
C LYS A 326 -15.61 -4.52 7.66
N GLN A 327 -16.71 -5.28 7.74
CA GLN A 327 -16.66 -6.61 8.29
C GLN A 327 -16.12 -7.56 7.23
N ILE A 328 -15.35 -8.57 7.68
CA ILE A 328 -14.73 -9.54 6.78
C ILE A 328 -15.80 -10.30 6.02
N LEU A 329 -15.53 -10.56 4.73
CA LEU A 329 -16.34 -11.30 3.76
C LEU A 329 -17.65 -10.63 3.40
N SER A 330 -17.83 -9.36 3.73
CA SER A 330 -19.13 -8.72 3.64
C SER A 330 -19.32 -8.01 2.31
N ASP A 331 -20.45 -8.28 1.67
CA ASP A 331 -20.91 -7.53 0.49
C ASP A 331 -21.41 -6.20 0.99
N THR A 332 -20.59 -5.16 0.89
CA THR A 332 -20.90 -3.88 1.50
C THR A 332 -21.96 -3.12 0.72
N GLU A 333 -22.76 -2.35 1.45
CA GLU A 333 -23.77 -1.48 0.89
C GLU A 333 -23.26 -0.05 0.89
N SER A 334 -24.05 0.86 0.33
CA SER A 334 -23.58 2.23 0.16
C SER A 334 -24.45 3.27 0.85
N LYS A 335 -25.78 3.18 0.66
CA LYS A 335 -26.77 4.20 1.06
C LYS A 335 -26.47 5.56 0.45
N SER A 336 -25.81 5.60 -0.72
CA SER A 336 -25.26 6.84 -1.24
C SER A 336 -25.42 6.97 -2.75
N PHE A 337 -26.38 6.26 -3.35
CA PHE A 337 -26.65 6.27 -4.78
C PHE A 337 -25.45 5.88 -5.63
N VAL A 338 -25.14 4.58 -5.66
CA VAL A 338 -24.22 4.08 -6.67
C VAL A 338 -24.80 4.31 -8.06
N ILE A 339 -23.91 4.60 -9.01
CA ILE A 339 -24.32 4.94 -10.37
C ILE A 339 -24.44 3.68 -11.21
N ASP A 340 -25.43 3.66 -12.10
CA ASP A 340 -25.81 2.48 -12.86
C ASP A 340 -24.75 2.23 -13.92
N LYS A 341 -23.70 1.51 -13.53
CA LYS A 341 -22.57 1.30 -14.42
C LYS A 341 -22.90 0.28 -15.50
N LEU A 342 -22.31 0.48 -16.67
CA LEU A 342 -22.63 -0.23 -17.90
C LEU A 342 -21.54 -1.23 -18.25
N GLU A 343 -21.86 -2.12 -19.19
CA GLU A 343 -21.20 -3.41 -19.28
C GLU A 343 -20.30 -3.60 -20.50
N ASP A 344 -20.60 -3.00 -21.64
CA ASP A 344 -19.92 -3.35 -22.88
C ASP A 344 -19.69 -2.08 -23.68
N ASP A 345 -19.38 -2.25 -24.97
CA ASP A 345 -19.18 -1.11 -25.86
C ASP A 345 -20.45 -0.68 -26.56
N SER A 346 -21.51 -1.48 -26.52
CA SER A 346 -22.76 -1.06 -27.12
C SER A 346 -23.53 -0.07 -26.27
N ASP A 347 -22.98 0.32 -25.12
CA ASP A 347 -23.52 1.39 -24.29
C ASP A 347 -22.82 2.71 -24.54
N VAL A 348 -21.48 2.72 -24.48
CA VAL A 348 -20.66 3.92 -24.64
C VAL A 348 -20.82 4.58 -26.00
N VAL A 349 -21.35 3.88 -27.00
CA VAL A 349 -21.72 4.52 -28.23
C VAL A 349 -23.24 4.49 -28.44
N THR A 350 -24.00 4.27 -27.38
CA THR A 350 -25.45 4.47 -27.39
C THR A 350 -25.92 5.35 -26.24
N THR A 351 -25.33 5.19 -25.05
CA THR A 351 -25.62 6.09 -23.93
C THR A 351 -25.09 7.49 -24.23
N MET A 352 -23.83 7.56 -24.65
CA MET A 352 -23.24 8.81 -25.11
C MET A 352 -23.92 9.32 -26.38
N GLN A 353 -24.40 8.41 -27.21
CA GLN A 353 -25.01 8.84 -28.47
C GLN A 353 -26.42 9.36 -28.25
N SER A 354 -27.16 8.84 -27.27
CA SER A 354 -28.52 9.30 -27.04
C SER A 354 -28.58 10.60 -26.26
N PHE A 355 -27.49 11.01 -25.64
CA PHE A 355 -27.45 12.31 -24.99
C PHE A 355 -27.42 13.43 -26.01
N TYR A 356 -26.49 13.37 -26.95
CA TYR A 356 -26.36 14.40 -27.96
C TYR A 356 -27.46 14.35 -29.01
N GLU A 357 -28.23 13.26 -29.06
CA GLU A 357 -29.49 13.28 -29.77
C GLU A 357 -30.51 14.17 -29.07
N GLN A 358 -30.41 14.27 -27.75
CA GLN A 358 -31.41 14.96 -26.94
C GLN A 358 -31.00 16.40 -26.64
N ILE A 359 -29.74 16.74 -26.82
CA ILE A 359 -29.29 18.12 -26.65
C ILE A 359 -29.50 18.92 -27.93
N ALA A 360 -28.93 18.45 -29.03
CA ALA A 360 -28.94 19.22 -30.27
C ALA A 360 -30.29 19.19 -30.97
N ALA A 361 -31.24 18.37 -30.52
CA ALA A 361 -32.52 18.23 -31.19
C ALA A 361 -33.66 18.30 -30.18
N PHE A 362 -33.63 19.29 -29.30
CA PHE A 362 -34.69 19.52 -28.34
C PHE A 362 -35.36 20.86 -28.61
N LYS A 363 -36.67 20.84 -28.80
CA LYS A 363 -37.47 22.04 -28.94
C LYS A 363 -38.47 22.08 -27.78
N THR A 364 -38.45 23.17 -27.03
CA THR A 364 -39.25 23.30 -25.82
C THR A 364 -40.71 23.56 -26.17
N VAL A 365 -41.54 23.70 -25.12
CA VAL A 365 -42.91 24.15 -25.34
C VAL A 365 -42.99 25.66 -25.51
N GLU A 366 -41.94 26.39 -25.15
CA GLU A 366 -41.82 27.80 -25.49
C GLU A 366 -41.02 28.04 -26.76
N GLU A 367 -40.86 26.99 -27.60
CA GLU A 367 -40.41 27.05 -28.98
C GLU A 367 -39.01 27.68 -29.10
N LYS A 368 -38.04 26.95 -28.55
CA LYS A 368 -36.66 27.39 -28.58
C LYS A 368 -35.77 26.16 -28.61
N SER A 369 -34.49 26.37 -28.92
CA SER A 369 -33.51 25.31 -28.80
C SER A 369 -32.53 25.66 -27.67
N ILE A 370 -31.70 24.68 -27.32
CA ILE A 370 -30.71 24.92 -26.27
C ILE A 370 -29.61 25.83 -26.78
N LYS A 371 -29.30 25.74 -28.06
CA LYS A 371 -28.21 26.54 -28.62
C LYS A 371 -28.65 27.96 -28.92
N GLU A 372 -29.89 28.14 -29.39
CA GLU A 372 -30.41 29.46 -29.75
C GLU A 372 -31.14 30.13 -28.60
N THR A 373 -30.85 29.77 -27.35
CA THR A 373 -31.35 30.52 -26.21
C THR A 373 -30.21 30.80 -25.23
N LEU A 374 -28.98 30.79 -25.73
CA LEU A 374 -27.88 31.45 -25.09
C LEU A 374 -27.20 32.44 -26.03
N SER A 375 -27.50 32.35 -27.33
CA SER A 375 -27.23 33.41 -28.29
C SER A 375 -28.38 34.39 -28.42
N LEU A 376 -29.51 34.11 -27.75
CA LEU A 376 -30.67 34.98 -27.74
C LEU A 376 -30.97 35.53 -26.35
N LEU A 377 -30.60 34.80 -25.30
CA LEU A 377 -30.85 35.24 -23.93
C LEU A 377 -29.66 35.91 -23.29
N PHE A 378 -28.44 35.47 -23.59
CA PHE A 378 -27.26 36.18 -23.12
C PHE A 378 -26.89 37.34 -24.05
N ASP A 379 -27.52 37.41 -25.22
CA ASP A 379 -27.40 38.59 -26.06
C ASP A 379 -28.29 39.71 -25.55
N ASP A 380 -29.38 39.36 -24.85
CA ASP A 380 -30.21 40.36 -24.20
C ASP A 380 -29.52 40.99 -23.00
N LEU A 381 -28.48 40.34 -22.48
CA LEU A 381 -27.60 40.96 -21.49
C LEU A 381 -26.80 42.12 -22.09
N LYS A 382 -26.63 42.16 -23.41
CA LYS A 382 -25.89 43.25 -24.05
C LYS A 382 -26.75 44.48 -24.24
N ALA A 383 -27.99 44.31 -24.70
CA ALA A 383 -28.89 45.41 -24.96
C ALA A 383 -29.69 45.82 -23.74
N GLN A 384 -29.25 45.40 -22.53
CA GLN A 384 -29.84 45.62 -21.20
C GLN A 384 -31.36 45.46 -21.15
N LYS A 385 -31.89 44.50 -21.93
CA LYS A 385 -33.33 44.25 -21.91
C LYS A 385 -33.78 43.57 -20.64
N LEU A 386 -32.86 42.94 -19.92
CA LEU A 386 -33.11 42.40 -18.59
C LEU A 386 -32.37 43.24 -17.55
N ASP A 387 -33.03 43.50 -16.43
CA ASP A 387 -32.40 44.24 -15.35
C ASP A 387 -31.32 43.40 -14.70
N LEU A 388 -30.23 44.04 -14.31
CA LEU A 388 -29.00 43.37 -13.93
C LEU A 388 -28.92 43.15 -12.42
N SER A 389 -30.05 43.25 -11.72
CA SER A 389 -30.09 42.96 -10.29
C SER A 389 -30.70 41.61 -9.96
N LYS A 390 -31.59 41.08 -10.80
CA LYS A 390 -32.05 39.70 -10.64
C LYS A 390 -31.16 38.71 -11.38
N ILE A 391 -30.06 39.16 -11.96
CA ILE A 391 -29.05 38.29 -12.54
C ILE A 391 -27.97 38.10 -11.48
N TYR A 392 -27.59 36.86 -11.24
CA TYR A 392 -26.75 36.54 -10.09
C TYR A 392 -25.61 35.61 -10.48
N PHE A 393 -24.40 35.97 -10.07
CA PHE A 393 -23.28 35.03 -10.10
C PHE A 393 -23.32 34.12 -8.89
N LYS A 394 -22.22 33.44 -8.63
CA LYS A 394 -22.13 32.52 -7.51
C LYS A 394 -20.70 32.58 -7.01
N ASN A 395 -20.48 33.36 -5.95
CA ASN A 395 -19.13 33.59 -5.43
C ASN A 395 -18.65 32.38 -4.63
N ASP A 396 -18.43 31.27 -5.34
CA ASP A 396 -17.63 30.20 -4.77
C ASP A 396 -16.37 29.93 -5.58
N LYS A 397 -16.48 29.52 -6.85
CA LYS A 397 -15.33 29.48 -7.74
C LYS A 397 -15.65 29.90 -9.16
N SER A 398 -16.92 29.83 -9.59
CA SER A 398 -17.29 30.15 -10.97
C SER A 398 -17.10 31.63 -11.28
N LEU A 399 -17.18 32.49 -10.27
CA LEU A 399 -16.89 33.90 -10.44
C LEU A 399 -15.39 34.14 -10.56
N THR A 400 -14.59 33.53 -9.68
CA THR A 400 -13.15 33.75 -9.72
C THR A 400 -12.52 33.01 -10.89
N ASP A 401 -13.16 31.93 -11.35
CA ASP A 401 -12.77 31.32 -12.63
C ASP A 401 -13.07 32.24 -13.79
N LEU A 402 -14.18 32.98 -13.73
CA LEU A 402 -14.50 33.96 -14.76
C LEU A 402 -13.55 35.15 -14.74
N SER A 403 -12.86 35.37 -13.62
CA SER A 403 -11.91 36.46 -13.53
C SER A 403 -10.66 36.19 -14.37
N GLN A 404 -9.95 35.10 -14.08
CA GLN A 404 -8.81 34.74 -14.94
C GLN A 404 -9.25 33.78 -16.05
N GLN A 405 -10.29 34.22 -16.74
CA GLN A 405 -10.65 33.74 -18.06
C GLN A 405 -10.95 34.89 -18.99
N VAL A 406 -11.26 36.07 -18.44
CA VAL A 406 -11.61 37.26 -19.21
C VAL A 406 -10.57 38.34 -18.95
N PHE A 407 -10.00 38.36 -17.75
CA PHE A 407 -9.16 39.46 -17.31
C PHE A 407 -7.71 39.08 -17.07
N ASP A 408 -7.36 37.81 -17.24
CA ASP A 408 -6.01 37.26 -17.01
C ASP A 408 -5.52 37.52 -15.59
N ASP A 409 -6.45 37.60 -14.63
CA ASP A 409 -6.13 37.77 -13.22
C ASP A 409 -7.33 37.34 -12.40
N TYR A 410 -7.07 36.56 -11.35
CA TYR A 410 -8.14 36.09 -10.47
C TYR A 410 -8.70 37.21 -9.60
N SER A 411 -7.88 38.16 -9.21
CA SER A 411 -8.26 39.18 -8.23
C SER A 411 -8.67 40.45 -8.96
N VAL A 412 -9.82 40.38 -9.65
CA VAL A 412 -10.41 41.57 -10.22
C VAL A 412 -11.82 41.75 -9.66
N ILE A 413 -12.70 40.78 -9.92
CA ILE A 413 -14.07 40.88 -9.43
C ILE A 413 -14.10 40.66 -7.92
N GLY A 414 -13.10 39.98 -7.37
CA GLY A 414 -12.99 39.88 -5.93
C GLY A 414 -12.61 41.20 -5.28
N THR A 415 -11.60 41.89 -5.83
CA THR A 415 -11.16 43.17 -5.29
C THR A 415 -11.85 44.35 -5.97
N ALA A 416 -13.03 44.15 -6.55
CA ALA A 416 -13.88 45.25 -6.96
C ALA A 416 -15.18 45.33 -6.18
N VAL A 417 -15.62 44.23 -5.57
CA VAL A 417 -16.64 44.32 -4.54
C VAL A 417 -16.02 44.56 -3.17
N LEU A 418 -14.72 44.32 -3.02
CA LEU A 418 -14.02 44.70 -1.79
C LEU A 418 -13.86 46.22 -1.71
N GLU A 419 -13.54 46.85 -2.83
CA GLU A 419 -13.44 48.30 -2.91
C GLU A 419 -14.78 48.98 -3.17
N TYR A 420 -15.87 48.23 -3.11
CA TYR A 420 -17.23 48.74 -3.20
C TYR A 420 -17.99 48.63 -1.89
N ILE A 421 -17.75 47.59 -1.11
CA ILE A 421 -18.46 47.41 0.15
C ILE A 421 -17.88 48.31 1.25
N THR A 422 -16.66 48.83 1.05
CA THR A 422 -16.04 49.70 2.03
C THR A 422 -16.35 51.18 1.79
N GLN A 423 -17.11 51.52 0.75
CA GLN A 423 -17.40 52.93 0.50
C GLN A 423 -18.89 53.18 0.25
N GLN A 424 -19.61 52.18 -0.26
CA GLN A 424 -21.00 52.38 -0.62
C GLN A 424 -21.95 51.97 0.50
N ILE A 425 -21.91 50.70 0.90
CA ILE A 425 -22.79 50.24 1.97
C ILE A 425 -22.21 50.58 3.35
N ALA A 426 -20.95 50.98 3.41
CA ALA A 426 -20.32 51.37 4.66
C ALA A 426 -19.64 52.72 4.51
N PRO A 427 -19.81 53.62 5.48
CA PRO A 427 -19.17 54.95 5.38
C PRO A 427 -17.70 54.92 5.74
N LYS A 428 -17.07 56.10 5.80
CA LYS A 428 -15.67 56.21 6.18
C LYS A 428 -15.50 56.40 7.69
N ASN A 429 -16.47 55.99 8.49
CA ASN A 429 -16.39 56.08 9.94
C ASN A 429 -15.64 54.92 10.57
N LEU A 430 -15.41 53.84 9.82
CA LEU A 430 -14.70 52.64 10.25
C LEU A 430 -15.35 52.01 11.49
N ASP A 431 -16.63 51.69 11.35
CA ASP A 431 -17.41 51.12 12.44
C ASP A 431 -17.08 49.63 12.56
N ASN A 432 -16.27 49.29 13.57
CA ASN A 432 -15.81 47.96 13.95
C ASN A 432 -15.17 47.20 12.78
N PRO A 433 -13.94 47.54 12.38
CA PRO A 433 -13.28 46.78 11.29
C PRO A 433 -12.92 45.34 11.68
N SER A 434 -12.28 45.15 12.84
CA SER A 434 -11.83 43.83 13.28
C SER A 434 -12.72 43.26 14.37
N LYS A 435 -13.18 44.11 15.30
CA LYS A 435 -14.04 43.67 16.40
C LYS A 435 -15.49 43.70 15.95
N LYS A 436 -15.80 42.79 15.02
CA LYS A 436 -17.14 42.66 14.48
C LYS A 436 -17.35 41.19 14.10
N GLU A 437 -18.36 40.92 13.29
CA GLU A 437 -18.59 39.58 12.77
C GLU A 437 -17.44 39.13 11.87
N GLN A 438 -17.27 39.82 10.74
CA GLN A 438 -16.26 39.56 9.72
C GLN A 438 -16.28 38.11 9.21
N GLU A 439 -17.46 37.50 9.16
CA GLU A 439 -17.58 36.06 8.94
C GLU A 439 -18.77 35.81 8.02
N LEU A 440 -19.20 34.55 7.97
CA LEU A 440 -20.22 34.13 7.00
C LEU A 440 -21.61 34.56 7.40
N ILE A 441 -21.82 34.92 8.67
CA ILE A 441 -23.17 35.20 9.16
C ILE A 441 -23.64 36.58 8.67
N ALA A 442 -22.92 37.62 9.06
CA ALA A 442 -23.34 38.99 8.78
C ALA A 442 -22.53 39.68 7.70
N LYS A 443 -21.24 39.36 7.56
CA LYS A 443 -20.36 40.05 6.61
C LYS A 443 -20.30 39.35 5.26
N LYS A 444 -19.97 38.05 5.24
CA LYS A 444 -19.89 37.29 4.00
C LYS A 444 -21.29 36.81 3.64
N THR A 445 -22.05 37.71 3.01
CA THR A 445 -23.41 37.43 2.57
C THR A 445 -23.47 36.93 1.12
N GLU A 446 -22.36 36.41 0.61
CA GLU A 446 -22.30 35.96 -0.77
C GLU A 446 -21.56 34.64 -0.93
N LYS A 447 -21.14 34.00 0.15
CA LYS A 447 -20.62 32.64 0.13
C LYS A 447 -21.67 31.66 -0.33
N ALA A 448 -22.71 31.49 0.49
CA ALA A 448 -23.82 30.59 0.16
C ALA A 448 -24.83 31.28 -0.73
N LYS A 449 -24.90 32.60 -0.65
CA LYS A 449 -25.81 33.40 -1.46
C LYS A 449 -25.10 33.88 -2.70
N TYR A 450 -25.81 34.67 -3.49
CA TYR A 450 -25.43 34.91 -4.87
C TYR A 450 -25.09 36.39 -5.05
N LEU A 451 -23.83 36.67 -5.39
CA LEU A 451 -23.34 38.02 -5.54
C LEU A 451 -23.89 38.61 -6.83
N SER A 452 -24.71 39.66 -6.72
CA SER A 452 -25.44 40.19 -7.87
C SER A 452 -24.52 40.91 -8.83
N LEU A 453 -24.94 40.96 -10.10
CA LEU A 453 -24.18 41.69 -11.11
C LEU A 453 -24.41 43.20 -10.98
N GLU A 454 -25.47 43.61 -10.30
CA GLU A 454 -25.64 45.02 -9.97
C GLU A 454 -24.54 45.48 -9.02
N THR A 455 -24.05 44.58 -8.17
CA THR A 455 -22.89 44.83 -7.32
C THR A 455 -21.58 44.65 -8.09
N ILE A 456 -21.65 44.38 -9.39
CA ILE A 456 -20.48 44.20 -10.24
C ILE A 456 -20.48 45.30 -11.30
N LYS A 457 -21.68 45.72 -11.71
CA LYS A 457 -21.83 46.71 -12.77
C LYS A 457 -21.28 48.06 -12.35
N LEU A 458 -21.84 48.65 -11.30
CA LEU A 458 -21.37 49.92 -10.78
C LEU A 458 -20.31 49.76 -9.69
N ALA A 459 -19.62 48.63 -9.65
CA ALA A 459 -18.40 48.48 -8.88
C ALA A 459 -17.16 48.31 -9.74
N LEU A 460 -17.30 47.69 -10.91
CA LEU A 460 -16.21 47.70 -11.87
C LEU A 460 -16.06 49.07 -12.51
N GLU A 461 -17.16 49.82 -12.62
CA GLU A 461 -17.06 51.21 -13.05
C GLU A 461 -16.35 52.07 -12.01
N GLU A 462 -16.49 51.72 -10.73
CA GLU A 462 -15.71 52.36 -9.70
C GLU A 462 -14.31 51.78 -9.59
N PHE A 463 -14.08 50.59 -10.15
CA PHE A 463 -12.74 50.01 -10.13
C PHE A 463 -11.80 50.71 -11.10
N ASN A 464 -12.34 51.28 -12.18
CA ASN A 464 -11.53 51.96 -13.18
C ASN A 464 -11.29 53.43 -12.85
N LYS A 465 -11.66 53.87 -11.65
CA LYS A 465 -11.41 55.26 -11.26
C LYS A 465 -10.01 55.48 -10.73
N HIS A 466 -9.20 54.43 -10.58
CA HIS A 466 -7.84 54.56 -10.07
C HIS A 466 -6.86 53.66 -10.83
N ARG A 467 -7.19 53.31 -12.07
CA ARG A 467 -6.34 52.45 -12.87
C ARG A 467 -5.15 53.23 -13.41
N ASP A 468 -4.17 52.48 -13.93
CA ASP A 468 -2.99 53.11 -14.52
C ASP A 468 -3.26 53.54 -15.96
N ILE A 469 -3.58 52.58 -16.83
CA ILE A 469 -3.95 52.87 -18.20
C ILE A 469 -5.45 53.17 -18.27
N ASP A 470 -5.91 53.73 -19.38
CA ASP A 470 -7.32 54.07 -19.53
C ASP A 470 -8.14 52.84 -19.92
N LYS A 471 -7.81 52.23 -21.05
CA LYS A 471 -8.54 51.07 -21.55
C LYS A 471 -8.13 49.84 -20.73
N GLN A 472 -8.89 49.59 -19.66
CA GLN A 472 -8.60 48.47 -18.77
C GLN A 472 -9.80 47.57 -18.58
N CYS A 473 -9.72 46.66 -17.61
CA CYS A 473 -10.78 45.68 -17.37
C CYS A 473 -12.03 46.36 -16.83
N ARG A 474 -13.16 46.03 -17.42
CA ARG A 474 -14.43 46.62 -17.03
C ARG A 474 -15.54 45.61 -17.34
N PHE A 475 -16.79 46.06 -17.29
CA PHE A 475 -17.88 45.10 -17.19
C PHE A 475 -18.26 44.47 -18.52
N GLU A 476 -18.07 45.16 -19.64
CA GLU A 476 -18.55 44.57 -20.90
C GLU A 476 -17.65 43.46 -21.42
N GLU A 477 -16.48 43.24 -20.84
CA GLU A 477 -15.70 42.05 -21.19
C GLU A 477 -16.26 40.80 -20.52
N ILE A 478 -16.66 40.90 -19.25
CA ILE A 478 -17.43 39.84 -18.60
C ILE A 478 -18.73 39.62 -19.33
N LEU A 479 -19.39 40.70 -19.72
CA LEU A 479 -20.72 40.66 -20.28
C LEU A 479 -20.74 40.08 -21.69
N ALA A 480 -19.62 40.10 -22.40
CA ALA A 480 -19.54 39.56 -23.74
C ALA A 480 -18.95 38.17 -23.79
N ASN A 481 -18.46 37.64 -22.66
CA ASN A 481 -18.00 36.25 -22.63
C ASN A 481 -19.17 35.29 -22.78
N PHE A 482 -20.25 35.55 -22.06
CA PHE A 482 -21.44 34.71 -22.16
C PHE A 482 -22.21 34.93 -23.45
N ALA A 483 -21.90 36.00 -24.19
CA ALA A 483 -22.38 36.08 -25.57
C ALA A 483 -21.61 35.14 -26.47
N ALA A 484 -20.38 34.78 -26.07
CA ALA A 484 -19.54 33.88 -26.86
C ALA A 484 -19.55 32.46 -26.32
N ILE A 485 -20.31 32.18 -25.26
CA ILE A 485 -20.47 30.81 -24.77
C ILE A 485 -21.34 29.92 -25.66
N PRO A 486 -22.37 30.40 -26.48
CA PRO A 486 -23.05 29.41 -27.34
C PRO A 486 -22.32 29.12 -28.65
N MET A 487 -21.05 29.51 -28.74
CA MET A 487 -20.19 29.01 -29.80
C MET A 487 -19.57 27.67 -29.46
N ILE A 488 -19.46 27.35 -28.17
CA ILE A 488 -19.05 26.01 -27.76
C ILE A 488 -20.20 25.02 -27.98
N PHE A 489 -21.44 25.54 -27.99
CA PHE A 489 -22.60 24.76 -28.43
C PHE A 489 -22.46 24.28 -29.87
N ASP A 490 -21.74 25.01 -30.71
CA ASP A 490 -21.53 24.58 -32.08
C ASP A 490 -20.25 23.76 -32.24
N GLU A 491 -19.34 23.81 -31.25
CA GLU A 491 -18.20 22.91 -31.29
C GLU A 491 -18.60 21.49 -30.92
N ILE A 492 -19.53 21.32 -29.99
CA ILE A 492 -20.23 20.04 -29.84
C ILE A 492 -21.32 20.02 -30.90
N ALA A 493 -21.87 18.84 -31.16
CA ALA A 493 -22.82 18.54 -32.24
C ALA A 493 -22.29 18.83 -33.63
N GLN A 494 -20.98 19.05 -33.77
CA GLN A 494 -20.28 19.01 -35.05
C GLN A 494 -19.08 18.10 -34.82
N ASN A 495 -18.57 18.10 -33.60
CA ASN A 495 -17.67 17.05 -33.14
C ASN A 495 -18.41 15.74 -32.94
N LYS A 496 -19.71 15.81 -32.62
CA LYS A 496 -20.51 14.59 -32.54
C LYS A 496 -20.84 14.07 -33.94
N ASP A 497 -21.08 14.95 -34.90
CA ASP A 497 -21.19 14.50 -36.27
C ASP A 497 -19.85 14.05 -36.84
N ASN A 498 -18.75 14.51 -36.24
CA ASN A 498 -17.43 14.03 -36.65
C ASN A 498 -17.23 12.57 -36.26
N LEU A 499 -17.74 12.17 -35.10
CA LEU A 499 -17.59 10.78 -34.66
C LEU A 499 -18.79 9.93 -35.06
N ALA A 500 -19.15 9.96 -36.34
CA ALA A 500 -20.16 9.07 -36.87
C ALA A 500 -19.59 7.77 -37.40
N GLN A 501 -18.26 7.72 -37.57
CA GLN A 501 -17.59 6.54 -38.10
C GLN A 501 -16.92 5.70 -37.03
N ILE A 502 -16.77 6.22 -35.80
CA ILE A 502 -16.21 5.45 -34.70
C ILE A 502 -17.21 5.20 -33.60
N SER A 503 -18.44 5.68 -33.73
CA SER A 503 -19.57 5.17 -32.97
C SER A 503 -20.31 4.11 -33.75
N ILE A 504 -19.74 3.66 -34.87
CA ILE A 504 -20.29 2.55 -35.63
C ILE A 504 -19.33 1.36 -35.69
N LYS A 505 -18.04 1.55 -35.43
CA LYS A 505 -17.12 0.43 -35.27
C LYS A 505 -17.16 -0.16 -33.87
N TYR A 506 -18.09 0.29 -33.03
CA TYR A 506 -18.27 -0.30 -31.70
C TYR A 506 -19.74 -0.54 -31.36
N GLN A 507 -20.65 -0.45 -32.32
CA GLN A 507 -22.06 -0.71 -32.05
C GLN A 507 -22.32 -2.20 -32.24
N ASN A 508 -21.97 -2.95 -31.20
CA ASN A 508 -22.15 -4.40 -31.15
C ASN A 508 -22.09 -4.85 -29.69
N GLN A 509 -23.08 -5.64 -29.28
CA GLN A 509 -23.23 -5.98 -27.87
C GLN A 509 -22.14 -6.94 -27.42
N GLY A 510 -21.57 -6.66 -26.24
CA GLY A 510 -20.59 -7.54 -25.66
C GLY A 510 -19.21 -7.47 -26.26
N LYS A 511 -18.87 -6.39 -26.96
CA LYS A 511 -17.58 -6.31 -27.62
C LYS A 511 -16.45 -6.14 -26.62
N LYS A 512 -16.57 -5.13 -25.75
CA LYS A 512 -15.66 -4.85 -24.63
C LYS A 512 -14.24 -4.58 -25.14
N ASP A 513 -14.15 -3.57 -26.00
CA ASP A 513 -12.94 -3.27 -26.78
C ASP A 513 -12.48 -1.83 -26.64
N LEU A 514 -13.32 -0.91 -26.15
CA LEU A 514 -12.87 0.46 -25.90
C LEU A 514 -11.78 0.51 -24.84
N LEU A 515 -11.77 -0.44 -23.93
CA LEU A 515 -10.76 -0.52 -22.88
C LEU A 515 -9.52 -1.29 -23.30
N GLN A 516 -9.43 -1.70 -24.57
CA GLN A 516 -8.19 -2.26 -25.11
C GLN A 516 -7.28 -1.15 -25.58
N ALA A 517 -5.98 -1.46 -25.64
CA ALA A 517 -4.98 -0.50 -26.09
C ALA A 517 -5.00 -0.28 -27.59
N SER A 518 -5.78 -1.06 -28.34
CA SER A 518 -6.02 -0.79 -29.75
C SER A 518 -7.01 0.34 -29.96
N ALA A 519 -7.71 0.77 -28.91
CA ALA A 519 -8.60 1.92 -28.96
C ALA A 519 -8.05 3.11 -28.19
N GLU A 520 -6.73 3.12 -27.96
CA GLU A 520 -6.09 4.16 -27.15
C GLU A 520 -6.13 5.52 -27.83
N ASP A 521 -6.25 5.56 -29.15
CA ASP A 521 -6.36 6.81 -29.88
C ASP A 521 -7.77 7.13 -30.33
N ASP A 522 -8.74 6.26 -30.02
CA ASP A 522 -10.13 6.56 -30.29
C ASP A 522 -10.94 6.85 -29.03
N VAL A 523 -10.46 6.40 -27.87
CA VAL A 523 -10.94 6.92 -26.60
C VAL A 523 -10.67 8.42 -26.51
N LYS A 524 -9.53 8.86 -27.02
CA LYS A 524 -9.15 10.28 -27.04
C LYS A 524 -10.13 11.13 -27.86
N ALA A 525 -10.79 10.54 -28.85
CA ALA A 525 -11.84 11.25 -29.55
C ALA A 525 -13.16 11.21 -28.78
N ILE A 526 -13.42 10.11 -28.09
CA ILE A 526 -14.61 10.00 -27.25
C ILE A 526 -14.48 10.85 -25.99
N LYS A 527 -13.28 10.88 -25.40
CA LYS A 527 -13.09 11.65 -24.18
C LYS A 527 -13.19 13.15 -24.43
N ASP A 528 -12.48 13.67 -25.43
CA ASP A 528 -12.47 15.10 -25.67
C ASP A 528 -13.75 15.63 -26.28
N LEU A 529 -14.72 14.78 -26.57
CA LEU A 529 -16.06 15.24 -26.87
C LEU A 529 -16.91 15.37 -25.62
N LEU A 530 -16.55 14.64 -24.56
CA LEU A 530 -17.21 14.84 -23.29
C LEU A 530 -16.71 16.10 -22.60
N ASP A 531 -15.42 16.40 -22.74
CA ASP A 531 -14.86 17.57 -22.08
C ASP A 531 -15.12 18.87 -22.83
N GLN A 532 -15.70 18.82 -24.01
CA GLN A 532 -16.31 20.00 -24.61
C GLN A 532 -17.75 20.18 -24.15
N THR A 533 -18.24 19.28 -23.31
CA THR A 533 -19.52 19.43 -22.62
C THR A 533 -19.33 19.54 -21.12
N ASN A 534 -18.31 18.89 -20.57
CA ASN A 534 -17.97 19.05 -19.16
C ASN A 534 -17.50 20.48 -18.88
N ASN A 535 -16.54 20.97 -19.66
CA ASN A 535 -16.01 22.31 -19.49
C ASN A 535 -16.96 23.37 -20.00
N LEU A 536 -17.96 23.00 -20.81
CA LEU A 536 -19.04 23.91 -21.14
C LEU A 536 -19.93 24.17 -19.94
N LEU A 537 -20.13 23.16 -19.10
CA LEU A 537 -21.03 23.26 -17.96
C LEU A 537 -20.28 23.49 -16.66
N HIS A 538 -19.08 24.03 -16.75
CA HIS A 538 -18.49 24.79 -15.67
C HIS A 538 -18.49 26.27 -15.99
N LYS A 539 -19.01 26.64 -17.15
CA LYS A 539 -19.20 28.02 -17.55
C LYS A 539 -20.68 28.38 -17.55
N LEU A 540 -21.53 27.45 -17.13
CA LEU A 540 -22.90 27.75 -16.76
C LEU A 540 -23.20 27.38 -15.31
N LYS A 541 -22.17 27.02 -14.53
CA LYS A 541 -22.27 26.87 -13.09
C LYS A 541 -22.06 28.18 -12.35
N ILE A 542 -22.28 29.30 -13.00
CA ILE A 542 -22.22 30.59 -12.35
C ILE A 542 -23.62 31.16 -12.14
N PHE A 543 -24.60 30.75 -12.95
CA PHE A 543 -25.96 31.23 -12.88
C PHE A 543 -26.90 30.24 -12.22
N HIS A 544 -26.38 29.33 -11.39
CA HIS A 544 -27.15 28.18 -10.97
C HIS A 544 -27.74 28.41 -9.57
N ILE A 545 -29.07 28.36 -9.48
CA ILE A 545 -29.77 28.41 -8.21
C ILE A 545 -29.86 26.99 -7.64
N SER A 546 -29.02 26.70 -6.67
CA SER A 546 -29.08 25.43 -5.97
C SER A 546 -30.12 25.54 -4.86
N GLN A 547 -31.10 24.65 -4.88
CA GLN A 547 -32.22 24.72 -3.92
C GLN A 547 -31.76 24.26 -2.55
N SER A 548 -31.09 25.17 -1.86
CA SER A 548 -30.61 25.00 -0.49
C SER A 548 -31.05 26.18 0.35
N GLU A 549 -32.36 26.46 0.29
CA GLU A 549 -32.93 27.74 0.69
C GLU A 549 -32.75 28.02 2.18
N ASP A 550 -32.15 29.17 2.48
CA ASP A 550 -31.86 29.59 3.85
C ASP A 550 -33.13 30.20 4.44
N LYS A 551 -33.02 30.80 5.63
CA LYS A 551 -34.19 31.25 6.38
C LYS A 551 -34.79 32.52 5.75
N ALA A 552 -35.75 32.28 4.84
CA ALA A 552 -36.56 33.30 4.15
C ALA A 552 -35.70 34.30 3.39
N ASN A 553 -34.55 33.84 2.92
CA ASN A 553 -33.63 34.69 2.16
C ASN A 553 -33.78 34.44 0.67
N ILE A 554 -35.02 34.27 0.21
CA ILE A 554 -35.33 34.05 -1.20
C ILE A 554 -34.89 35.24 -2.03
N LEU A 555 -33.96 35.02 -2.96
CA LEU A 555 -33.45 36.11 -3.77
C LEU A 555 -34.41 36.37 -4.92
N ASP A 556 -34.69 37.65 -5.17
CA ASP A 556 -35.64 38.04 -6.20
C ASP A 556 -35.03 37.83 -7.59
N LYS A 557 -35.44 36.75 -8.25
CA LYS A 557 -34.91 36.44 -9.58
C LYS A 557 -35.93 35.59 -10.35
N ASP A 558 -36.71 36.23 -11.22
CA ASP A 558 -37.70 35.45 -11.97
C ASP A 558 -37.80 35.80 -13.45
N GLU A 559 -37.53 37.02 -13.86
CA GLU A 559 -37.98 37.51 -15.17
C GLU A 559 -37.06 36.97 -16.26
N HIS A 560 -37.51 35.90 -16.92
CA HIS A 560 -36.93 35.35 -18.14
C HIS A 560 -35.48 34.92 -17.98
N PHE A 561 -35.09 34.56 -16.77
CA PHE A 561 -33.73 34.11 -16.53
C PHE A 561 -33.67 32.85 -15.69
N TYR A 562 -34.78 32.36 -15.17
CA TYR A 562 -34.78 31.06 -14.53
C TYR A 562 -35.98 30.20 -14.94
N LEU A 563 -36.89 30.72 -15.76
CA LEU A 563 -37.76 29.90 -16.58
C LEU A 563 -37.14 29.63 -17.94
N VAL A 564 -35.89 30.07 -18.13
CA VAL A 564 -35.16 29.91 -19.38
C VAL A 564 -33.83 29.20 -19.15
N PHE A 565 -33.01 29.71 -18.23
CA PHE A 565 -31.70 29.14 -17.97
C PHE A 565 -31.80 27.77 -17.32
N GLU A 566 -32.55 27.67 -16.22
CA GLU A 566 -32.64 26.39 -15.51
C GLU A 566 -33.54 25.39 -16.22
N GLU A 567 -34.12 25.73 -17.36
CA GLU A 567 -34.73 24.75 -18.24
C GLU A 567 -33.72 24.15 -19.21
N CYS A 568 -32.76 24.95 -19.67
CA CYS A 568 -31.72 24.46 -20.57
C CYS A 568 -30.49 23.97 -19.83
N TYR A 569 -30.23 24.47 -18.63
CA TYR A 569 -29.19 23.89 -17.80
C TYR A 569 -29.61 22.52 -17.29
N PHE A 570 -30.92 22.28 -17.16
CA PHE A 570 -31.40 21.01 -16.62
C PHE A 570 -31.12 19.85 -17.56
N GLU A 571 -31.08 20.10 -18.87
CA GLU A 571 -30.72 19.03 -19.79
C GLU A 571 -29.22 18.85 -19.89
N LEU A 572 -28.48 19.93 -19.87
CA LEU A 572 -27.03 19.88 -19.99
C LEU A 572 -26.33 19.47 -18.71
N ALA A 573 -27.06 19.26 -17.62
CA ALA A 573 -26.45 18.83 -16.37
C ALA A 573 -26.37 17.32 -16.26
N ASN A 574 -26.66 16.60 -17.33
CA ASN A 574 -26.60 15.15 -17.35
C ASN A 574 -25.21 14.60 -17.63
N ILE A 575 -24.16 15.40 -17.39
CA ILE A 575 -22.79 14.95 -17.55
C ILE A 575 -22.32 14.50 -16.16
N VAL A 576 -23.24 14.48 -15.21
CA VAL A 576 -22.97 13.69 -14.01
C VAL A 576 -23.33 12.23 -14.32
N PRO A 577 -24.55 11.88 -14.86
CA PRO A 577 -24.70 10.50 -15.35
C PRO A 577 -24.42 10.30 -16.83
N LEU A 578 -23.36 10.86 -17.38
CA LEU A 578 -22.89 10.41 -18.67
C LEU A 578 -21.38 10.25 -18.64
N TYR A 579 -20.73 11.18 -17.96
CA TYR A 579 -19.27 11.21 -17.96
C TYR A 579 -18.72 10.13 -17.05
N ASN A 580 -19.48 9.70 -16.05
CA ASN A 580 -18.99 8.69 -15.11
C ASN A 580 -19.47 7.29 -15.40
N LYS A 581 -20.56 7.14 -16.16
CA LYS A 581 -20.90 5.84 -16.70
C LYS A 581 -19.90 5.42 -17.78
N ILE A 582 -19.19 6.38 -18.36
CA ILE A 582 -18.20 6.12 -19.39
C ILE A 582 -16.79 6.07 -18.83
N ARG A 583 -16.44 6.98 -17.92
CA ARG A 583 -15.09 7.00 -17.35
C ARG A 583 -14.81 5.75 -16.56
N ASN A 584 -15.82 5.18 -15.92
CA ASN A 584 -15.64 3.99 -15.12
C ASN A 584 -15.62 2.74 -15.96
N TYR A 585 -16.04 2.84 -17.23
CA TYR A 585 -15.96 1.72 -18.15
C TYR A 585 -14.65 1.72 -18.94
N ILE A 586 -14.13 2.89 -19.31
CA ILE A 586 -12.91 2.90 -20.09
C ILE A 586 -11.70 2.61 -19.20
N THR A 587 -11.74 3.05 -17.94
CA THR A 587 -10.55 3.02 -17.11
C THR A 587 -10.22 1.62 -16.60
N GLN A 588 -11.16 0.69 -16.68
CA GLN A 588 -10.91 -0.66 -16.20
C GLN A 588 -10.01 -1.43 -17.15
N LYS A 589 -9.16 -2.25 -16.57
CA LYS A 589 -8.28 -3.04 -17.41
C LYS A 589 -9.06 -4.19 -18.03
N PRO A 590 -8.67 -4.65 -19.22
CA PRO A 590 -9.35 -5.79 -19.82
C PRO A 590 -8.82 -7.08 -19.24
N TYR A 591 -9.70 -8.07 -19.14
CA TYR A 591 -9.37 -9.30 -18.44
C TYR A 591 -8.40 -10.13 -19.28
N SER A 592 -7.19 -10.29 -18.77
CA SER A 592 -6.23 -11.18 -19.37
C SER A 592 -6.64 -12.62 -19.12
N ASP A 593 -6.07 -13.52 -19.92
CA ASP A 593 -6.31 -14.94 -19.71
C ASP A 593 -5.55 -15.41 -18.47
N GLU A 594 -5.96 -16.56 -17.96
CA GLU A 594 -5.46 -17.05 -16.68
C GLU A 594 -4.38 -18.11 -16.90
N LYS A 595 -3.41 -18.12 -15.99
CA LYS A 595 -2.44 -19.20 -15.85
C LYS A 595 -3.08 -20.24 -14.92
N PHE A 596 -3.97 -21.05 -15.48
CA PHE A 596 -4.73 -21.92 -14.60
C PHE A 596 -3.91 -23.14 -14.21
N LYS A 597 -4.44 -23.90 -13.26
CA LYS A 597 -3.72 -24.96 -12.57
C LYS A 597 -4.04 -26.31 -13.20
N LEU A 598 -3.05 -27.17 -13.28
CA LEU A 598 -3.18 -28.46 -13.93
C LEU A 598 -3.52 -29.54 -12.92
N ASN A 599 -4.53 -30.35 -13.25
CA ASN A 599 -5.01 -31.43 -12.40
C ASN A 599 -4.56 -32.80 -12.88
N PHE A 600 -4.75 -33.06 -14.17
CA PHE A 600 -4.66 -34.39 -14.78
C PHE A 600 -5.59 -35.37 -14.07
N GLU A 601 -6.78 -34.87 -13.75
CA GLU A 601 -7.86 -35.61 -13.08
C GLU A 601 -7.38 -36.21 -11.75
N ASN A 602 -6.97 -35.32 -10.85
CA ASN A 602 -6.39 -35.76 -9.58
C ASN A 602 -6.49 -34.60 -8.59
N SER A 603 -7.30 -34.78 -7.56
CA SER A 603 -7.48 -33.75 -6.54
C SER A 603 -6.28 -33.60 -5.63
N THR A 604 -5.35 -34.54 -5.64
CA THR A 604 -4.15 -34.41 -4.82
C THR A 604 -2.92 -34.48 -5.69
N LEU A 605 -2.90 -33.75 -6.80
CA LEU A 605 -1.79 -33.86 -7.77
C LEU A 605 -0.53 -33.26 -7.17
N ALA A 606 0.42 -34.14 -6.89
CA ALA A 606 1.72 -33.80 -6.29
C ALA A 606 1.57 -33.07 -4.96
N ASN A 607 0.61 -33.50 -4.15
CA ASN A 607 0.63 -33.04 -2.76
C ASN A 607 1.80 -33.62 -2.00
N GLY A 608 2.27 -34.79 -2.39
CA GLY A 608 3.46 -35.34 -1.80
C GLY A 608 4.23 -36.16 -2.81
N TRP A 609 5.53 -36.24 -2.61
CA TRP A 609 6.37 -37.02 -3.50
C TRP A 609 6.65 -38.41 -2.97
N ASP A 610 6.08 -38.77 -1.81
CA ASP A 610 6.43 -40.02 -1.13
C ASP A 610 5.93 -41.23 -1.92
N LYS A 611 6.71 -42.31 -1.80
CA LYS A 611 6.52 -43.51 -2.61
C LYS A 611 5.20 -44.21 -2.28
N ASN A 612 4.79 -44.17 -1.02
CA ASN A 612 3.57 -44.86 -0.60
C ASN A 612 2.32 -44.19 -1.13
N LYS A 613 2.40 -42.91 -1.49
CA LYS A 613 1.25 -42.12 -1.91
C LYS A 613 1.22 -41.87 -3.41
N GLU A 614 2.17 -42.41 -4.15
CA GLU A 614 2.21 -42.16 -5.59
C GLU A 614 1.02 -42.67 -6.41
N PRO A 615 0.34 -43.78 -6.09
CA PRO A 615 -0.95 -44.02 -6.76
C PRO A 615 -2.05 -43.03 -6.41
N ASP A 616 -1.86 -42.19 -5.39
CA ASP A 616 -2.81 -41.13 -5.06
C ASP A 616 -2.38 -39.77 -5.57
N ASN A 617 -1.08 -39.46 -5.50
CA ASN A 617 -0.61 -38.16 -5.97
C ASN A 617 -0.37 -38.16 -7.48
N THR A 618 0.18 -39.25 -8.01
CA THR A 618 0.48 -39.48 -9.43
C THR A 618 1.40 -38.40 -10.00
N ALA A 619 2.61 -38.35 -9.46
CA ALA A 619 3.62 -37.41 -9.95
C ALA A 619 4.98 -37.87 -9.46
N ILE A 620 5.91 -38.13 -10.39
CA ILE A 620 7.24 -38.66 -10.09
C ILE A 620 8.25 -37.74 -10.75
N LEU A 621 9.46 -37.70 -10.19
CA LEU A 621 10.59 -37.01 -10.78
C LEU A 621 11.61 -38.02 -11.30
N PHE A 622 12.38 -37.63 -12.31
CA PHE A 622 13.39 -38.46 -12.94
C PHE A 622 14.66 -37.63 -13.13
N ILE A 623 15.77 -38.31 -13.44
CA ILE A 623 17.02 -37.66 -13.85
C ILE A 623 17.67 -38.51 -14.95
N LYS A 624 17.94 -37.90 -16.10
CA LYS A 624 18.66 -38.56 -17.20
C LYS A 624 19.72 -37.62 -17.76
N ASP A 625 20.98 -37.83 -17.35
CA ASP A 625 22.16 -37.11 -17.85
C ASP A 625 22.06 -35.61 -17.57
N ASP A 626 21.86 -35.28 -16.29
CA ASP A 626 21.70 -33.90 -15.79
C ASP A 626 20.55 -33.17 -16.46
N LYS A 627 19.50 -33.91 -16.80
CA LYS A 627 18.23 -33.33 -17.22
C LYS A 627 17.14 -33.88 -16.31
N TYR A 628 16.18 -33.04 -15.97
CA TYR A 628 15.19 -33.35 -14.95
C TYR A 628 13.83 -33.48 -15.59
N TYR A 629 13.04 -34.44 -15.13
CA TYR A 629 11.84 -34.84 -15.84
C TYR A 629 10.69 -34.95 -14.85
N LEU A 630 9.53 -34.50 -15.25
CA LEU A 630 8.33 -34.59 -14.41
C LEU A 630 7.38 -35.56 -15.08
N GLY A 631 7.21 -36.73 -14.49
CA GLY A 631 6.24 -37.69 -14.97
C GLY A 631 5.00 -37.61 -14.12
N VAL A 632 3.85 -37.47 -14.77
CA VAL A 632 2.56 -37.47 -14.13
C VAL A 632 1.80 -38.68 -14.66
N MET A 633 1.57 -39.67 -13.79
CA MET A 633 0.85 -40.88 -14.18
C MET A 633 -0.61 -40.57 -14.49
N ASN A 634 -1.20 -41.42 -15.32
CA ASN A 634 -2.61 -41.33 -15.60
C ASN A 634 -3.42 -41.71 -14.35
N LYS A 635 -4.68 -41.27 -14.32
CA LYS A 635 -5.58 -41.65 -13.23
C LYS A 635 -5.86 -43.14 -13.27
N LYS A 636 -6.20 -43.65 -14.46
CA LYS A 636 -6.56 -45.04 -14.64
C LYS A 636 -5.37 -45.98 -14.50
N ASN A 637 -4.16 -45.50 -14.73
CA ASN A 637 -2.97 -46.33 -14.80
C ASN A 637 -1.95 -45.97 -13.73
N ASN A 638 -2.43 -45.78 -12.50
CA ASN A 638 -1.63 -45.16 -11.45
C ASN A 638 -0.69 -46.13 -10.74
N LYS A 639 -0.82 -47.43 -10.94
CA LYS A 639 0.05 -48.42 -10.31
C LYS A 639 1.08 -48.95 -11.28
N ILE A 640 1.59 -48.08 -12.14
CA ILE A 640 2.54 -48.43 -13.19
C ILE A 640 3.97 -48.16 -12.75
N PHE A 641 4.18 -47.76 -11.50
CA PHE A 641 5.51 -47.64 -10.91
C PHE A 641 5.52 -48.22 -9.50
N ASP A 642 4.92 -49.38 -9.30
CA ASP A 642 4.86 -50.01 -7.99
C ASP A 642 6.18 -50.72 -7.68
N ASP A 643 6.20 -51.53 -6.64
CA ASP A 643 7.41 -52.31 -6.33
C ASP A 643 7.65 -53.42 -7.32
N LYS A 644 6.61 -53.87 -8.03
CA LYS A 644 6.77 -54.91 -9.03
C LYS A 644 7.43 -54.37 -10.30
N ALA A 645 6.89 -53.27 -10.83
CA ALA A 645 7.32 -52.76 -12.14
C ALA A 645 8.69 -52.12 -12.11
N ILE A 646 9.23 -51.79 -10.94
CA ILE A 646 10.61 -51.33 -10.89
C ILE A 646 11.56 -52.53 -10.97
N LYS A 647 11.13 -53.69 -10.47
CA LYS A 647 11.97 -54.88 -10.54
C LYS A 647 12.00 -55.47 -11.94
N GLU A 648 10.86 -55.48 -12.62
CA GLU A 648 10.79 -55.99 -13.99
C GLU A 648 11.38 -55.04 -15.03
N ASN A 649 11.76 -53.82 -14.64
CA ASN A 649 12.25 -52.83 -15.59
C ASN A 649 13.53 -52.16 -15.12
N LYS A 650 14.21 -52.71 -14.12
CA LYS A 650 15.46 -52.16 -13.63
C LYS A 650 16.55 -52.27 -14.69
N GLY A 651 16.90 -51.14 -15.31
CA GLY A 651 17.89 -51.14 -16.37
C GLY A 651 18.84 -49.97 -16.28
N GLU A 652 18.96 -49.24 -17.39
CA GLU A 652 19.79 -48.04 -17.46
C GLU A 652 18.99 -46.94 -18.13
N GLY A 653 19.10 -45.72 -17.59
CA GLY A 653 18.33 -44.62 -18.12
C GLY A 653 17.91 -43.63 -17.05
N TYR A 654 16.61 -43.41 -16.94
CA TYR A 654 16.04 -42.40 -16.07
C TYR A 654 16.20 -42.81 -14.61
N LYS A 655 17.00 -42.08 -13.84
CA LYS A 655 17.04 -42.30 -12.40
C LYS A 655 15.74 -41.80 -11.81
N LYS A 656 14.81 -42.71 -11.54
CA LYS A 656 13.59 -42.35 -10.84
C LYS A 656 13.89 -42.04 -9.38
N ILE A 657 13.17 -41.07 -8.83
CA ILE A 657 13.46 -40.50 -7.53
C ILE A 657 12.62 -41.21 -6.48
N VAL A 658 13.27 -41.75 -5.45
CA VAL A 658 12.58 -42.35 -4.31
C VAL A 658 12.64 -41.36 -3.15
N TYR A 659 11.46 -41.01 -2.64
CA TYR A 659 11.27 -39.90 -1.73
C TYR A 659 10.67 -40.44 -0.45
N LYS A 660 11.29 -40.13 0.70
CA LYS A 660 10.79 -40.57 2.00
C LYS A 660 10.65 -39.36 2.91
N LEU A 661 9.47 -39.24 3.54
CA LEU A 661 9.13 -38.05 4.31
C LEU A 661 8.28 -38.41 5.51
N LEU A 662 8.59 -37.80 6.66
CA LEU A 662 7.77 -37.92 7.87
C LEU A 662 7.32 -36.52 8.26
N PRO A 663 6.12 -36.10 7.87
CA PRO A 663 5.70 -34.72 8.08
C PRO A 663 4.95 -34.48 9.39
N GLY A 664 5.38 -33.48 10.16
CA GLY A 664 4.64 -33.16 11.35
C GLY A 664 4.77 -34.23 12.40
N ALA A 665 5.95 -34.36 13.01
CA ALA A 665 6.16 -35.39 14.01
C ALA A 665 5.31 -35.20 15.26
N ASN A 666 4.80 -33.98 15.51
CA ASN A 666 3.75 -33.81 16.51
C ASN A 666 2.48 -34.53 16.11
N LYS A 667 2.16 -34.50 14.82
CA LYS A 667 0.91 -35.05 14.32
C LYS A 667 1.05 -36.48 13.83
N MET A 668 2.26 -36.99 13.63
CA MET A 668 2.44 -38.25 12.94
C MET A 668 2.84 -39.40 13.84
N LEU A 669 3.75 -39.18 14.79
CA LEU A 669 4.15 -40.27 15.66
C LEU A 669 3.05 -40.70 16.64
N PRO A 670 2.22 -39.79 17.22
CA PRO A 670 1.01 -40.30 17.88
C PRO A 670 -0.16 -40.55 16.95
N LYS A 671 0.07 -40.59 15.64
CA LYS A 671 -1.00 -41.06 14.77
C LYS A 671 -0.90 -42.55 14.52
N VAL A 672 0.31 -43.07 14.32
CA VAL A 672 0.47 -44.48 14.02
C VAL A 672 0.72 -45.32 15.26
N PHE A 673 1.29 -44.73 16.32
CA PHE A 673 1.61 -45.53 17.48
C PHE A 673 0.37 -45.76 18.34
N PHE A 674 -0.45 -44.74 18.48
CA PHE A 674 -1.68 -44.81 19.27
C PHE A 674 -2.89 -44.95 18.38
N SER A 675 -2.73 -45.69 17.30
CA SER A 675 -3.79 -45.87 16.32
C SER A 675 -4.90 -46.76 16.84
N ALA A 676 -6.08 -46.61 16.24
CA ALA A 676 -7.21 -47.49 16.53
C ALA A 676 -7.22 -48.72 15.64
N LYS A 677 -6.11 -49.02 14.99
CA LYS A 677 -5.90 -50.20 14.17
C LYS A 677 -4.76 -51.06 14.68
N SER A 678 -3.66 -50.45 15.08
CA SER A 678 -2.46 -51.19 15.43
C SER A 678 -1.81 -50.64 16.69
N ILE A 679 -2.61 -50.36 17.72
CA ILE A 679 -2.00 -50.07 19.02
C ILE A 679 -1.55 -51.36 19.70
N LYS A 680 -2.12 -52.50 19.31
CA LYS A 680 -1.78 -53.78 19.90
C LYS A 680 -0.39 -54.26 19.48
N PHE A 681 0.18 -53.70 18.43
CA PHE A 681 1.50 -54.08 17.97
C PHE A 681 2.62 -53.29 18.63
N TYR A 682 2.40 -52.00 18.92
CA TYR A 682 3.44 -51.19 19.53
C TYR A 682 3.46 -51.32 21.04
N ASN A 683 2.37 -51.82 21.63
CA ASN A 683 2.18 -52.18 23.04
C ASN A 683 2.55 -51.05 23.99
N PRO A 684 1.72 -50.01 24.11
CA PRO A 684 1.96 -49.02 25.17
C PRO A 684 1.66 -49.62 26.52
N SER A 685 2.37 -49.16 27.54
CA SER A 685 2.24 -49.71 28.88
C SER A 685 0.98 -49.18 29.55
N GLU A 686 0.82 -49.47 30.84
CA GLU A 686 -0.37 -49.05 31.55
C GLU A 686 -0.36 -47.56 31.84
N ASP A 687 0.80 -46.93 31.83
CA ASP A 687 0.90 -45.51 32.13
C ASP A 687 1.12 -44.63 30.89
N ILE A 688 1.66 -45.19 29.80
CA ILE A 688 1.84 -44.39 28.58
C ILE A 688 0.49 -44.06 27.97
N LEU A 689 -0.47 -44.96 28.08
CA LEU A 689 -1.78 -44.78 27.44
C LEU A 689 -2.62 -43.69 28.11
N ARG A 690 -2.27 -43.26 29.32
CA ARG A 690 -2.93 -42.11 29.92
C ARG A 690 -2.16 -40.81 29.77
N ILE A 691 -0.85 -40.88 29.47
CA ILE A 691 -0.07 -39.67 29.22
C ILE A 691 -0.51 -39.02 27.94
N ARG A 692 -0.77 -39.81 26.91
CA ARG A 692 -1.39 -39.33 25.69
C ARG A 692 -2.83 -38.85 25.95
N ASN A 693 -3.44 -39.29 27.04
CA ASN A 693 -4.75 -38.77 27.45
C ASN A 693 -4.61 -37.50 28.26
N HIS A 694 -3.76 -37.52 29.29
CA HIS A 694 -3.62 -36.39 30.20
C HIS A 694 -2.67 -35.31 29.72
N SER A 695 -2.00 -35.52 28.57
CA SER A 695 -1.13 -34.53 27.92
C SER A 695 0.01 -34.08 28.83
N THR A 696 0.56 -35.02 29.58
CA THR A 696 1.66 -34.75 30.50
C THR A 696 2.97 -34.49 29.77
N HIS A 697 3.14 -35.07 28.58
CA HIS A 697 4.37 -34.93 27.79
C HIS A 697 4.50 -33.57 27.12
N THR A 698 3.50 -32.70 27.23
CA THR A 698 3.51 -31.40 26.59
C THR A 698 3.46 -30.29 27.63
N LYS A 699 3.95 -29.11 27.26
CA LYS A 699 3.81 -27.94 28.11
C LYS A 699 2.47 -27.25 27.89
N ASN A 700 2.03 -27.14 26.64
CA ASN A 700 0.75 -26.51 26.31
C ASN A 700 0.05 -27.31 25.22
N GLY A 701 0.03 -28.62 25.36
CA GLY A 701 -0.60 -29.47 24.37
C GLY A 701 -1.97 -29.95 24.81
N SER A 702 -2.78 -30.29 23.81
CA SER A 702 -4.17 -30.65 24.07
C SER A 702 -4.25 -32.03 24.71
N PRO A 703 -5.15 -32.22 25.67
CA PRO A 703 -5.42 -33.56 26.18
C PRO A 703 -6.43 -34.27 25.29
N GLN A 704 -6.40 -35.61 25.37
CA GLN A 704 -7.38 -36.40 24.65
C GLN A 704 -8.75 -36.20 25.31
N LYS A 705 -9.81 -36.40 24.52
CA LYS A 705 -11.16 -36.03 24.92
C LYS A 705 -11.61 -36.77 26.18
N GLY A 706 -12.33 -36.06 27.05
CA GLY A 706 -12.72 -36.61 28.32
C GLY A 706 -11.63 -36.66 29.36
N TYR A 707 -10.58 -35.87 29.22
CA TYR A 707 -9.48 -35.86 30.18
C TYR A 707 -9.04 -34.41 30.40
N GLU A 708 -8.07 -34.23 31.30
CA GLU A 708 -7.65 -32.91 31.75
C GLU A 708 -6.14 -32.79 31.69
N LYS A 709 -5.67 -31.62 31.28
CA LYS A 709 -4.23 -31.33 31.18
C LYS A 709 -3.60 -31.28 32.57
N PHE A 710 -2.68 -32.21 32.83
CA PHE A 710 -1.85 -32.14 34.02
C PHE A 710 -0.63 -31.28 33.76
N GLU A 711 0.34 -31.31 34.67
CA GLU A 711 1.48 -30.41 34.61
C GLU A 711 2.66 -31.11 33.96
N PHE A 712 3.40 -30.37 33.14
CA PHE A 712 4.54 -30.90 32.43
C PHE A 712 5.71 -31.20 33.37
N ASN A 713 6.13 -30.20 34.13
CA ASN A 713 7.38 -30.24 34.90
C ASN A 713 7.15 -29.75 36.33
N ILE A 714 6.13 -30.28 37.00
CA ILE A 714 5.99 -30.05 38.44
C ILE A 714 7.06 -30.85 39.18
N GLU A 715 7.03 -32.17 39.05
CA GLU A 715 8.09 -33.03 39.55
C GLU A 715 8.44 -34.11 38.54
N ASP A 716 7.94 -34.01 37.31
CA ASP A 716 8.12 -35.03 36.28
C ASP A 716 8.55 -34.39 34.96
N CYS A 717 9.57 -33.53 35.02
CA CYS A 717 10.23 -33.12 33.79
C CYS A 717 11.02 -34.28 33.20
N ARG A 718 11.46 -35.21 34.04
CA ARG A 718 12.15 -36.43 33.62
C ARG A 718 11.17 -37.59 33.41
N LYS A 719 9.92 -37.29 33.10
CA LYS A 719 8.92 -38.34 32.91
C LYS A 719 9.13 -39.05 31.58
N PHE A 720 9.03 -38.30 30.48
CA PHE A 720 8.96 -38.87 29.13
C PHE A 720 10.25 -39.53 28.67
N ILE A 721 11.36 -39.29 29.37
CA ILE A 721 12.64 -39.89 29.01
C ILE A 721 12.58 -41.41 29.15
N ASP A 722 12.23 -41.90 30.34
CA ASP A 722 12.19 -43.32 30.57
C ASP A 722 10.80 -43.93 30.40
N PHE A 723 9.80 -43.13 30.03
CA PHE A 723 8.48 -43.68 29.78
C PHE A 723 8.00 -43.45 28.36
N TYR A 724 8.01 -42.22 27.87
CA TYR A 724 7.34 -41.93 26.60
C TYR A 724 8.33 -41.99 25.42
N LYS A 725 9.08 -43.10 25.36
CA LYS A 725 10.07 -43.39 24.31
C LYS A 725 10.04 -44.90 24.12
N GLN A 726 9.25 -45.39 23.16
CA GLN A 726 9.07 -46.83 23.07
C GLN A 726 9.61 -47.49 21.81
N SER A 727 9.15 -47.13 20.60
CA SER A 727 9.48 -47.96 19.44
C SER A 727 9.31 -47.16 18.15
N ILE A 728 10.42 -46.68 17.59
CA ILE A 728 10.41 -46.19 16.21
C ILE A 728 11.02 -47.28 15.36
N SER A 729 11.87 -48.12 15.96
CA SER A 729 12.54 -49.20 15.24
C SER A 729 11.74 -50.49 15.32
N LYS A 730 10.44 -50.36 15.08
CA LYS A 730 9.56 -51.51 14.92
C LYS A 730 8.57 -51.30 13.80
N HIS A 731 8.45 -50.08 13.28
CA HIS A 731 7.64 -49.83 12.10
C HIS A 731 8.30 -50.51 10.91
N PRO A 732 7.51 -51.01 9.94
CA PRO A 732 8.11 -51.68 8.77
C PRO A 732 9.00 -50.78 7.91
N GLU A 733 8.81 -49.48 7.95
CA GLU A 733 9.45 -48.55 7.03
C GLU A 733 10.37 -47.55 7.71
N TRP A 734 10.03 -47.10 8.92
CA TRP A 734 10.65 -45.92 9.49
C TRP A 734 11.89 -46.25 10.32
N LYS A 735 12.59 -47.32 10.02
CA LYS A 735 13.78 -47.69 10.78
C LYS A 735 15.05 -47.20 10.09
N ASP A 736 15.14 -45.86 9.99
CA ASP A 736 16.19 -45.20 9.22
C ASP A 736 16.87 -44.05 9.97
N PHE A 737 16.62 -43.89 11.27
CA PHE A 737 16.90 -42.63 11.95
C PHE A 737 18.25 -42.52 12.66
N GLY A 738 18.47 -43.33 13.69
CA GLY A 738 19.67 -43.16 14.49
C GLY A 738 19.69 -41.87 15.30
N PHE A 739 18.88 -41.79 16.35
CA PHE A 739 18.67 -40.56 17.09
C PHE A 739 19.85 -40.23 18.00
N ARG A 740 19.63 -39.25 18.86
CA ARG A 740 20.55 -38.78 19.90
C ARG A 740 19.77 -38.89 21.20
N PHE A 741 19.41 -40.13 21.54
CA PHE A 741 18.38 -40.52 22.51
C PHE A 741 18.46 -39.86 23.88
N SER A 742 17.36 -40.01 24.63
CA SER A 742 16.97 -39.13 25.73
C SER A 742 18.03 -39.05 26.83
N ASP A 743 18.44 -40.21 27.36
CA ASP A 743 19.61 -40.38 28.23
C ASP A 743 19.57 -39.61 29.56
N THR A 744 18.47 -38.91 29.84
CA THR A 744 18.11 -38.18 31.07
C THR A 744 18.98 -36.94 31.30
N GLN A 745 19.99 -36.70 30.47
CA GLN A 745 20.93 -35.60 30.69
C GLN A 745 21.15 -34.81 29.40
N ARG A 746 20.91 -35.46 28.26
CA ARG A 746 21.33 -34.95 26.96
C ARG A 746 20.16 -34.55 26.07
N TYR A 747 18.99 -34.29 26.66
CA TYR A 747 17.77 -34.11 25.88
C TYR A 747 16.70 -33.41 26.70
N ASN A 748 16.17 -32.33 26.15
CA ASN A 748 15.14 -31.48 26.75
C ASN A 748 13.77 -31.97 26.28
N SER A 749 12.76 -31.11 26.34
CA SER A 749 11.35 -31.43 26.11
C SER A 749 11.01 -31.97 24.72
N ILE A 750 9.72 -32.27 24.51
CA ILE A 750 9.27 -33.01 23.32
C ILE A 750 9.33 -32.19 22.03
N ASP A 751 9.70 -30.91 22.11
CA ASP A 751 10.00 -30.17 20.89
C ASP A 751 11.30 -30.63 20.26
N GLU A 752 12.29 -30.98 21.07
CA GLU A 752 13.60 -31.34 20.56
C GLU A 752 13.69 -32.79 20.15
N PHE A 753 12.60 -33.54 20.22
CA PHE A 753 12.49 -34.84 19.61
C PHE A 753 11.71 -34.81 18.31
N TYR A 754 10.63 -34.04 18.27
CA TYR A 754 9.86 -33.93 17.04
C TYR A 754 10.58 -33.16 15.96
N ARG A 755 11.63 -32.42 16.30
CA ARG A 755 12.51 -31.90 15.26
C ARG A 755 13.45 -32.99 14.75
N GLU A 756 14.13 -33.67 15.67
CA GLU A 756 15.10 -34.71 15.31
C GLU A 756 14.46 -35.92 14.65
N VAL A 757 13.15 -36.08 14.74
CA VAL A 757 12.44 -36.96 13.82
C VAL A 757 12.41 -36.36 12.44
N GLU A 758 11.93 -35.12 12.33
CA GLU A 758 11.72 -34.53 11.01
C GLU A 758 13.03 -34.10 10.35
N ASN A 759 14.05 -33.77 11.14
CA ASN A 759 15.35 -33.45 10.56
C ASN A 759 16.01 -34.69 9.97
N GLN A 760 15.69 -35.86 10.49
CA GLN A 760 16.23 -37.10 9.98
C GLN A 760 15.23 -37.90 9.18
N GLY A 761 13.98 -37.46 9.11
CA GLY A 761 12.95 -38.21 8.45
C GLY A 761 12.78 -37.84 7.00
N TYR A 762 13.90 -37.55 6.35
CA TYR A 762 13.92 -37.16 4.95
C TYR A 762 15.01 -37.94 4.23
N LYS A 763 14.60 -38.89 3.41
CA LYS A 763 15.51 -39.71 2.62
C LYS A 763 15.18 -39.51 1.15
N LEU A 764 16.23 -39.32 0.34
CA LEU A 764 16.08 -39.20 -1.10
C LEU A 764 17.07 -40.17 -1.74
N THR A 765 16.55 -41.22 -2.37
CA THR A 765 17.39 -42.23 -3.03
C THR A 765 16.91 -42.42 -4.46
N PHE A 766 17.70 -43.16 -5.23
CA PHE A 766 17.59 -43.18 -6.68
C PHE A 766 17.50 -44.61 -7.16
N GLU A 767 16.52 -44.91 -8.00
CA GLU A 767 16.31 -46.26 -8.52
C GLU A 767 16.14 -46.19 -10.03
N ASN A 768 17.05 -46.84 -10.75
CA ASN A 768 17.10 -46.75 -12.21
C ASN A 768 15.92 -47.44 -12.86
N ILE A 769 15.40 -46.83 -13.92
CA ILE A 769 14.43 -47.45 -14.80
C ILE A 769 15.06 -47.55 -16.18
N SER A 770 14.82 -48.65 -16.87
CA SER A 770 15.33 -48.80 -18.22
C SER A 770 14.62 -47.83 -19.16
N GLU A 771 15.39 -47.22 -20.05
CA GLU A 771 14.89 -46.17 -20.93
C GLU A 771 13.86 -46.68 -21.92
N SER A 772 13.92 -47.97 -22.27
CA SER A 772 12.93 -48.55 -23.17
C SER A 772 11.58 -48.73 -22.50
N TYR A 773 11.52 -48.74 -21.17
CA TYR A 773 10.23 -48.88 -20.51
C TYR A 773 9.52 -47.54 -20.34
N ILE A 774 10.28 -46.49 -19.99
CA ILE A 774 9.71 -45.15 -19.86
C ILE A 774 9.15 -44.67 -21.18
N ASP A 775 9.87 -44.94 -22.27
CA ASP A 775 9.37 -44.59 -23.59
C ASP A 775 8.19 -45.46 -24.02
N SER A 776 8.02 -46.62 -23.40
CA SER A 776 6.91 -47.50 -23.73
C SER A 776 5.60 -47.05 -23.09
N VAL A 777 5.65 -46.49 -21.88
CA VAL A 777 4.42 -46.04 -21.24
C VAL A 777 4.03 -44.65 -21.74
N VAL A 778 5.01 -43.84 -22.14
CA VAL A 778 4.73 -42.51 -22.68
C VAL A 778 4.03 -42.61 -24.03
N ASN A 779 4.49 -43.52 -24.89
CA ASN A 779 3.87 -43.73 -26.20
C ASN A 779 2.50 -44.38 -26.10
N GLN A 780 2.19 -45.00 -24.97
CA GLN A 780 0.97 -45.76 -24.79
C GLN A 780 -0.14 -44.95 -24.13
N GLY A 781 0.22 -44.06 -23.20
CA GLY A 781 -0.74 -43.17 -22.57
C GLY A 781 -0.76 -43.27 -21.06
N LYS A 782 0.22 -43.96 -20.49
CA LYS A 782 0.23 -44.27 -19.07
C LYS A 782 1.16 -43.38 -18.27
N LEU A 783 1.73 -42.35 -18.89
CA LEU A 783 2.65 -41.44 -18.21
C LEU A 783 2.71 -40.17 -19.02
N TYR A 784 2.62 -39.03 -18.36
CA TYR A 784 2.78 -37.74 -19.01
C TYR A 784 4.15 -37.22 -18.55
N LEU A 785 5.17 -37.52 -19.34
CA LEU A 785 6.52 -37.11 -19.05
C LEU A 785 6.73 -35.71 -19.61
N PHE A 786 7.31 -34.83 -18.81
CA PHE A 786 7.65 -33.47 -19.17
C PHE A 786 9.12 -33.26 -18.88
N GLN A 787 9.66 -32.12 -19.31
CA GLN A 787 11.04 -31.78 -18.98
C GLN A 787 11.07 -30.47 -18.20
N ILE A 788 11.73 -30.51 -17.05
CA ILE A 788 11.86 -29.37 -16.16
C ILE A 788 12.99 -28.50 -16.71
N TYR A 789 12.62 -27.49 -17.50
CA TYR A 789 13.53 -26.79 -18.39
C TYR A 789 13.61 -25.31 -18.03
N ASN A 790 14.83 -24.80 -17.92
CA ASN A 790 15.03 -23.51 -17.29
C ASN A 790 16.14 -22.70 -17.98
N LYS A 791 16.37 -22.90 -19.28
CA LYS A 791 17.29 -22.10 -20.11
C LYS A 791 18.76 -22.24 -19.70
N ASP A 792 19.02 -22.91 -18.58
CA ASP A 792 20.34 -23.29 -18.14
C ASP A 792 20.51 -24.80 -18.21
N PHE A 793 19.44 -25.54 -18.44
CA PHE A 793 19.52 -26.94 -18.74
C PHE A 793 19.66 -27.18 -20.24
N SER A 794 19.67 -26.11 -21.03
CA SER A 794 19.89 -26.19 -22.46
C SER A 794 21.37 -26.39 -22.76
N ALA A 795 21.66 -26.76 -24.00
CA ALA A 795 23.03 -27.08 -24.37
C ALA A 795 23.89 -25.84 -24.56
N TYR A 796 23.28 -24.70 -24.87
CA TYR A 796 24.00 -23.48 -25.20
C TYR A 796 24.28 -22.59 -23.99
N SER A 797 24.28 -23.15 -22.78
CA SER A 797 24.41 -22.36 -21.57
C SER A 797 25.90 -22.14 -21.30
N LYS A 798 26.40 -20.96 -21.66
CA LYS A 798 27.83 -20.70 -21.54
C LYS A 798 28.25 -20.46 -20.09
N GLY A 799 27.60 -19.51 -19.44
CA GLY A 799 28.13 -19.01 -18.18
C GLY A 799 27.36 -19.41 -16.94
N ARG A 800 27.16 -18.45 -16.05
CA ARG A 800 26.62 -18.73 -14.74
C ARG A 800 25.10 -18.91 -14.82
N PRO A 801 24.54 -19.93 -14.16
CA PRO A 801 23.11 -20.16 -14.26
C PRO A 801 22.33 -19.29 -13.31
N ASN A 802 21.04 -19.52 -13.17
CA ASN A 802 20.19 -18.72 -12.30
C ASN A 802 20.45 -19.09 -10.84
N LEU A 803 19.58 -18.60 -9.96
CA LEU A 803 19.49 -19.19 -8.64
C LEU A 803 18.37 -20.21 -8.53
N HIS A 804 17.27 -20.04 -9.27
CA HIS A 804 16.21 -21.04 -9.31
C HIS A 804 16.48 -22.14 -10.32
N THR A 805 17.73 -22.37 -10.66
CA THR A 805 18.29 -23.51 -11.36
C THR A 805 19.40 -24.13 -10.54
N LEU A 806 20.21 -23.31 -9.90
CA LEU A 806 21.29 -23.73 -9.04
C LEU A 806 20.80 -24.14 -7.64
N TYR A 807 19.50 -24.03 -7.39
CA TYR A 807 18.81 -24.66 -6.26
C TYR A 807 18.27 -26.04 -6.64
N TRP A 808 17.64 -26.12 -7.82
CA TRP A 808 17.03 -27.36 -8.29
C TRP A 808 18.06 -28.41 -8.65
N LYS A 809 19.23 -28.00 -9.14
CA LYS A 809 20.32 -28.95 -9.29
C LYS A 809 20.85 -29.37 -7.93
N ALA A 810 20.69 -28.53 -6.91
CA ALA A 810 21.17 -28.82 -5.58
C ALA A 810 20.16 -29.56 -4.72
N LEU A 811 18.93 -29.78 -5.20
CA LEU A 811 18.06 -30.71 -4.51
C LEU A 811 18.62 -32.11 -4.61
N PHE A 812 18.86 -32.57 -5.84
CA PHE A 812 19.14 -33.95 -6.15
C PHE A 812 20.63 -34.24 -6.19
N ASP A 813 21.43 -33.49 -5.46
CA ASP A 813 22.88 -33.64 -5.54
C ASP A 813 23.30 -34.78 -4.62
N GLU A 814 24.61 -34.99 -4.49
CA GLU A 814 25.13 -35.90 -3.48
C GLU A 814 25.91 -35.16 -2.42
N ARG A 815 26.41 -33.97 -2.71
CA ARG A 815 26.86 -33.06 -1.66
C ARG A 815 25.70 -32.64 -0.78
N ASN A 816 24.51 -32.50 -1.36
CA ASN A 816 23.29 -32.17 -0.64
C ASN A 816 22.93 -33.27 0.36
N LEU A 817 22.60 -34.45 -0.15
CA LEU A 817 21.88 -35.48 0.59
C LEU A 817 22.71 -36.14 1.68
N GLN A 818 23.98 -35.78 1.85
CA GLN A 818 24.72 -36.22 3.04
C GLN A 818 24.14 -35.59 4.29
N ASP A 819 23.81 -34.31 4.24
CA ASP A 819 22.97 -33.66 5.24
C ASP A 819 22.14 -32.58 4.55
N VAL A 820 20.82 -32.77 4.54
CA VAL A 820 19.94 -32.10 3.59
C VAL A 820 19.84 -30.62 3.92
N VAL A 821 20.11 -29.78 2.93
CA VAL A 821 19.94 -28.34 3.05
C VAL A 821 18.71 -27.95 2.24
N TYR A 822 18.49 -28.63 1.12
CA TYR A 822 17.49 -28.23 0.13
C TYR A 822 16.38 -29.25 0.03
N LYS A 823 15.71 -29.52 1.13
CA LYS A 823 14.57 -30.42 1.15
C LYS A 823 13.47 -30.02 0.17
N LEU A 824 13.24 -30.88 -0.81
CA LEU A 824 12.09 -30.76 -1.71
C LEU A 824 10.79 -30.86 -0.93
N ASN A 825 9.79 -30.08 -1.33
CA ASN A 825 8.48 -30.16 -0.68
C ASN A 825 7.42 -30.69 -1.61
N GLY A 826 6.27 -30.95 -1.00
CA GLY A 826 5.07 -31.33 -1.71
C GLY A 826 4.14 -30.15 -1.87
N GLU A 827 2.91 -30.47 -2.25
CA GLU A 827 1.87 -29.50 -2.65
C GLU A 827 2.34 -28.58 -3.75
N ALA A 828 3.17 -29.10 -4.66
CA ALA A 828 3.62 -28.36 -5.81
C ALA A 828 2.49 -28.20 -6.81
N GLU A 829 2.54 -27.13 -7.57
CA GLU A 829 1.48 -26.80 -8.49
C GLU A 829 1.98 -26.90 -9.93
N LEU A 830 1.10 -27.31 -10.83
CA LEU A 830 1.38 -27.38 -12.25
C LEU A 830 0.42 -26.47 -13.00
N PHE A 831 0.95 -25.64 -13.90
CA PHE A 831 0.15 -24.60 -14.53
C PHE A 831 0.28 -24.65 -16.05
N TYR A 832 -0.62 -23.93 -16.71
CA TYR A 832 -0.66 -23.88 -18.17
C TYR A 832 -1.02 -22.47 -18.58
N ARG A 833 -0.01 -21.65 -18.89
CA ARG A 833 -0.26 -20.31 -19.41
C ARG A 833 -0.49 -20.35 -20.91
N LYS A 834 -1.57 -19.74 -21.37
CA LYS A 834 -1.87 -19.75 -22.80
C LYS A 834 -1.07 -18.69 -23.55
N GLN A 835 -1.46 -18.40 -24.79
CA GLN A 835 -0.71 -17.46 -25.63
C GLN A 835 -1.28 -16.05 -25.50
N SER A 836 -0.39 -15.09 -25.31
CA SER A 836 -0.76 -13.69 -25.11
C SER A 836 -0.30 -12.81 -26.26
N ILE A 837 0.99 -12.83 -26.55
CA ILE A 837 1.59 -12.00 -27.60
C ILE A 837 1.45 -12.72 -28.93
N PRO A 838 1.00 -12.05 -30.00
CA PRO A 838 0.88 -12.73 -31.30
C PRO A 838 2.22 -13.00 -31.95
N LYS A 839 2.21 -13.69 -33.09
CA LYS A 839 3.45 -14.04 -33.79
C LYS A 839 3.73 -12.97 -34.83
N LYS A 840 4.53 -11.97 -34.43
CA LYS A 840 5.09 -10.96 -35.32
C LYS A 840 6.59 -11.00 -35.10
N ILE A 841 7.33 -11.32 -36.17
CA ILE A 841 8.74 -11.70 -36.02
C ILE A 841 9.57 -10.49 -35.66
N THR A 842 9.42 -9.39 -36.41
CA THR A 842 9.97 -8.03 -36.18
C THR A 842 11.48 -7.93 -36.25
N HIS A 843 12.19 -9.05 -36.39
CA HIS A 843 13.64 -9.06 -36.59
C HIS A 843 13.99 -10.28 -37.43
N PRO A 844 13.86 -10.19 -38.76
CA PRO A 844 14.01 -11.39 -39.59
C PRO A 844 15.45 -11.89 -39.71
N ALA A 845 15.63 -12.92 -40.53
CA ALA A 845 16.87 -13.68 -40.56
C ALA A 845 17.99 -12.91 -41.24
N LYS A 846 19.17 -12.92 -40.62
CA LYS A 846 20.48 -12.60 -41.19
C LYS A 846 20.71 -11.13 -41.50
N GLU A 847 19.69 -10.28 -41.33
CA GLU A 847 19.86 -8.85 -41.56
C GLU A 847 20.16 -8.15 -40.25
N ALA A 848 20.93 -7.07 -40.33
CA ALA A 848 21.58 -6.52 -39.16
C ALA A 848 20.61 -5.77 -38.27
N ILE A 849 20.90 -5.78 -36.97
CA ILE A 849 20.07 -5.13 -35.96
C ILE A 849 20.96 -4.17 -35.18
N ALA A 850 20.52 -2.92 -35.06
CA ALA A 850 21.31 -1.89 -34.40
C ALA A 850 21.25 -2.06 -32.89
N ASN A 851 22.41 -1.96 -32.23
CA ASN A 851 22.49 -2.14 -30.79
C ASN A 851 21.98 -0.89 -30.06
N LYS A 852 22.03 -0.95 -28.73
CA LYS A 852 21.56 0.12 -27.85
C LYS A 852 22.59 0.42 -26.78
N ASN A 853 23.86 0.55 -27.19
CA ASN A 853 24.92 0.89 -26.27
C ASN A 853 25.96 1.67 -27.06
N LYS A 854 26.36 2.83 -26.53
CA LYS A 854 27.37 3.66 -27.18
C LYS A 854 28.78 3.29 -26.78
N ASP A 855 28.95 2.57 -25.67
CA ASP A 855 30.26 2.05 -25.29
C ASP A 855 30.59 0.76 -26.04
N ASN A 856 29.61 0.15 -26.68
CA ASN A 856 29.74 -1.16 -27.32
C ASN A 856 30.61 -1.05 -28.56
N PRO A 857 31.72 -1.82 -28.68
CA PRO A 857 32.55 -1.80 -29.89
C PRO A 857 31.98 -2.58 -31.06
N LYS A 858 30.70 -2.34 -31.35
CA LYS A 858 29.90 -3.05 -32.32
C LYS A 858 28.61 -2.28 -32.49
N LYS A 859 28.10 -2.24 -33.71
CA LYS A 859 26.87 -1.50 -33.99
C LYS A 859 25.79 -2.34 -34.64
N GLU A 860 26.09 -3.57 -35.06
CA GLU A 860 25.13 -4.44 -35.73
C GLU A 860 25.25 -5.83 -35.15
N SER A 861 24.40 -6.74 -35.61
CA SER A 861 24.51 -8.16 -35.25
C SER A 861 23.89 -8.99 -36.35
N VAL A 862 24.47 -10.15 -36.63
CA VAL A 862 24.10 -10.90 -37.82
C VAL A 862 22.84 -11.75 -37.59
N PHE A 863 22.89 -12.71 -36.64
CA PHE A 863 21.72 -13.48 -36.17
C PHE A 863 20.98 -14.26 -37.26
N GLU A 864 21.57 -15.38 -37.71
CA GLU A 864 20.95 -16.26 -38.71
C GLU A 864 19.54 -16.69 -38.37
N TYR A 865 19.22 -16.83 -37.09
CA TYR A 865 17.87 -17.15 -36.64
C TYR A 865 17.06 -15.88 -36.40
N ASP A 866 15.74 -16.06 -36.31
CA ASP A 866 14.85 -14.94 -36.04
C ASP A 866 14.91 -14.56 -34.56
N LEU A 867 14.26 -13.45 -34.24
CA LEU A 867 14.08 -13.00 -32.85
C LEU A 867 12.68 -12.40 -32.75
N ILE A 868 11.69 -13.24 -32.40
CA ILE A 868 10.33 -12.76 -32.18
C ILE A 868 10.31 -11.93 -30.90
N LYS A 869 9.27 -11.09 -30.76
CA LYS A 869 9.20 -10.06 -29.71
C LYS A 869 9.25 -10.66 -28.31
N ASP A 870 8.30 -11.53 -27.97
CA ASP A 870 8.28 -12.24 -26.69
C ASP A 870 8.02 -13.71 -26.97
N LYS A 871 9.06 -14.53 -27.03
CA LYS A 871 8.82 -15.95 -27.18
C LYS A 871 8.33 -16.61 -25.91
N ARG A 872 8.38 -15.91 -24.78
CA ARG A 872 7.74 -16.40 -23.57
C ARG A 872 6.23 -16.52 -23.77
N PHE A 873 5.65 -15.57 -24.50
CA PHE A 873 4.21 -15.40 -24.51
C PHE A 873 3.59 -15.68 -25.87
N THR A 874 4.37 -16.10 -26.85
CA THR A 874 3.85 -16.59 -28.11
C THR A 874 3.55 -18.08 -28.09
N GLU A 875 3.74 -18.72 -26.95
CA GLU A 875 3.71 -20.18 -26.83
C GLU A 875 2.81 -20.59 -25.69
N ASP A 876 2.02 -21.65 -25.90
CA ASP A 876 1.20 -22.22 -24.85
C ASP A 876 2.08 -23.09 -23.98
N LYS A 877 2.46 -22.60 -22.81
CA LYS A 877 3.48 -23.27 -22.01
C LYS A 877 2.86 -24.06 -20.85
N PHE A 878 3.68 -24.93 -20.28
CA PHE A 878 3.37 -25.68 -19.07
C PHE A 878 4.36 -25.24 -18.02
N PHE A 879 3.88 -24.99 -16.80
CA PHE A 879 4.76 -24.50 -15.75
C PHE A 879 4.69 -25.42 -14.54
N PHE A 880 5.67 -25.25 -13.67
CA PHE A 880 5.86 -26.16 -12.55
C PHE A 880 6.42 -25.37 -11.38
N HIS A 881 5.53 -24.94 -10.50
CA HIS A 881 5.87 -24.24 -9.27
C HIS A 881 6.15 -25.28 -8.19
N CYS A 882 7.35 -25.25 -7.62
CA CYS A 882 7.79 -26.34 -6.77
C CYS A 882 8.44 -25.82 -5.50
N PRO A 883 7.85 -26.06 -4.33
CA PRO A 883 8.41 -25.51 -3.10
C PRO A 883 9.68 -26.21 -2.68
N ILE A 884 10.51 -25.50 -1.92
CA ILE A 884 11.69 -26.05 -1.29
C ILE A 884 11.71 -25.56 0.15
N THR A 885 12.58 -26.13 0.98
CA THR A 885 12.62 -25.81 2.41
C THR A 885 14.08 -25.68 2.85
N ILE A 886 14.76 -24.72 2.25
CA ILE A 886 16.18 -24.44 2.48
C ILE A 886 16.52 -24.34 3.95
N ASN A 887 17.72 -24.81 4.32
CA ASN A 887 18.21 -24.90 5.70
C ASN A 887 17.27 -25.76 6.55
N PHE A 888 17.12 -27.01 6.10
CA PHE A 888 16.02 -27.86 6.54
C PHE A 888 16.22 -28.37 7.97
N LYS A 889 17.39 -28.90 8.27
CA LYS A 889 17.66 -29.35 9.64
C LYS A 889 18.35 -28.28 10.47
N SER A 890 17.84 -27.06 10.48
CA SER A 890 18.47 -26.01 11.28
C SER A 890 17.49 -25.03 11.89
N SER A 891 16.18 -25.30 11.84
CA SER A 891 15.17 -24.25 11.92
C SER A 891 15.01 -23.62 13.30
N GLY A 892 16.04 -22.92 13.78
CA GLY A 892 15.87 -22.03 14.91
C GLY A 892 15.78 -20.58 14.47
N ALA A 893 14.55 -20.08 14.34
CA ALA A 893 14.30 -18.74 13.82
C ALA A 893 14.04 -17.73 14.93
N ASN A 894 14.40 -18.07 16.16
CA ASN A 894 14.10 -17.24 17.32
C ASN A 894 15.39 -16.91 18.06
N LYS A 895 15.35 -15.80 18.80
CA LYS A 895 16.52 -15.15 19.39
C LYS A 895 17.59 -14.88 18.33
N PHE A 896 17.14 -14.43 17.16
CA PHE A 896 18.05 -14.20 16.05
C PHE A 896 18.89 -12.96 16.30
N ASN A 897 18.25 -11.88 16.74
CA ASN A 897 18.87 -10.58 16.77
C ASN A 897 19.88 -10.42 17.90
N ASP A 898 19.78 -11.21 18.97
CA ASP A 898 20.84 -11.16 19.98
C ASP A 898 22.11 -11.84 19.49
N GLU A 899 21.99 -12.79 18.57
CA GLU A 899 23.18 -13.43 18.00
C GLU A 899 23.96 -12.46 17.13
N ILE A 900 23.28 -11.54 16.46
CA ILE A 900 23.96 -10.50 15.71
C ILE A 900 24.52 -9.43 16.64
N ASN A 901 23.76 -9.06 17.66
CA ASN A 901 24.26 -8.05 18.59
C ASN A 901 25.38 -8.57 19.48
N LEU A 902 25.56 -9.89 19.57
CA LEU A 902 26.77 -10.47 20.13
C LEU A 902 27.86 -10.66 19.10
N LEU A 903 27.50 -10.80 17.82
CA LEU A 903 28.48 -10.78 16.75
C LEU A 903 29.13 -9.40 16.65
N LEU A 904 28.31 -8.36 16.59
CA LEU A 904 28.81 -7.00 16.43
C LEU A 904 29.45 -6.47 17.70
N LYS A 905 29.18 -7.07 18.85
CA LYS A 905 29.90 -6.69 20.06
C LYS A 905 31.35 -7.16 20.00
N GLU A 906 31.61 -8.28 19.32
CA GLU A 906 32.96 -8.78 19.10
C GLU A 906 33.56 -8.32 17.78
N LYS A 907 32.80 -8.39 16.69
CA LYS A 907 33.26 -7.90 15.40
C LYS A 907 32.93 -6.42 15.21
N ALA A 908 33.34 -5.61 16.17
CA ALA A 908 33.36 -4.17 16.04
C ALA A 908 34.77 -3.73 15.68
N ASN A 909 34.91 -2.44 15.35
CA ASN A 909 36.09 -1.80 14.77
C ASN A 909 36.50 -2.38 13.42
N ASP A 910 35.65 -3.22 12.81
CA ASP A 910 35.84 -3.79 11.49
C ASP A 910 34.53 -3.80 10.71
N VAL A 911 33.55 -3.01 11.15
CA VAL A 911 32.20 -3.05 10.62
C VAL A 911 31.80 -1.66 10.16
N HIS A 912 31.25 -1.58 8.95
CA HIS A 912 30.93 -0.32 8.31
C HIS A 912 29.41 -0.15 8.27
N ILE A 913 28.97 1.04 7.91
CA ILE A 913 27.58 1.46 8.12
C ILE A 913 27.03 1.84 6.76
N LEU A 914 26.36 0.92 6.07
CA LEU A 914 25.65 1.34 4.87
C LEU A 914 24.38 2.07 5.30
N SER A 915 23.94 3.04 4.50
CA SER A 915 22.84 3.90 4.93
C SER A 915 22.20 4.57 3.75
N ILE A 916 20.87 4.49 3.65
CA ILE A 916 20.16 4.74 2.42
C ILE A 916 19.07 5.79 2.64
N ASP A 917 19.04 6.81 1.78
CA ASP A 917 18.02 7.85 1.79
C ASP A 917 17.06 7.64 0.65
N ARG A 918 15.81 7.41 0.95
CA ARG A 918 14.87 7.25 -0.13
C ARG A 918 14.26 8.61 -0.47
N GLY A 919 13.31 8.66 -1.39
CA GLY A 919 12.74 9.95 -1.76
C GLY A 919 12.53 10.17 -3.23
N GLU A 920 12.65 11.40 -3.70
CA GLU A 920 12.47 11.74 -5.10
C GLU A 920 13.71 12.32 -5.75
N ARG A 921 14.45 13.18 -5.03
CA ARG A 921 15.67 13.78 -5.56
C ARG A 921 16.77 12.73 -5.76
N HIS A 922 16.74 11.67 -4.96
CA HIS A 922 17.54 10.47 -5.16
C HIS A 922 16.70 9.33 -4.65
N LEU A 923 16.44 8.34 -5.51
CA LEU A 923 15.61 7.21 -5.10
C LEU A 923 16.27 6.40 -4.01
N ALA A 924 17.59 6.27 -4.06
CA ALA A 924 18.34 5.80 -2.92
C ALA A 924 19.69 6.45 -2.98
N TYR A 925 20.41 6.44 -1.87
CA TYR A 925 21.73 7.05 -1.87
C TYR A 925 22.52 6.35 -0.77
N TYR A 926 23.37 5.42 -1.13
CA TYR A 926 24.11 4.78 -0.05
C TYR A 926 25.28 5.65 0.36
N THR A 927 25.79 5.40 1.55
CA THR A 927 27.04 6.04 1.98
C THR A 927 27.69 5.10 2.98
N LEU A 928 28.73 4.40 2.52
CA LEU A 928 29.45 3.45 3.37
C LEU A 928 30.29 4.22 4.38
N VAL A 929 29.66 4.60 5.48
CA VAL A 929 30.36 5.28 6.56
C VAL A 929 31.08 4.24 7.38
N ASP A 930 32.36 4.47 7.66
CA ASP A 930 33.09 3.50 8.47
C ASP A 930 32.88 3.79 9.95
N GLY A 931 33.71 3.19 10.80
CA GLY A 931 33.55 3.33 12.24
C GLY A 931 34.16 4.58 12.84
N LYS A 932 34.43 5.60 12.02
CA LYS A 932 34.89 6.88 12.50
C LYS A 932 34.17 8.06 11.86
N GLY A 933 33.26 7.81 10.93
CA GLY A 933 32.59 8.91 10.26
C GLY A 933 33.08 9.16 8.85
N ASN A 934 34.38 9.02 8.63
CA ASN A 934 35.01 9.35 7.35
C ASN A 934 34.57 8.35 6.30
N ILE A 935 33.70 8.78 5.38
CA ILE A 935 33.02 7.84 4.50
C ILE A 935 33.97 7.28 3.45
N ILE A 936 33.55 6.17 2.84
CA ILE A 936 34.43 5.40 1.97
C ILE A 936 33.86 5.42 0.56
N LYS A 937 32.65 4.91 0.39
CA LYS A 937 31.99 4.96 -0.91
C LYS A 937 30.73 5.78 -0.79
N GLN A 938 30.30 6.31 -1.93
CA GLN A 938 29.20 7.27 -1.98
C GLN A 938 28.74 7.35 -3.41
N ASP A 939 27.54 6.88 -3.70
CA ASP A 939 26.98 6.95 -5.03
C ASP A 939 25.48 6.91 -4.93
N THR A 940 24.82 7.57 -5.86
CA THR A 940 23.39 7.41 -5.94
C THR A 940 23.04 6.03 -6.48
N PHE A 941 21.89 5.53 -6.05
CA PHE A 941 21.27 4.43 -6.78
C PHE A 941 20.27 4.96 -7.78
N ASN A 942 20.69 5.89 -8.62
CA ASN A 942 19.88 6.28 -9.77
C ASN A 942 20.45 5.72 -11.05
N ILE A 943 21.77 5.79 -11.19
CA ILE A 943 22.49 5.19 -12.30
C ILE A 943 23.18 3.97 -11.74
N ILE A 944 22.70 2.79 -12.12
CA ILE A 944 23.08 1.52 -11.52
C ILE A 944 23.31 0.53 -12.66
N GLY A 945 24.07 -0.53 -12.38
CA GLY A 945 24.44 -1.48 -13.40
C GLY A 945 25.80 -1.23 -14.00
N ASN A 946 26.85 -1.23 -13.16
CA ASN A 946 28.21 -0.87 -13.54
C ASN A 946 28.92 -1.89 -14.45
N ASP A 947 28.26 -2.90 -15.00
CA ASP A 947 28.95 -3.89 -15.81
C ASP A 947 29.31 -3.33 -17.18
N ARG A 948 28.30 -3.03 -18.01
CA ARG A 948 28.56 -2.42 -19.31
C ARG A 948 27.51 -1.41 -19.76
N MET A 949 26.49 -1.09 -18.96
CA MET A 949 25.37 -0.33 -19.48
C MET A 949 25.17 1.01 -18.81
N LYS A 950 25.07 1.04 -17.48
CA LYS A 950 24.85 2.26 -16.66
C LYS A 950 23.59 3.02 -17.08
N THR A 951 22.45 2.36 -16.93
CA THR A 951 21.19 3.01 -17.20
C THR A 951 20.70 3.79 -15.98
N ASN A 952 19.79 4.73 -16.22
CA ASN A 952 19.29 5.67 -15.23
C ASN A 952 17.82 5.36 -15.01
N TYR A 953 17.50 4.71 -13.88
CA TYR A 953 16.12 4.34 -13.59
C TYR A 953 15.34 5.46 -12.92
N HIS A 954 16.03 6.42 -12.31
CA HIS A 954 15.38 7.60 -11.73
C HIS A 954 14.61 8.37 -12.79
N ASP A 955 15.12 8.41 -14.02
CA ASP A 955 14.41 8.98 -15.14
C ASP A 955 13.50 7.98 -15.84
N LYS A 956 13.79 6.68 -15.74
CA LYS A 956 12.87 5.68 -16.27
C LYS A 956 11.62 5.60 -15.42
N LEU A 957 11.78 5.61 -14.10
CA LEU A 957 10.62 5.56 -13.21
C LEU A 957 9.83 6.87 -13.24
N ALA A 958 10.52 8.01 -13.40
CA ALA A 958 9.82 9.26 -13.57
C ALA A 958 9.06 9.32 -14.89
N ALA A 959 9.57 8.62 -15.92
CA ALA A 959 8.85 8.56 -17.18
C ALA A 959 7.63 7.67 -17.12
N ILE A 960 7.55 6.78 -16.14
CA ILE A 960 6.34 5.97 -16.00
C ILE A 960 5.29 6.73 -15.21
N GLU A 961 5.71 7.44 -14.15
CA GLU A 961 4.83 8.36 -13.41
C GLU A 961 4.14 9.34 -14.34
N LYS A 962 4.92 10.01 -15.18
CA LYS A 962 4.37 10.94 -16.14
C LYS A 962 3.58 10.25 -17.25
N ASP A 963 3.69 8.93 -17.38
CA ASP A 963 2.83 8.17 -18.27
C ASP A 963 1.64 7.56 -17.56
N ARG A 964 1.82 7.09 -16.32
CA ARG A 964 0.70 6.57 -15.55
C ARG A 964 -0.31 7.66 -15.22
N ASP A 965 0.18 8.79 -14.72
CA ASP A 965 -0.67 9.92 -14.39
C ASP A 965 -1.31 10.52 -15.63
N SER A 966 -0.62 10.43 -16.77
CA SER A 966 -1.24 10.80 -18.03
C SER A 966 -2.22 9.74 -18.51
N ALA A 967 -2.00 8.48 -18.15
CA ALA A 967 -2.95 7.44 -18.55
C ALA A 967 -4.24 7.52 -17.74
N ARG A 968 -4.14 7.93 -16.48
CA ARG A 968 -5.33 8.12 -15.67
C ARG A 968 -6.17 9.28 -16.17
N LYS A 969 -5.52 10.38 -16.57
CA LYS A 969 -6.17 11.59 -17.04
C LYS A 969 -6.49 11.56 -18.52
N ASP A 970 -6.09 10.53 -19.26
CA ASP A 970 -6.50 10.39 -20.65
C ASP A 970 -7.24 9.10 -20.90
N TRP A 971 -7.51 8.33 -19.85
CA TRP A 971 -8.20 7.04 -19.84
C TRP A 971 -7.42 5.97 -20.59
N LYS A 972 -6.11 6.13 -20.69
CA LYS A 972 -5.25 5.13 -21.31
C LYS A 972 -5.05 3.98 -20.34
N LYS A 973 -4.30 2.98 -20.77
CA LYS A 973 -3.98 1.87 -19.88
C LYS A 973 -2.92 2.30 -18.88
N ILE A 974 -3.19 2.08 -17.60
CA ILE A 974 -2.22 2.39 -16.56
C ILE A 974 -1.19 1.26 -16.54
N ASN A 975 0.04 1.58 -16.92
CA ASN A 975 1.08 0.56 -17.01
C ASN A 975 1.73 0.35 -15.66
N ASN A 976 2.00 -0.90 -15.35
CA ASN A 976 2.39 -1.31 -14.01
C ASN A 976 3.83 -0.88 -13.73
N ILE A 977 4.01 -0.07 -12.69
CA ILE A 977 5.33 0.46 -12.37
C ILE A 977 6.08 -0.45 -11.41
N LYS A 978 5.45 -1.51 -10.91
CA LYS A 978 6.11 -2.31 -9.88
C LYS A 978 7.18 -3.21 -10.45
N GLU A 979 7.03 -3.69 -11.69
CA GLU A 979 8.03 -4.57 -12.29
C GLU A 979 9.31 -3.83 -12.64
N MET A 980 9.18 -2.64 -13.22
CA MET A 980 10.33 -1.77 -13.46
C MET A 980 11.03 -1.40 -12.16
N LYS A 981 10.26 -1.31 -11.10
CA LYS A 981 10.82 -0.97 -9.80
C LYS A 981 11.39 -2.19 -9.10
N GLU A 982 10.82 -3.38 -9.35
CA GLU A 982 11.44 -4.62 -8.88
C GLU A 982 12.76 -4.89 -9.61
N GLY A 983 12.79 -4.63 -10.92
CA GLY A 983 14.00 -4.82 -11.69
C GLY A 983 15.05 -3.75 -11.46
N TYR A 984 14.62 -2.55 -11.08
CA TYR A 984 15.58 -1.55 -10.64
C TYR A 984 16.20 -1.94 -9.32
N LEU A 985 15.39 -2.39 -8.37
CA LEU A 985 15.91 -2.65 -7.03
C LEU A 985 16.74 -3.91 -6.97
N SER A 986 16.55 -4.86 -7.89
CA SER A 986 17.41 -6.04 -7.95
C SER A 986 18.85 -5.67 -8.26
N GLN A 987 19.05 -4.61 -9.05
CA GLN A 987 20.38 -4.07 -9.27
C GLN A 987 20.92 -3.42 -8.01
N VAL A 988 20.03 -2.79 -7.24
CA VAL A 988 20.45 -2.06 -6.04
C VAL A 988 20.81 -3.04 -4.94
N VAL A 989 19.97 -4.06 -4.76
CA VAL A 989 20.13 -5.01 -3.66
C VAL A 989 21.39 -5.83 -3.83
N HIS A 990 21.64 -6.31 -5.04
CA HIS A 990 22.91 -6.97 -5.34
C HIS A 990 24.09 -6.03 -5.14
N GLU A 991 23.92 -4.76 -5.48
CA GLU A 991 24.98 -3.80 -5.20
C GLU A 991 25.09 -3.53 -3.70
N ILE A 992 23.96 -3.59 -2.99
CA ILE A 992 24.02 -3.57 -1.54
C ILE A 992 24.65 -4.85 -1.02
N ALA A 993 24.18 -6.02 -1.52
CA ALA A 993 24.62 -7.31 -0.99
C ALA A 993 26.09 -7.58 -1.23
N LYS A 994 26.68 -7.02 -2.28
CA LYS A 994 28.14 -7.10 -2.40
C LYS A 994 28.81 -6.25 -1.35
N LEU A 995 28.25 -5.07 -1.06
CA LEU A 995 28.85 -4.16 -0.09
C LEU A 995 28.68 -4.66 1.34
N VAL A 996 27.65 -5.47 1.59
CA VAL A 996 27.42 -6.02 2.92
C VAL A 996 28.53 -6.99 3.30
N ILE A 997 29.04 -7.74 2.33
CA ILE A 997 30.02 -8.78 2.57
C ILE A 997 31.45 -8.29 2.31
N GLU A 998 31.65 -7.48 1.26
CA GLU A 998 32.98 -6.98 0.96
C GLU A 998 33.44 -5.94 1.98
N TYR A 999 32.53 -5.14 2.50
CA TYR A 999 32.89 -4.05 3.41
C TYR A 999 32.29 -4.15 4.80
N ASN A 1000 31.61 -5.26 5.12
CA ASN A 1000 31.09 -5.58 6.45
C ASN A 1000 30.05 -4.55 6.92
N ALA A 1001 28.97 -4.46 6.16
CA ALA A 1001 27.96 -3.44 6.42
C ALA A 1001 26.92 -3.93 7.42
N ILE A 1002 26.28 -2.97 8.08
CA ILE A 1002 25.13 -3.21 8.96
C ILE A 1002 23.93 -2.34 8.58
N VAL A 1003 23.59 -2.31 7.28
CA VAL A 1003 22.76 -1.33 6.58
C VAL A 1003 21.57 -0.76 7.36
N VAL A 1004 21.50 0.57 7.46
CA VAL A 1004 20.55 1.25 8.36
C VAL A 1004 19.72 2.26 7.57
N PHE A 1005 18.41 2.15 7.68
CA PHE A 1005 17.46 3.02 7.01
C PHE A 1005 16.92 4.08 7.96
N GLN A 1006 16.27 5.09 7.40
CA GLN A 1006 15.41 5.98 8.14
C GLN A 1006 14.14 5.22 8.49
N ASP A 1007 13.45 5.65 9.57
CA ASP A 1007 12.32 4.88 10.06
C ASP A 1007 11.14 4.94 9.11
N LEU A 1008 10.62 6.15 8.86
CA LEU A 1008 9.42 6.40 8.06
C LEU A 1008 8.23 5.61 8.61
N ASN A 1009 7.71 6.11 9.73
CA ASN A 1009 6.45 5.63 10.29
C ASN A 1009 5.37 5.58 9.22
N PHE A 1010 4.43 4.63 9.37
CA PHE A 1010 3.41 4.38 8.34
C PHE A 1010 2.47 5.57 8.14
N GLY A 1011 2.42 6.50 9.09
CA GLY A 1011 1.73 7.75 8.87
C GLY A 1011 2.40 8.62 7.82
N PHE A 1012 3.72 8.50 7.68
CA PHE A 1012 4.41 9.22 6.60
C PHE A 1012 4.10 8.59 5.26
N LYS A 1013 4.46 7.32 5.08
CA LYS A 1013 4.49 6.69 3.77
C LYS A 1013 3.13 6.43 3.19
N ARG A 1014 2.04 6.58 3.95
CA ARG A 1014 0.72 6.51 3.32
C ARG A 1014 0.51 7.69 2.37
N GLY A 1015 0.81 8.91 2.81
CA GLY A 1015 0.69 10.08 1.97
C GLY A 1015 1.93 10.38 1.16
N ARG A 1016 2.98 9.59 1.27
CA ARG A 1016 4.13 9.68 0.38
C ARG A 1016 3.96 8.76 -0.83
N PHE A 1017 2.85 8.03 -0.88
CA PHE A 1017 2.42 7.30 -2.07
C PHE A 1017 1.89 8.20 -3.17
N LYS A 1018 1.85 9.53 -2.95
CA LYS A 1018 1.60 10.47 -4.03
C LYS A 1018 2.68 10.37 -5.10
N VAL A 1019 3.94 10.41 -4.68
CA VAL A 1019 5.04 10.01 -5.53
C VAL A 1019 4.84 8.54 -5.88
N GLU A 1020 5.04 8.19 -7.16
CA GLU A 1020 4.96 6.79 -7.56
C GLU A 1020 6.32 6.18 -7.87
N LYS A 1021 7.35 6.99 -8.05
CA LYS A 1021 8.68 6.43 -8.25
C LYS A 1021 9.36 6.03 -6.95
N GLN A 1022 8.81 6.45 -5.81
CA GLN A 1022 9.45 6.27 -4.51
C GLN A 1022 9.58 4.81 -4.13
N VAL A 1023 10.74 4.43 -3.63
CA VAL A 1023 11.02 3.05 -3.27
C VAL A 1023 10.86 2.87 -1.77
N TYR A 1024 10.04 3.71 -1.15
CA TYR A 1024 9.65 3.49 0.24
C TYR A 1024 8.87 2.19 0.34
N GLN A 1025 9.18 1.43 1.41
CA GLN A 1025 8.71 0.10 1.78
C GLN A 1025 9.25 -1.01 0.90
N LYS A 1026 9.94 -0.67 -0.19
CA LYS A 1026 10.17 -1.61 -1.27
C LYS A 1026 11.63 -1.97 -1.44
N LEU A 1027 12.53 -1.02 -1.22
CA LEU A 1027 13.93 -1.38 -1.09
C LEU A 1027 14.16 -2.17 0.18
N GLU A 1028 13.46 -1.87 1.26
CA GLU A 1028 13.67 -2.59 2.49
C GLU A 1028 13.01 -3.98 2.47
N LYS A 1029 11.85 -4.13 1.85
CA LYS A 1029 11.21 -5.45 1.82
C LYS A 1029 11.90 -6.37 0.83
N MET A 1030 12.52 -5.81 -0.19
CA MET A 1030 13.37 -6.55 -1.11
C MET A 1030 14.82 -6.56 -0.68
N LEU A 1031 15.11 -6.22 0.58
CA LEU A 1031 16.43 -6.41 1.13
C LEU A 1031 16.40 -7.28 2.37
N ILE A 1032 15.24 -7.38 3.01
CA ILE A 1032 15.07 -8.33 4.10
C ILE A 1032 14.91 -9.73 3.54
N GLU A 1033 14.02 -9.92 2.58
CA GLU A 1033 13.83 -11.20 1.92
C GLU A 1033 14.94 -11.57 0.96
N LYS A 1034 15.97 -10.74 0.83
CA LYS A 1034 17.06 -10.99 -0.09
C LYS A 1034 18.38 -11.15 0.64
N LEU A 1035 18.40 -10.88 1.94
CA LEU A 1035 19.45 -11.32 2.84
C LEU A 1035 18.94 -12.37 3.81
N ASN A 1036 17.68 -12.79 3.68
CA ASN A 1036 17.23 -14.02 4.32
C ASN A 1036 17.96 -15.22 3.76
N TYR A 1037 18.34 -15.19 2.49
CA TYR A 1037 19.11 -16.28 1.90
C TYR A 1037 19.92 -15.69 0.76
N LEU A 1038 21.22 -15.53 0.98
CA LEU A 1038 22.09 -14.76 0.10
C LEU A 1038 23.19 -15.65 -0.43
N VAL A 1039 22.92 -16.29 -1.57
CA VAL A 1039 23.85 -17.19 -2.23
C VAL A 1039 24.57 -16.45 -3.35
N PHE A 1040 25.90 -16.58 -3.37
CA PHE A 1040 26.75 -16.00 -4.39
C PHE A 1040 27.03 -17.05 -5.48
N LYS A 1041 26.69 -16.71 -6.72
CA LYS A 1041 26.87 -17.63 -7.84
C LYS A 1041 28.34 -17.91 -8.14
N ASP A 1042 29.23 -16.99 -7.80
CA ASP A 1042 30.66 -17.23 -8.01
C ASP A 1042 31.24 -18.19 -6.98
N ASN A 1043 30.65 -18.24 -5.78
CA ASN A 1043 31.30 -18.89 -4.66
C ASN A 1043 31.11 -20.40 -4.75
N GLU A 1044 32.06 -21.14 -4.17
CA GLU A 1044 32.14 -22.58 -4.36
C GLU A 1044 31.01 -23.29 -3.63
N PHE A 1045 30.40 -24.25 -4.33
CA PHE A 1045 29.34 -25.11 -3.82
C PHE A 1045 29.84 -25.86 -2.60
N ASP A 1046 29.21 -25.61 -1.44
CA ASP A 1046 29.43 -26.03 -0.05
C ASP A 1046 30.48 -25.21 0.71
N LYS A 1047 30.95 -24.10 0.15
CA LYS A 1047 31.80 -23.21 0.93
C LYS A 1047 30.92 -22.06 1.45
N THR A 1048 31.53 -21.09 2.14
CA THR A 1048 30.87 -20.28 3.18
C THR A 1048 29.70 -19.46 2.64
N GLY A 1049 29.86 -18.85 1.49
CA GLY A 1049 28.74 -18.14 0.92
C GLY A 1049 28.24 -18.88 -0.30
N GLY A 1050 28.40 -20.20 -0.31
CA GLY A 1050 28.12 -20.98 -1.48
C GLY A 1050 26.64 -21.25 -1.69
N VAL A 1051 26.29 -22.46 -2.10
CA VAL A 1051 24.90 -22.74 -2.43
C VAL A 1051 24.29 -23.53 -1.28
N LEU A 1052 25.06 -24.44 -0.71
CA LEU A 1052 24.60 -25.08 0.51
C LEU A 1052 24.74 -24.14 1.69
N ARG A 1053 25.96 -23.75 2.00
CA ARG A 1053 26.18 -22.74 3.03
C ARG A 1053 25.97 -21.39 2.39
N ALA A 1054 24.81 -20.78 2.62
CA ALA A 1054 24.57 -19.44 2.10
C ALA A 1054 24.28 -18.48 3.24
N TYR A 1055 24.39 -17.19 2.93
CA TYR A 1055 24.32 -16.16 3.95
C TYR A 1055 22.90 -15.89 4.38
N GLN A 1056 22.70 -15.87 5.68
CA GLN A 1056 21.43 -15.52 6.31
C GLN A 1056 21.68 -14.35 7.25
N LEU A 1057 21.24 -13.15 6.84
CA LEU A 1057 21.64 -11.94 7.53
C LEU A 1057 20.47 -11.03 7.91
N THR A 1058 19.24 -11.46 7.72
CA THR A 1058 18.10 -10.80 8.35
C THR A 1058 17.36 -11.80 9.22
N ALA A 1059 16.63 -11.27 10.19
CA ALA A 1059 15.65 -12.04 10.92
C ALA A 1059 14.55 -12.48 9.95
N PRO A 1060 13.89 -13.62 10.21
CA PRO A 1060 12.89 -14.12 9.26
C PRO A 1060 11.72 -13.17 9.12
N PHE A 1061 11.45 -12.78 7.88
CA PHE A 1061 10.49 -11.72 7.63
C PHE A 1061 9.08 -12.22 7.87
N GLU A 1062 8.62 -12.09 9.11
CA GLU A 1062 7.25 -12.45 9.43
C GLU A 1062 6.30 -11.30 9.07
N THR A 1063 6.45 -10.16 9.75
CA THR A 1063 5.72 -8.93 9.43
C THR A 1063 6.67 -7.75 9.60
N PHE A 1064 6.16 -6.56 9.29
CA PHE A 1064 6.77 -5.33 9.78
C PHE A 1064 6.28 -4.95 11.16
N LYS A 1065 5.17 -5.55 11.62
CA LYS A 1065 4.57 -5.13 12.87
C LYS A 1065 5.38 -5.62 14.07
N LYS A 1066 5.77 -6.89 14.05
CA LYS A 1066 6.65 -7.43 15.08
C LYS A 1066 8.10 -7.38 14.67
N MET A 1067 8.48 -6.38 13.88
CA MET A 1067 9.83 -6.19 13.41
C MET A 1067 10.64 -5.28 14.33
N GLY A 1068 10.19 -4.06 14.51
CA GLY A 1068 10.87 -3.13 15.40
C GLY A 1068 11.94 -2.34 14.66
N LYS A 1069 13.14 -2.32 15.24
CA LYS A 1069 14.22 -1.51 14.71
C LYS A 1069 15.50 -2.33 14.57
N GLN A 1070 15.37 -3.64 14.37
CA GLN A 1070 16.52 -4.49 14.06
C GLN A 1070 15.97 -5.71 13.32
N THR A 1071 16.11 -5.72 12.00
CA THR A 1071 15.77 -6.89 11.20
C THR A 1071 17.06 -7.63 10.87
N GLY A 1072 17.70 -8.14 11.90
CA GLY A 1072 18.97 -8.78 11.70
C GLY A 1072 20.10 -7.79 11.75
N ILE A 1073 20.56 -7.33 10.59
CA ILE A 1073 21.48 -6.21 10.50
C ILE A 1073 20.84 -4.97 9.93
N ILE A 1074 19.56 -5.03 9.56
CA ILE A 1074 18.89 -3.87 8.96
C ILE A 1074 18.27 -3.09 10.11
N TYR A 1075 19.09 -2.22 10.70
CA TYR A 1075 18.63 -1.32 11.74
C TYR A 1075 17.76 -0.23 11.14
N TYR A 1076 16.89 0.33 11.95
CA TYR A 1076 16.21 1.57 11.59
C TYR A 1076 16.61 2.66 12.57
N VAL A 1077 16.62 3.89 12.09
CA VAL A 1077 16.81 5.05 12.95
C VAL A 1077 15.64 5.99 12.66
N PRO A 1078 15.18 6.80 13.62
CA PRO A 1078 13.97 7.60 13.40
C PRO A 1078 14.24 8.84 12.55
N ALA A 1079 13.15 9.33 11.96
CA ALA A 1079 13.23 10.38 10.95
C ALA A 1079 13.50 11.74 11.60
N GLY A 1080 13.59 12.76 10.76
CA GLY A 1080 13.76 14.11 11.23
C GLY A 1080 15.18 14.47 11.57
N PHE A 1081 15.60 15.66 11.11
CA PHE A 1081 16.91 16.26 11.41
C PHE A 1081 18.06 15.36 10.99
N THR A 1082 17.99 14.90 9.74
CA THR A 1082 19.08 14.17 9.11
C THR A 1082 19.70 14.91 7.94
N SER A 1083 18.91 15.72 7.24
CA SER A 1083 19.34 16.36 6.01
C SER A 1083 19.82 17.79 6.22
N LYS A 1084 19.30 18.49 7.22
CA LYS A 1084 19.46 19.93 7.35
C LYS A 1084 20.68 20.33 8.16
N ILE A 1085 21.67 19.45 8.31
CA ILE A 1085 22.74 19.68 9.26
C ILE A 1085 24.03 19.96 8.52
N CYS A 1086 24.77 20.96 9.01
CA CYS A 1086 26.15 21.14 8.63
C CYS A 1086 26.98 19.93 9.01
N PRO A 1087 27.71 19.33 8.09
CA PRO A 1087 28.48 18.12 8.42
C PRO A 1087 29.74 18.35 9.25
N VAL A 1088 30.49 19.42 9.00
CA VAL A 1088 31.73 19.58 9.75
C VAL A 1088 31.50 20.07 11.17
N THR A 1089 30.39 20.73 11.45
CA THR A 1089 30.13 21.29 12.78
C THR A 1089 28.94 20.62 13.46
N GLY A 1090 27.76 20.66 12.85
CA GLY A 1090 26.60 20.07 13.46
C GLY A 1090 25.48 21.05 13.77
N PHE A 1091 25.43 22.16 13.05
CA PHE A 1091 24.40 23.16 13.28
C PHE A 1091 23.05 22.68 12.74
N VAL A 1092 21.97 23.10 13.40
CA VAL A 1092 20.61 22.73 13.04
C VAL A 1092 19.72 23.96 13.06
N ASN A 1093 18.49 23.79 12.58
CA ASN A 1093 17.53 24.89 12.47
C ASN A 1093 16.59 24.89 13.67
N GLN A 1094 17.15 25.19 14.83
CA GLN A 1094 16.36 25.23 16.06
C GLN A 1094 15.67 26.57 16.29
N LEU A 1095 15.91 27.55 15.43
CA LEU A 1095 15.14 28.79 15.42
C LEU A 1095 13.97 28.64 14.45
N TYR A 1096 12.89 29.37 14.71
CA TYR A 1096 11.75 29.42 13.79
C TYR A 1096 11.11 30.79 13.84
N PRO A 1097 11.67 31.78 13.15
CA PRO A 1097 10.99 33.08 13.06
C PRO A 1097 9.85 33.04 12.05
N LYS A 1098 8.71 33.60 12.44
CA LYS A 1098 7.51 33.54 11.62
C LYS A 1098 6.81 34.89 11.50
N TYR A 1099 7.23 35.90 12.28
CA TYR A 1099 6.61 37.23 12.38
C TYR A 1099 5.15 37.11 12.84
N GLU A 1100 5.02 36.69 14.10
CA GLU A 1100 3.72 36.72 14.77
C GLU A 1100 3.32 38.14 15.12
N SER A 1101 4.16 38.82 15.89
CA SER A 1101 3.88 40.19 16.33
C SER A 1101 5.03 41.13 16.03
N VAL A 1102 4.95 42.35 16.54
CA VAL A 1102 5.96 43.37 16.31
C VAL A 1102 6.78 43.64 17.57
N SER A 1103 6.11 43.68 18.73
CA SER A 1103 6.80 43.98 19.98
C SER A 1103 7.71 42.83 20.41
N LYS A 1104 7.26 41.59 20.26
CA LYS A 1104 8.09 40.44 20.59
C LYS A 1104 9.17 40.19 19.55
N SER A 1105 9.07 40.80 18.36
CA SER A 1105 10.17 40.75 17.42
C SER A 1105 11.37 41.53 17.92
N GLN A 1106 11.13 42.62 18.69
CA GLN A 1106 12.21 43.27 19.42
C GLN A 1106 12.79 42.33 20.46
N GLU A 1107 11.95 41.53 21.10
CA GLU A 1107 12.42 40.53 22.05
C GLU A 1107 13.15 39.39 21.36
N PHE A 1108 12.86 39.14 20.08
CA PHE A 1108 13.56 38.09 19.35
C PHE A 1108 15.02 38.46 19.12
N PHE A 1109 15.25 39.61 18.48
CA PHE A 1109 16.60 40.02 18.10
C PHE A 1109 17.39 40.59 19.26
N SER A 1110 16.82 40.65 20.47
CA SER A 1110 17.56 40.96 21.67
C SER A 1110 18.17 39.72 22.31
N LYS A 1111 17.71 38.52 21.93
CA LYS A 1111 18.20 37.29 22.52
C LYS A 1111 19.57 36.88 22.01
N PHE A 1112 19.99 37.39 20.86
CA PHE A 1112 21.29 37.07 20.31
C PHE A 1112 22.39 37.70 21.16
N ASP A 1113 23.61 37.19 21.01
CA ASP A 1113 24.71 37.75 21.81
C ASP A 1113 25.29 38.99 21.14
N LYS A 1114 25.56 38.91 19.84
CA LYS A 1114 25.97 40.08 19.07
C LYS A 1114 25.65 39.86 17.60
N ILE A 1115 25.18 40.92 16.95
CA ILE A 1115 24.91 40.94 15.52
C ILE A 1115 25.87 41.95 14.92
N CYS A 1116 26.98 41.46 14.35
CA CYS A 1116 28.08 42.35 13.99
C CYS A 1116 28.58 42.05 12.59
N TYR A 1117 29.14 43.09 11.96
CA TYR A 1117 29.92 42.96 10.75
C TYR A 1117 31.37 42.67 11.10
N ASN A 1118 32.02 41.85 10.29
CA ASN A 1118 33.42 41.48 10.54
C ASN A 1118 34.31 42.45 9.77
N LEU A 1119 35.14 43.20 10.49
CA LEU A 1119 36.08 44.11 9.86
C LEU A 1119 37.21 43.35 9.18
N ASP A 1120 37.61 42.21 9.72
CA ASP A 1120 38.81 41.52 9.25
C ASP A 1120 38.58 40.78 7.94
N LYS A 1121 37.38 40.23 7.73
CA LYS A 1121 37.08 39.47 6.53
C LYS A 1121 36.04 40.14 5.64
N GLY A 1122 34.90 40.56 6.19
CA GLY A 1122 33.91 41.23 5.37
C GLY A 1122 32.55 40.57 5.24
N TYR A 1123 32.07 39.92 6.30
CA TYR A 1123 30.73 39.36 6.28
C TYR A 1123 30.09 39.50 7.66
N PHE A 1124 28.76 39.50 7.67
CA PHE A 1124 28.01 39.64 8.91
C PHE A 1124 28.13 38.40 9.78
N GLU A 1125 27.76 38.57 11.05
CA GLU A 1125 27.63 37.46 11.98
C GLU A 1125 26.39 37.68 12.82
N PHE A 1126 25.70 36.58 13.15
CA PHE A 1126 24.59 36.63 14.10
C PHE A 1126 24.93 35.87 15.38
N SER A 1127 26.19 35.94 15.82
CA SER A 1127 26.79 35.06 16.82
C SER A 1127 26.05 35.04 18.15
N PHE A 1128 25.46 33.89 18.51
CA PHE A 1128 24.55 33.83 19.65
C PHE A 1128 24.80 32.53 20.42
N ASP A 1129 23.92 32.27 21.37
CA ASP A 1129 23.83 31.00 22.07
C ASP A 1129 22.35 30.64 22.19
N TYR A 1130 22.05 29.34 22.24
CA TYR A 1130 20.66 28.92 22.15
C TYR A 1130 20.00 28.75 23.52
N LYS A 1131 20.76 28.91 24.62
CA LYS A 1131 20.18 28.79 25.97
C LYS A 1131 19.10 29.83 26.23
N ASN A 1132 19.18 30.98 25.57
CA ASN A 1132 18.17 32.03 25.73
C ASN A 1132 17.07 31.92 24.68
N PHE A 1133 16.49 30.72 24.53
CA PHE A 1133 15.40 30.48 23.60
C PHE A 1133 14.44 29.49 24.22
N GLY A 1134 13.31 29.27 23.55
CA GLY A 1134 12.15 28.66 24.16
C GLY A 1134 12.14 27.19 24.49
N ASP A 1135 12.13 26.32 23.48
CA ASP A 1135 11.66 24.94 23.68
C ASP A 1135 12.74 24.04 24.25
N LYS A 1136 13.81 23.80 23.49
CA LYS A 1136 14.77 22.74 23.81
C LYS A 1136 16.18 23.24 23.53
N ALA A 1137 16.89 23.60 24.59
CA ALA A 1137 18.22 24.20 24.44
C ALA A 1137 19.26 23.13 24.10
N ALA A 1138 19.99 23.36 23.02
CA ALA A 1138 21.13 22.55 22.63
C ALA A 1138 22.40 23.34 22.94
N LYS A 1139 23.26 22.78 23.79
CA LYS A 1139 24.40 23.55 24.30
C LYS A 1139 25.47 23.73 23.22
N GLY A 1140 25.87 24.98 23.03
CA GLY A 1140 26.84 25.34 22.01
C GLY A 1140 26.64 26.77 21.54
N LYS A 1141 27.74 27.50 21.38
CA LYS A 1141 27.69 28.92 21.01
C LYS A 1141 27.83 29.01 19.49
N TRP A 1142 26.73 29.30 18.81
CA TRP A 1142 26.74 29.31 17.36
C TRP A 1142 27.01 30.70 16.82
N THR A 1143 27.73 30.75 15.71
CA THR A 1143 28.26 31.97 15.10
C THR A 1143 27.88 32.05 13.64
N ILE A 1144 26.57 31.90 13.34
CA ILE A 1144 26.12 31.82 11.95
C ILE A 1144 26.39 33.14 11.23
N ALA A 1145 26.62 33.03 9.92
CA ALA A 1145 27.17 34.15 9.18
C ALA A 1145 26.46 34.32 7.85
N SER A 1146 27.01 35.17 6.98
CA SER A 1146 26.40 35.38 5.67
C SER A 1146 27.45 35.49 4.58
N PHE A 1147 28.60 34.84 4.75
CA PHE A 1147 29.65 34.89 3.75
C PHE A 1147 29.29 34.08 2.51
N GLY A 1148 28.68 32.92 2.70
CA GLY A 1148 28.25 32.12 1.57
C GLY A 1148 27.07 32.77 0.87
N SER A 1149 27.10 32.69 -0.45
CA SER A 1149 26.07 33.32 -1.29
C SER A 1149 24.89 32.37 -1.39
N ARG A 1150 23.85 32.62 -0.60
CA ARG A 1150 22.70 31.73 -0.55
C ARG A 1150 21.82 31.92 -1.78
N LEU A 1151 20.68 31.23 -1.78
CA LEU A 1151 19.98 30.90 -3.01
C LEU A 1151 18.49 30.78 -2.81
N ILE A 1152 17.89 29.98 -3.69
CA ILE A 1152 16.49 29.87 -4.10
C ILE A 1152 15.48 29.96 -2.96
N ASN A 1153 14.46 30.82 -3.13
CA ASN A 1153 13.45 31.07 -2.12
C ASN A 1153 12.04 30.71 -2.58
N PHE A 1154 11.90 30.08 -3.75
CA PHE A 1154 10.65 29.51 -4.28
C PHE A 1154 9.56 30.57 -4.43
N ARG A 1155 9.79 31.49 -5.37
CA ARG A 1155 8.81 32.52 -5.66
C ARG A 1155 7.62 31.91 -6.41
N ASN A 1156 6.66 32.77 -6.74
CA ASN A 1156 5.40 32.33 -7.31
C ASN A 1156 4.96 33.35 -8.34
N SER A 1157 4.72 32.89 -9.57
CA SER A 1157 4.52 33.81 -10.70
C SER A 1157 3.16 34.47 -10.65
N ASP A 1158 2.09 33.68 -10.79
CA ASP A 1158 0.73 34.18 -10.79
C ASP A 1158 -0.04 33.71 -9.58
N LYS A 1159 0.03 32.43 -9.28
CA LYS A 1159 -0.53 31.82 -8.09
C LYS A 1159 0.61 31.14 -7.33
N ASN A 1160 0.27 30.48 -6.23
CA ASN A 1160 1.27 30.02 -5.27
C ASN A 1160 1.78 28.61 -5.56
N HIS A 1161 2.46 28.04 -4.56
CA HIS A 1161 2.85 26.63 -4.45
C HIS A 1161 3.81 26.20 -5.55
N ASN A 1162 5.00 26.80 -5.48
CA ASN A 1162 6.25 26.30 -6.06
C ASN A 1162 6.28 26.26 -7.58
N TRP A 1163 6.09 27.41 -8.23
CA TRP A 1163 6.26 27.49 -9.67
C TRP A 1163 7.72 27.63 -10.05
N ASP A 1164 8.41 28.62 -9.48
CA ASP A 1164 9.74 29.02 -9.95
C ASP A 1164 10.66 29.26 -8.75
N THR A 1165 11.80 29.90 -9.02
CA THR A 1165 12.90 30.06 -8.07
C THR A 1165 13.36 31.52 -8.07
N ARG A 1166 14.31 31.82 -7.18
CA ARG A 1166 14.96 33.13 -7.09
C ARG A 1166 16.42 32.93 -6.69
N GLU A 1167 17.06 34.02 -6.27
CA GLU A 1167 18.41 34.05 -5.72
C GLU A 1167 18.63 35.40 -5.06
N VAL A 1168 19.23 35.41 -3.88
CA VAL A 1168 19.56 36.64 -3.18
C VAL A 1168 20.82 36.42 -2.35
N TYR A 1169 21.69 37.43 -2.32
CA TYR A 1169 22.81 37.27 -1.41
C TYR A 1169 22.42 37.76 -0.02
N PRO A 1170 22.84 37.06 1.05
CA PRO A 1170 22.43 37.52 2.39
C PRO A 1170 23.16 38.76 2.87
N THR A 1171 24.48 38.86 2.60
CA THR A 1171 25.27 39.97 3.13
C THR A 1171 24.86 41.30 2.50
N LYS A 1172 24.67 41.31 1.18
CA LYS A 1172 24.33 42.53 0.46
C LYS A 1172 22.84 42.82 0.47
N GLU A 1173 22.04 42.01 1.17
CA GLU A 1173 20.62 42.32 1.36
C GLU A 1173 20.39 43.13 2.64
N LEU A 1174 21.19 42.89 3.68
CA LEU A 1174 21.01 43.58 4.93
C LEU A 1174 21.85 44.85 5.03
N GLU A 1175 22.94 44.95 4.27
CA GLU A 1175 23.64 46.23 4.14
C GLU A 1175 22.75 47.25 3.43
N LYS A 1176 21.88 46.79 2.53
CA LYS A 1176 20.82 47.64 2.01
C LYS A 1176 19.83 48.00 3.11
N LEU A 1177 19.55 47.06 4.01
CA LEU A 1177 18.65 47.35 5.13
C LEU A 1177 19.33 48.19 6.20
N LEU A 1178 20.66 48.12 6.31
CA LEU A 1178 21.40 49.06 7.14
C LEU A 1178 21.68 50.37 6.39
N LYS A 1179 21.24 50.50 5.15
CA LYS A 1179 21.24 51.75 4.41
C LYS A 1179 19.86 52.39 4.36
N ASP A 1180 18.80 51.59 4.38
CA ASP A 1180 17.44 52.11 4.48
C ASP A 1180 17.21 52.77 5.83
N TYR A 1181 17.87 52.28 6.88
CA TYR A 1181 17.83 52.92 8.19
C TYR A 1181 19.23 53.38 8.56
N SER A 1182 19.30 54.22 9.58
CA SER A 1182 20.53 54.93 9.93
C SER A 1182 21.50 54.09 10.74
N ILE A 1183 21.32 52.78 10.83
CA ILE A 1183 22.18 51.93 11.63
C ILE A 1183 23.47 51.68 10.86
N GLU A 1184 24.59 52.06 11.45
CA GLU A 1184 25.90 51.88 10.82
C GLU A 1184 26.64 50.72 11.44
N TYR A 1185 27.69 50.26 10.73
CA TYR A 1185 28.41 49.07 11.11
C TYR A 1185 29.92 49.19 10.91
N GLY A 1186 30.45 50.41 10.81
CA GLY A 1186 31.86 50.59 10.51
C GLY A 1186 32.81 50.33 11.66
N HIS A 1187 32.29 50.30 12.89
CA HIS A 1187 33.15 50.16 14.06
C HIS A 1187 33.42 48.70 14.42
N GLY A 1188 32.48 47.79 14.15
CA GLY A 1188 32.70 46.38 14.40
C GLY A 1188 32.60 45.97 15.85
N GLU A 1189 31.45 46.22 16.46
CA GLU A 1189 31.17 45.79 17.84
C GLU A 1189 29.74 45.28 17.86
N CYS A 1190 29.16 45.17 19.05
CA CYS A 1190 27.79 44.70 19.20
C CYS A 1190 26.82 45.74 18.65
N ILE A 1191 26.05 45.37 17.64
CA ILE A 1191 25.10 46.27 17.01
C ILE A 1191 23.71 45.70 17.26
N LYS A 1192 23.54 45.07 18.43
CA LYS A 1192 22.23 44.50 18.75
C LYS A 1192 21.24 45.57 19.18
N ALA A 1193 21.67 46.52 20.00
CA ALA A 1193 20.75 47.49 20.60
C ALA A 1193 20.17 48.46 19.59
N ALA A 1194 20.91 48.72 18.50
CA ALA A 1194 20.38 49.61 17.46
C ALA A 1194 19.28 48.92 16.65
N ILE A 1195 19.32 47.60 16.54
CA ILE A 1195 18.33 46.88 15.75
C ILE A 1195 17.01 46.78 16.49
N CYS A 1196 17.05 46.51 17.80
CA CYS A 1196 15.83 46.39 18.58
C CYS A 1196 15.13 47.72 18.80
N GLY A 1197 15.82 48.84 18.61
CA GLY A 1197 15.23 50.13 18.81
C GLY A 1197 14.29 50.54 17.70
N GLU A 1198 14.74 50.43 16.45
CA GLU A 1198 14.00 50.94 15.29
C GLU A 1198 12.86 49.98 14.97
N SER A 1199 11.69 50.27 15.52
CA SER A 1199 10.50 49.46 15.28
C SER A 1199 9.79 49.92 14.03
N ASP A 1200 9.27 48.96 13.27
CA ASP A 1200 8.55 49.23 12.04
C ASP A 1200 7.71 48.01 11.68
N LYS A 1201 6.63 48.26 10.94
CA LYS A 1201 5.92 47.19 10.26
C LYS A 1201 6.80 46.50 9.23
N LYS A 1202 7.67 47.27 8.58
CA LYS A 1202 8.51 46.74 7.50
C LYS A 1202 9.77 46.07 8.03
N PHE A 1203 10.40 46.66 9.05
CA PHE A 1203 11.76 46.26 9.43
C PHE A 1203 11.78 44.90 10.12
N PHE A 1204 10.83 44.63 11.01
CA PHE A 1204 10.81 43.36 11.70
C PHE A 1204 9.98 42.30 10.97
N ALA A 1205 9.43 42.61 9.80
CA ALA A 1205 8.86 41.62 8.91
C ALA A 1205 9.79 41.28 7.75
N LYS A 1206 10.91 41.99 7.64
CA LYS A 1206 11.92 41.75 6.61
C LYS A 1206 13.17 41.06 7.16
N LEU A 1207 13.64 41.48 8.34
CA LEU A 1207 14.85 40.89 8.92
C LEU A 1207 14.60 39.45 9.37
N THR A 1208 13.36 39.10 9.71
CA THR A 1208 13.05 37.69 9.96
C THR A 1208 13.00 36.91 8.65
N SER A 1209 12.53 37.54 7.57
CA SER A 1209 12.48 36.86 6.28
C SER A 1209 13.85 36.72 5.64
N VAL A 1210 14.85 37.47 6.09
CA VAL A 1210 16.23 37.19 5.73
C VAL A 1210 16.79 36.09 6.63
N LEU A 1211 16.35 36.04 7.88
CA LEU A 1211 16.75 34.95 8.76
C LEU A 1211 16.09 33.63 8.37
N ASN A 1212 14.96 33.68 7.65
CA ASN A 1212 14.39 32.50 7.01
C ASN A 1212 15.03 32.18 5.66
N THR A 1213 16.18 32.78 5.36
CA THR A 1213 16.95 32.51 4.14
C THR A 1213 18.39 32.15 4.44
N ILE A 1214 19.00 32.76 5.46
CA ILE A 1214 20.31 32.32 5.91
C ILE A 1214 20.22 30.93 6.54
N LEU A 1215 19.12 30.65 7.23
CA LEU A 1215 18.91 29.33 7.82
C LEU A 1215 18.54 28.28 6.79
N GLN A 1216 18.07 28.68 5.61
CA GLN A 1216 17.74 27.73 4.56
C GLN A 1216 19.03 27.23 3.93
N MET A 1217 19.38 25.97 4.23
CA MET A 1217 20.61 25.36 3.73
C MET A 1217 20.39 24.57 2.46
N ARG A 1218 19.26 23.86 2.35
CA ARG A 1218 18.94 23.12 1.13
C ARG A 1218 18.33 24.06 0.11
N ASN A 1219 19.05 24.25 -0.99
CA ASN A 1219 18.78 25.24 -2.03
C ASN A 1219 19.32 24.69 -3.34
N SER A 1220 19.79 25.60 -4.22
CA SER A 1220 20.69 25.27 -5.34
C SER A 1220 19.96 24.56 -6.47
N LYS A 1221 18.78 25.07 -6.80
CA LYS A 1221 18.03 24.82 -8.03
C LYS A 1221 18.59 25.66 -9.17
N THR A 1222 17.79 25.87 -10.22
CA THR A 1222 18.16 26.52 -11.49
C THR A 1222 19.27 25.72 -12.17
N GLY A 1223 18.86 24.53 -12.60
CA GLY A 1223 19.73 23.57 -13.24
C GLY A 1223 19.42 22.18 -12.72
N THR A 1224 19.08 22.11 -11.42
CA THR A 1224 18.80 20.88 -10.68
C THR A 1224 19.93 19.86 -10.83
N GLU A 1225 21.16 20.34 -10.65
CA GLU A 1225 22.37 19.56 -10.85
C GLU A 1225 23.12 19.46 -9.53
N LEU A 1226 22.79 18.45 -8.73
CA LEU A 1226 23.44 18.12 -7.46
C LEU A 1226 23.40 19.29 -6.49
N ASP A 1227 22.19 19.58 -6.02
CA ASP A 1227 21.88 20.78 -5.24
C ASP A 1227 22.61 20.77 -3.90
N TYR A 1228 23.66 21.58 -3.82
CA TYR A 1228 24.70 21.52 -2.80
C TYR A 1228 24.23 22.18 -1.51
N LEU A 1229 25.12 22.22 -0.52
CA LEU A 1229 24.83 22.82 0.77
C LEU A 1229 25.87 23.88 1.13
N ILE A 1230 25.42 24.89 1.87
CA ILE A 1230 26.29 25.93 2.40
C ILE A 1230 26.17 25.88 3.91
N SER A 1231 27.32 25.88 4.59
CA SER A 1231 27.35 25.81 6.04
C SER A 1231 27.64 27.18 6.62
N PRO A 1232 26.84 27.65 7.59
CA PRO A 1232 27.11 28.99 8.15
C PRO A 1232 28.31 29.03 9.07
N VAL A 1233 28.49 28.06 9.96
CA VAL A 1233 29.34 28.28 11.13
C VAL A 1233 30.82 28.03 10.83
N ALA A 1234 31.18 26.79 10.45
CA ALA A 1234 32.54 26.37 10.10
C ALA A 1234 33.56 26.63 11.22
N ASP A 1235 33.38 25.87 12.30
CA ASP A 1235 34.20 25.99 13.49
C ASP A 1235 35.63 25.48 13.30
N VAL A 1236 35.94 24.85 12.17
CA VAL A 1236 37.27 24.27 11.98
C VAL A 1236 38.30 25.37 11.74
N ASN A 1237 38.16 26.11 10.64
CA ASN A 1237 39.07 27.21 10.35
C ASN A 1237 38.36 28.43 9.77
N GLY A 1238 37.03 28.47 9.82
CA GLY A 1238 36.28 29.55 9.22
C GLY A 1238 35.96 29.37 7.76
N ASN A 1239 36.72 28.53 7.05
CA ASN A 1239 36.37 28.19 5.68
C ASN A 1239 35.16 27.27 5.70
N PHE A 1240 34.13 27.64 4.95
CA PHE A 1240 32.82 27.00 5.08
C PHE A 1240 32.83 25.61 4.46
N PHE A 1241 31.78 24.86 4.75
CA PHE A 1241 31.47 23.64 4.02
C PHE A 1241 30.56 24.02 2.86
N ASP A 1242 31.11 24.06 1.66
CA ASP A 1242 30.34 24.15 0.43
C ASP A 1242 30.63 22.86 -0.32
N SER A 1243 29.59 22.03 -0.48
CA SER A 1243 29.81 20.66 -0.93
C SER A 1243 30.11 20.54 -2.42
N ARG A 1244 30.09 21.65 -3.17
CA ARG A 1244 30.70 21.64 -4.49
C ARG A 1244 32.20 21.44 -4.40
N GLN A 1245 32.84 22.12 -3.45
CA GLN A 1245 34.28 22.02 -3.25
C GLN A 1245 34.63 21.01 -2.15
N ALA A 1246 33.82 19.97 -2.00
CA ALA A 1246 33.99 18.98 -0.95
C ALA A 1246 34.99 17.91 -1.36
N PRO A 1247 35.77 17.40 -0.42
CA PRO A 1247 36.68 16.29 -0.72
C PRO A 1247 35.98 14.95 -0.89
N LYS A 1248 36.77 13.87 -0.97
CA LYS A 1248 36.22 12.54 -1.21
C LYS A 1248 35.36 12.07 -0.05
N ASN A 1249 35.78 12.34 1.18
CA ASN A 1249 35.15 11.78 2.37
C ASN A 1249 34.18 12.76 3.04
N MET A 1250 33.47 13.54 2.26
CA MET A 1250 32.43 14.45 2.73
C MET A 1250 31.25 14.31 1.78
N PRO A 1251 30.04 14.72 2.19
CA PRO A 1251 28.89 14.67 1.29
C PRO A 1251 29.07 15.56 0.07
N GLN A 1252 28.42 15.18 -1.02
CA GLN A 1252 28.58 15.92 -2.26
C GLN A 1252 27.35 16.75 -2.63
N ASP A 1253 26.21 16.51 -2.03
CA ASP A 1253 25.07 17.40 -2.21
C ASP A 1253 24.22 17.37 -0.95
N ALA A 1254 22.98 17.85 -1.05
CA ALA A 1254 22.09 17.86 0.11
C ALA A 1254 21.67 16.45 0.47
N ASP A 1255 21.45 15.61 -0.54
CA ASP A 1255 20.98 14.25 -0.33
C ASP A 1255 22.11 13.30 0.04
N ALA A 1256 23.35 13.73 -0.12
CA ALA A 1256 24.46 12.99 0.43
C ALA A 1256 24.69 13.31 1.89
N ASN A 1257 24.01 14.33 2.40
CA ASN A 1257 24.10 14.65 3.81
C ASN A 1257 23.03 13.95 4.61
N GLY A 1258 21.96 13.50 3.95
CA GLY A 1258 21.01 12.64 4.61
C GLY A 1258 21.60 11.28 4.94
N ALA A 1259 22.27 10.67 3.96
CA ALA A 1259 22.92 9.39 4.19
C ALA A 1259 24.20 9.53 4.98
N TYR A 1260 24.77 10.71 5.06
CA TYR A 1260 25.88 10.86 5.97
C TYR A 1260 25.41 10.94 7.40
N HIS A 1261 24.14 11.27 7.65
CA HIS A 1261 23.62 11.34 8.99
C HIS A 1261 22.62 10.26 9.36
N ILE A 1262 21.99 9.58 8.39
CA ILE A 1262 21.38 8.30 8.72
C ILE A 1262 22.45 7.30 9.08
N GLY A 1263 23.58 7.33 8.38
CA GLY A 1263 24.72 6.57 8.79
C GLY A 1263 25.50 7.14 9.94
N LEU A 1264 25.06 8.24 10.54
CA LEU A 1264 25.76 8.79 11.70
C LEU A 1264 24.94 8.70 12.97
N LYS A 1265 23.62 8.79 12.90
CA LYS A 1265 22.83 8.38 14.06
C LYS A 1265 22.69 6.87 14.14
N GLY A 1266 22.84 6.18 13.02
CA GLY A 1266 23.01 4.75 13.02
C GLY A 1266 24.42 4.31 13.27
N LEU A 1267 25.34 5.24 13.52
CA LEU A 1267 26.70 4.91 13.91
C LEU A 1267 26.84 4.85 15.42
N MET A 1268 25.96 5.50 16.18
CA MET A 1268 25.99 5.37 17.63
C MET A 1268 25.13 4.23 18.13
N LEU A 1269 24.27 3.66 17.27
CA LEU A 1269 23.77 2.31 17.52
C LEU A 1269 24.92 1.33 17.64
N LEU A 1270 25.86 1.40 16.71
CA LEU A 1270 27.06 0.59 16.72
C LEU A 1270 28.02 0.99 17.83
N GLY A 1271 27.81 2.11 18.49
CA GLY A 1271 28.60 2.48 19.65
C GLY A 1271 28.01 1.96 20.94
N ARG A 1272 26.67 1.87 20.99
CA ARG A 1272 26.00 1.27 22.14
C ARG A 1272 26.22 -0.24 22.18
N ILE A 1273 26.01 -0.90 21.04
CA ILE A 1273 26.18 -2.34 20.89
C ILE A 1273 27.63 -2.75 21.14
N LYS A 1274 28.58 -1.89 20.81
CA LYS A 1274 29.99 -2.17 21.10
C LYS A 1274 30.25 -2.19 22.60
N ASN A 1275 29.46 -1.45 23.39
CA ASN A 1275 29.61 -1.38 24.84
C ASN A 1275 28.39 -1.93 25.56
N ASN A 1276 27.55 -2.70 24.87
CA ASN A 1276 26.36 -3.26 25.49
C ASN A 1276 26.75 -4.37 26.46
N GLN A 1277 25.89 -4.59 27.46
CA GLN A 1277 26.17 -5.48 28.58
C GLN A 1277 24.86 -6.12 29.01
N GLU A 1278 24.82 -6.61 30.26
CA GLU A 1278 23.69 -7.30 30.86
C GLU A 1278 22.42 -6.46 30.99
N GLY A 1279 22.44 -5.17 30.65
CA GLY A 1279 21.22 -4.42 30.46
C GLY A 1279 20.62 -4.71 29.10
N LYS A 1280 19.98 -5.88 28.95
CA LYS A 1280 19.50 -6.40 27.68
C LYS A 1280 18.33 -5.60 27.10
N LYS A 1281 17.81 -4.61 27.81
CA LYS A 1281 16.78 -3.76 27.22
C LYS A 1281 17.40 -2.88 26.14
N LEU A 1282 17.34 -3.37 24.91
CA LEU A 1282 18.13 -2.82 23.81
C LEU A 1282 17.56 -1.48 23.37
N ASN A 1283 18.27 -0.40 23.69
CA ASN A 1283 17.76 0.95 23.49
C ASN A 1283 18.12 1.37 22.07
N LEU A 1284 17.33 0.91 21.11
CA LEU A 1284 17.51 1.29 19.73
C LEU A 1284 16.79 2.59 19.39
N VAL A 1285 15.75 2.95 20.13
CA VAL A 1285 15.12 4.25 19.94
C VAL A 1285 16.04 5.34 20.47
N ILE A 1286 16.26 6.37 19.67
CA ILE A 1286 17.10 7.50 20.05
C ILE A 1286 16.23 8.74 20.08
N LYS A 1287 16.54 9.64 21.00
CA LYS A 1287 15.89 10.94 21.06
C LYS A 1287 16.94 11.98 20.75
N ASN A 1288 16.57 12.95 19.90
CA ASN A 1288 17.49 13.96 19.40
C ASN A 1288 17.74 15.04 20.47
N GLU A 1289 18.39 14.61 21.54
CA GLU A 1289 18.91 15.47 22.59
C GLU A 1289 20.34 15.02 22.85
N GLU A 1290 20.60 13.75 22.57
CA GLU A 1290 21.93 13.17 22.56
C GLU A 1290 22.42 12.96 21.13
N TYR A 1291 21.50 12.82 20.18
CA TYR A 1291 21.86 12.81 18.77
C TYR A 1291 22.50 14.13 18.35
N PHE A 1292 21.86 15.26 18.70
CA PHE A 1292 22.48 16.56 18.46
C PHE A 1292 23.73 16.75 19.29
N GLU A 1293 23.86 16.05 20.41
CA GLU A 1293 25.09 16.11 21.19
C GLU A 1293 26.21 15.33 20.51
N PHE A 1294 25.89 14.19 19.92
CA PHE A 1294 26.91 13.32 19.35
C PHE A 1294 27.46 13.84 18.03
N VAL A 1295 26.61 14.49 17.23
CA VAL A 1295 27.03 15.03 15.94
C VAL A 1295 28.00 16.19 16.14
N GLN A 1296 27.69 17.08 17.07
CA GLN A 1296 28.50 18.29 17.25
C GLN A 1296 29.83 17.98 17.90
N ASN A 1297 29.83 17.09 18.89
CA ASN A 1297 31.04 16.74 19.62
C ASN A 1297 31.72 15.52 19.02
N ARG A 1298 32.01 15.56 17.72
CA ARG A 1298 32.49 14.38 17.02
C ARG A 1298 34.01 14.30 17.04
N ASN A 1299 34.68 15.30 16.46
CA ASN A 1299 36.14 15.26 16.37
C ASN A 1299 36.78 15.67 17.69
N ASN A 1300 36.28 16.76 18.29
CA ASN A 1300 36.73 17.30 19.58
C ASN A 1300 38.23 17.57 19.68
#